data_7D06
#
_entry.id   7D06
#
_cell.length_a   1.00
_cell.length_b   1.00
_cell.length_c   1.00
_cell.angle_alpha   90.00
_cell.angle_beta   90.00
_cell.angle_gamma   90.00
#
_symmetry.space_group_name_H-M   'P 1'
#
loop_
_entity.id
_entity.type
_entity.pdbx_description
1 polymer 'Intermembrane phospholipid transport system permease protein MlaE'
2 polymer 'ABC transporter ATP-binding protein'
3 polymer 'Anti-sigma factor antagonist'
4 polymer 'MCE family protein'
5 non-polymer '(1R)-2-{[{[(2S)-2,3-DIHYDROXYPROPYL]OXY}(HYDROXY)PHOSPHORYL]OXY}-1-[(PALMITOYLOXY)METHYL]ETHYL (11E)-OCTADEC-11-ENOATE'
#
loop_
_entity_poly.entity_id
_entity_poly.type
_entity_poly.pdbx_seq_one_letter_code
_entity_poly.pdbx_strand_id
1 'polypeptide(L)'
;MNTIAWLGRLVIERIRGIGVAALMLLQIIFSLPSAGGFGRFVYQMHRVGVMSLLIITVSGLFIGLVLGLQGYSILVNVGS
ESMLGTMVSLTLLRELAPVVAALLFAGRAGSALTAEIGSMKQSEQLASMEMIGVDPLKQIVSPRLWAGIVSLPMLTVIFA
AIGIVGGKLVGVDFLGVDEGSFWSGMQNNVQFGHDVVNGIIKSIVFALLCTWIAVFQGYACDPTPEGIATAMTRTVVYSS
LCVLGFDFVLTAVMFGGI
;
A,D
2 'polypeptide(L)'
;MMNNKTPLSTQSLIEVKNLSFNRGERVIYDNISLNIRRGQITAIMGPSGTGKTTLLRLIGGQLVPDQGEVLLDGKDIAQM
SRQELFAARARMGMLFQSGALFTDMSVYENVAFPIRAHTKLSENLIAELVALKLESVGLRGTEQLMPTELSGGMNRRVAL
ARAIALDPDLIMYDEPFAGQDPIVKGVLTRLIRSLREALDLTTIIVSHDVPETLSIADYIYVVAEGKIQGEGTPEELQAY
ASPFVKQFLTGSAEGPVEYQFSHQAYLDNEVRP
;
B,E
3 'polypeptide(L)'
;VVQYLNQELVVSGKIDFENAEQQYQAGLAIIKKQTSFPLIVDLKQLEHGNTLALAVLVQWLRQTPQKSGLHFKNVPEKML
KIIQACHLQEDLHLVLEHHHHHH
;
C,F
4 'polypeptide(L)'
;MKSRTSELAVGIFVIIFGIALFFLAMKVSGLVGTNLSDGYTMKAQFDNVNGLKPRAKVTMSGVTIGRVDSITLDPVTRLA
TVTFDLDGKLTSFNAEQLKEVQKNALDELRYSSDYTQATPAQQKTMEQQLISNMNSITSIDEDAYIMVATNGLLGEKYLK
IVPGGGLNYLKRGDTISNTQGTMDLEDLISKFITGGGAGKVAAGSSSAEEKAPASTDSSAQPSFVE
;
G,H,I,J,K,L
#
# COMPACT_ATOMS: atom_id res chain seq x y z
N MET A 1 -15.39 -36.67 -4.19
CA MET A 1 -14.17 -35.88 -4.25
C MET A 1 -13.95 -35.33 -5.66
N ASN A 2 -14.88 -34.51 -6.13
CA ASN A 2 -14.78 -33.98 -7.48
C ASN A 2 -14.07 -32.63 -7.50
N THR A 3 -14.31 -31.81 -6.48
CA THR A 3 -13.63 -30.52 -6.40
C THR A 3 -12.31 -30.64 -5.65
N ILE A 4 -12.20 -31.66 -4.79
CA ILE A 4 -10.93 -31.92 -4.10
C ILE A 4 -9.87 -32.34 -5.10
N ALA A 5 -10.28 -33.08 -6.14
CA ALA A 5 -9.36 -33.41 -7.23
C ALA A 5 -9.06 -32.19 -8.07
N TRP A 6 -10.01 -31.27 -8.18
CA TRP A 6 -9.78 -30.03 -8.93
C TRP A 6 -8.86 -29.10 -8.18
N LEU A 7 -8.96 -29.09 -6.85
CA LEU A 7 -8.09 -28.26 -6.03
C LEU A 7 -6.66 -28.77 -6.04
N GLY A 8 -6.49 -30.09 -6.01
CA GLY A 8 -5.14 -30.64 -6.03
C GLY A 8 -4.49 -30.51 -7.40
N ARG A 9 -5.29 -30.50 -8.45
CA ARG A 9 -4.75 -30.31 -9.80
C ARG A 9 -4.37 -28.86 -10.02
N LEU A 10 -5.00 -27.95 -9.28
CA LEU A 10 -4.71 -26.54 -9.42
C LEU A 10 -3.35 -26.19 -8.85
N VAL A 11 -3.02 -26.73 -7.67
CA VAL A 11 -1.80 -26.32 -6.99
C VAL A 11 -0.60 -27.09 -7.53
N ILE A 12 -0.83 -28.11 -8.35
CA ILE A 12 0.28 -28.80 -8.99
C ILE A 12 0.74 -28.03 -10.22
N GLU A 13 -0.21 -27.47 -10.97
CA GLU A 13 0.14 -26.66 -12.13
C GLU A 13 0.76 -25.33 -11.71
N ARG A 14 0.48 -24.87 -10.49
CA ARG A 14 1.13 -23.66 -10.01
C ARG A 14 2.54 -23.95 -9.53
N ILE A 15 2.77 -25.13 -8.97
CA ILE A 15 4.12 -25.55 -8.60
C ILE A 15 4.98 -25.74 -9.84
N ARG A 16 4.39 -26.33 -10.88
CA ARG A 16 5.10 -26.50 -12.14
C ARG A 16 5.34 -25.18 -12.85
N GLY A 17 4.50 -24.17 -12.59
CA GLY A 17 4.73 -22.86 -13.18
C GLY A 17 5.91 -22.13 -12.58
N ILE A 18 6.25 -22.43 -11.33
CA ILE A 18 7.45 -21.82 -10.73
C ILE A 18 8.70 -22.45 -11.30
N GLY A 19 8.61 -23.72 -11.73
CA GLY A 19 9.76 -24.37 -12.33
C GLY A 19 10.09 -23.85 -13.72
N VAL A 20 9.07 -23.46 -14.48
CA VAL A 20 9.32 -22.89 -15.79
C VAL A 20 9.86 -21.48 -15.67
N ALA A 21 9.36 -20.73 -14.69
CA ALA A 21 9.82 -19.36 -14.49
C ALA A 21 11.19 -19.28 -13.88
N ALA A 22 11.62 -20.33 -13.17
CA ALA A 22 12.98 -20.35 -12.65
C ALA A 22 13.98 -20.64 -13.76
N LEU A 23 13.67 -21.59 -14.64
CA LEU A 23 14.56 -21.89 -15.75
C LEU A 23 14.55 -20.78 -16.80
N MET A 24 13.48 -19.99 -16.86
CA MET A 24 13.45 -18.87 -17.77
C MET A 24 14.34 -17.73 -17.29
N LEU A 25 14.48 -17.58 -15.96
CA LEU A 25 15.29 -16.50 -15.42
C LEU A 25 16.78 -16.83 -15.53
N LEU A 26 17.14 -18.10 -15.34
CA LEU A 26 18.54 -18.50 -15.44
C LEU A 26 19.03 -18.48 -16.87
N GLN A 27 18.13 -18.50 -17.85
CA GLN A 27 18.52 -18.41 -19.24
C GLN A 27 18.72 -16.97 -19.68
N ILE A 28 18.14 -16.02 -18.97
CA ILE A 28 18.30 -14.60 -19.30
C ILE A 28 19.56 -14.03 -18.69
N ILE A 29 19.76 -14.23 -17.37
CA ILE A 29 20.88 -13.59 -16.70
C ILE A 29 22.20 -14.29 -16.89
N PHE A 30 22.21 -15.54 -17.35
CA PHE A 30 23.45 -16.23 -17.66
C PHE A 30 23.53 -16.42 -19.16
N SER A 31 23.93 -15.36 -19.85
CA SER A 31 24.14 -15.39 -21.29
C SER A 31 25.01 -14.19 -21.65
N LEU A 32 25.62 -14.28 -22.76
CA LEU A 32 26.51 -13.20 -23.17
C LEU A 32 25.71 -12.03 -23.71
N PRO A 33 26.19 -10.79 -23.52
CA PRO A 33 25.54 -9.65 -24.16
C PRO A 33 25.72 -9.66 -25.66
N SER A 34 25.01 -8.82 -26.38
CA SER A 34 25.00 -8.91 -27.84
C SER A 34 25.06 -7.51 -28.42
N ALA A 35 24.78 -7.41 -29.72
CA ALA A 35 24.94 -6.18 -30.46
C ALA A 35 23.65 -5.36 -30.41
N GLY A 36 23.78 -4.09 -30.09
CA GLY A 36 22.64 -3.20 -30.05
C GLY A 36 21.73 -3.38 -28.86
N GLY A 37 22.19 -4.08 -27.83
CA GLY A 37 21.38 -4.35 -26.66
C GLY A 37 21.36 -3.27 -25.62
N PHE A 38 22.30 -2.34 -25.64
CA PHE A 38 22.24 -1.23 -24.70
C PHE A 38 21.19 -0.22 -25.13
N GLY A 39 21.03 0.01 -26.43
CA GLY A 39 20.04 0.96 -26.90
C GLY A 39 18.62 0.49 -26.72
N ARG A 40 18.40 -0.82 -26.70
CA ARG A 40 17.08 -1.35 -26.38
C ARG A 40 16.79 -1.23 -24.90
N PHE A 41 17.83 -1.21 -24.06
CA PHE A 41 17.64 -1.04 -22.63
C PHE A 41 17.29 0.40 -22.29
N VAL A 42 17.88 1.37 -22.97
CA VAL A 42 17.58 2.77 -22.71
C VAL A 42 16.19 3.11 -23.24
N TYR A 43 15.69 2.40 -24.24
CA TYR A 43 14.33 2.63 -24.67
C TYR A 43 13.33 2.09 -23.66
N GLN A 44 13.62 0.96 -23.03
CA GLN A 44 12.71 0.41 -22.04
C GLN A 44 12.85 1.07 -20.68
N MET A 45 13.88 1.87 -20.46
CA MET A 45 13.91 2.70 -19.26
C MET A 45 12.94 3.86 -19.39
N HIS A 46 12.58 4.21 -20.60
CA HIS A 46 11.58 5.25 -20.84
C HIS A 46 10.17 4.72 -20.62
N ARG A 47 9.92 3.47 -21.00
CA ARG A 47 8.57 2.92 -20.90
C ARG A 47 8.26 2.46 -19.48
N VAL A 48 9.25 1.91 -18.79
CA VAL A 48 9.03 1.42 -17.43
C VAL A 48 9.30 2.51 -16.40
N GLY A 49 10.42 3.21 -16.53
CA GLY A 49 10.82 4.16 -15.52
C GLY A 49 10.18 5.53 -15.63
N VAL A 50 10.27 6.16 -16.79
CA VAL A 50 9.83 7.54 -16.92
C VAL A 50 8.30 7.63 -16.93
N MET A 51 7.63 6.58 -17.42
CA MET A 51 6.17 6.59 -17.43
C MET A 51 5.60 6.45 -16.02
N SER A 52 6.34 5.83 -15.11
CA SER A 52 5.90 5.66 -13.73
C SER A 52 6.26 6.82 -12.85
N LEU A 53 6.83 7.89 -13.41
CA LEU A 53 7.34 8.98 -12.58
C LEU A 53 6.23 9.86 -12.03
N LEU A 54 5.05 9.86 -12.65
CA LEU A 54 4.00 10.77 -12.20
C LEU A 54 3.13 10.14 -11.13
N ILE A 55 2.91 8.82 -11.17
CA ILE A 55 2.17 8.19 -10.09
C ILE A 55 3.02 8.11 -8.84
N ILE A 56 4.34 7.97 -8.97
CA ILE A 56 5.22 7.80 -7.82
C ILE A 56 5.43 9.13 -7.10
N THR A 57 5.52 10.22 -7.85
CA THR A 57 5.78 11.52 -7.25
C THR A 57 4.57 12.04 -6.47
N VAL A 58 3.37 11.89 -7.03
CA VAL A 58 2.19 12.40 -6.37
C VAL A 58 1.79 11.50 -5.20
N SER A 59 2.02 10.19 -5.30
CA SER A 59 1.67 9.31 -4.20
C SER A 59 2.63 9.43 -3.04
N GLY A 60 3.89 9.81 -3.30
CA GLY A 60 4.82 10.02 -2.22
C GLY A 60 4.55 11.29 -1.46
N LEU A 61 4.03 12.30 -2.14
CA LEU A 61 3.69 13.55 -1.47
C LEU A 61 2.46 13.38 -0.58
N PHE A 62 1.47 12.62 -1.05
CA PHE A 62 0.25 12.42 -0.28
C PHE A 62 0.48 11.58 0.96
N ILE A 63 1.46 10.68 0.92
CA ILE A 63 1.72 9.81 2.07
C ILE A 63 2.54 10.55 3.12
N GLY A 64 3.48 11.39 2.68
CA GLY A 64 4.20 12.23 3.62
C GLY A 64 3.35 13.28 4.29
N LEU A 65 2.27 13.69 3.64
CA LEU A 65 1.34 14.63 4.27
C LEU A 65 0.56 13.98 5.41
N VAL A 66 0.20 12.71 5.25
CA VAL A 66 -0.52 12.01 6.31
C VAL A 66 0.41 11.65 7.46
N LEU A 67 1.67 11.37 7.18
CA LEU A 67 2.62 11.00 8.23
C LEU A 67 2.94 12.20 9.12
N GLY A 68 3.09 13.37 8.53
CA GLY A 68 3.37 14.55 9.33
C GLY A 68 2.16 15.04 10.10
N LEU A 69 0.96 14.70 9.64
CA LEU A 69 -0.25 15.11 10.33
C LEU A 69 -0.60 14.15 11.47
N GLN A 70 -0.38 12.86 11.26
CA GLN A 70 -0.66 11.88 12.30
C GLN A 70 0.45 11.84 13.33
N GLY A 71 1.69 12.02 12.90
CA GLY A 71 2.81 11.96 13.81
C GLY A 71 2.94 13.15 14.72
N TYR A 72 2.33 14.28 14.35
CA TYR A 72 2.30 15.41 15.26
C TYR A 72 1.33 15.18 16.40
N SER A 73 0.22 14.48 16.15
CA SER A 73 -0.78 14.27 17.18
C SER A 73 -0.30 13.30 18.25
N ILE A 74 0.55 12.36 17.90
CA ILE A 74 1.10 11.45 18.88
C ILE A 74 2.15 12.14 19.74
N LEU A 75 3.09 12.82 19.11
CA LEU A 75 4.27 13.33 19.79
C LEU A 75 4.00 14.56 20.63
N VAL A 76 2.93 15.30 20.35
CA VAL A 76 2.71 16.55 21.08
C VAL A 76 2.20 16.30 22.49
N ASN A 77 1.69 15.11 22.78
CA ASN A 77 1.19 14.79 24.12
C ASN A 77 2.25 14.27 25.05
N VAL A 78 3.42 13.89 24.55
CA VAL A 78 4.52 13.45 25.37
C VAL A 78 5.69 14.44 25.34
N GLY A 79 5.46 15.64 24.84
CA GLY A 79 6.48 16.66 24.85
C GLY A 79 7.67 16.41 23.94
N SER A 80 7.45 15.78 22.80
CA SER A 80 8.53 15.41 21.89
C SER A 80 8.17 15.76 20.46
N GLU A 81 7.69 16.99 20.25
CA GLU A 81 7.43 17.44 18.89
C GLU A 81 8.71 17.70 18.11
N SER A 82 9.86 17.75 18.75
CA SER A 82 11.12 17.89 18.05
C SER A 82 11.57 16.60 17.39
N MET A 83 10.98 15.46 17.76
CA MET A 83 11.27 14.20 17.11
C MET A 83 10.35 13.91 15.95
N LEU A 84 9.74 14.94 15.36
CA LEU A 84 8.84 14.71 14.25
C LEU A 84 9.60 14.34 12.99
N GLY A 85 10.73 14.99 12.73
CA GLY A 85 11.51 14.66 11.57
C GLY A 85 12.20 13.32 11.66
N THR A 86 12.44 12.84 12.88
CA THR A 86 13.03 11.52 13.04
C THR A 86 12.02 10.43 12.72
N MET A 87 10.79 10.58 13.19
CA MET A 87 9.81 9.52 12.97
C MET A 87 9.22 9.57 11.57
N VAL A 88 9.21 10.72 10.91
CA VAL A 88 8.73 10.79 9.54
C VAL A 88 9.74 10.16 8.61
N SER A 89 11.03 10.49 8.78
CA SER A 89 12.05 9.95 7.90
C SER A 89 12.33 8.49 8.17
N LEU A 90 12.22 8.03 9.40
CA LEU A 90 12.50 6.63 9.67
C LEU A 90 11.31 5.73 9.35
N THR A 91 10.09 6.26 9.27
CA THR A 91 8.98 5.44 8.83
C THR A 91 9.02 5.20 7.33
N LEU A 92 9.42 6.22 6.57
CA LEU A 92 9.53 6.08 5.13
C LEU A 92 10.72 5.22 4.75
N LEU A 93 11.88 5.49 5.34
CA LEU A 93 13.13 4.92 4.83
C LEU A 93 13.24 3.43 5.08
N ARG A 94 12.59 2.93 6.11
CA ARG A 94 12.71 1.52 6.42
C ARG A 94 11.43 0.73 6.23
N GLU A 95 10.26 1.36 6.20
CA GLU A 95 9.02 0.63 6.00
C GLU A 95 8.26 1.03 4.74
N LEU A 96 7.88 2.30 4.61
CA LEU A 96 6.79 2.64 3.70
C LEU A 96 7.27 2.90 2.28
N ALA A 97 8.43 3.49 2.12
CA ALA A 97 8.90 3.78 0.76
C ALA A 97 9.33 2.54 0.00
N PRO A 98 9.95 1.50 0.58
CA PRO A 98 10.13 0.27 -0.19
C PRO A 98 8.84 -0.46 -0.53
N VAL A 99 7.83 -0.42 0.34
CA VAL A 99 6.68 -1.29 0.19
C VAL A 99 5.59 -0.64 -0.66
N VAL A 100 5.25 0.62 -0.39
CA VAL A 100 4.17 1.26 -1.14
C VAL A 100 4.61 1.60 -2.55
N ALA A 101 5.89 1.91 -2.76
CA ALA A 101 6.35 2.15 -4.12
C ALA A 101 6.45 0.86 -4.92
N ALA A 102 6.50 -0.30 -4.27
CA ALA A 102 6.47 -1.56 -4.99
C ALA A 102 5.06 -2.04 -5.25
N LEU A 103 4.07 -1.51 -4.56
CA LEU A 103 2.68 -1.88 -4.85
C LEU A 103 2.11 -1.04 -5.98
N LEU A 104 2.65 0.15 -6.21
CA LEU A 104 2.25 0.95 -7.35
C LEU A 104 3.05 0.65 -8.59
N PHE A 105 4.23 0.06 -8.44
CA PHE A 105 5.01 -0.40 -9.58
C PHE A 105 4.44 -1.70 -10.13
N ALA A 106 3.92 -2.56 -9.28
CA ALA A 106 3.30 -3.80 -9.75
C ALA A 106 1.99 -3.54 -10.45
N GLY A 107 1.33 -2.43 -10.14
CA GLY A 107 0.06 -2.12 -10.75
C GLY A 107 0.20 -1.38 -12.07
N ARG A 108 1.12 -0.44 -12.13
CA ARG A 108 1.28 0.35 -13.36
C ARG A 108 2.32 -0.27 -14.29
N ALA A 109 3.56 -0.37 -13.83
CA ALA A 109 4.62 -0.80 -14.73
C ALA A 109 4.75 -2.31 -14.79
N GLY A 110 4.12 -3.03 -13.87
CA GLY A 110 4.16 -4.47 -13.92
C GLY A 110 3.07 -5.03 -14.79
N SER A 111 1.86 -4.49 -14.67
CA SER A 111 0.74 -4.95 -15.48
C SER A 111 0.80 -4.45 -16.91
N ALA A 112 1.60 -3.43 -17.20
CA ALA A 112 1.79 -3.00 -18.57
C ALA A 112 2.90 -3.78 -19.27
N LEU A 113 3.77 -4.44 -18.52
CA LEU A 113 4.78 -5.30 -19.14
C LEU A 113 4.19 -6.63 -19.58
N THR A 114 3.21 -7.14 -18.84
CA THR A 114 2.58 -8.39 -19.19
C THR A 114 1.45 -8.24 -20.20
N ALA A 115 1.11 -7.01 -20.56
CA ALA A 115 0.18 -6.77 -21.65
C ALA A 115 0.90 -6.53 -22.96
N GLU A 116 2.10 -5.98 -22.90
CA GLU A 116 2.88 -5.75 -24.10
C GLU A 116 3.51 -7.03 -24.61
N ILE A 117 4.06 -7.85 -23.72
CA ILE A 117 4.62 -9.13 -24.15
C ILE A 117 3.51 -10.10 -24.53
N GLY A 118 2.35 -9.99 -23.89
CA GLY A 118 1.27 -10.91 -24.19
C GLY A 118 0.57 -10.66 -25.51
N SER A 119 0.54 -9.40 -25.95
CA SER A 119 -0.04 -9.10 -27.25
C SER A 119 0.93 -9.33 -28.38
N MET A 120 2.23 -9.40 -28.09
CA MET A 120 3.18 -9.88 -29.08
C MET A 120 3.02 -11.37 -29.31
N LYS A 121 2.59 -12.10 -28.29
CA LYS A 121 2.40 -13.53 -28.43
C LYS A 121 1.12 -13.85 -29.17
N GLN A 122 0.08 -13.04 -28.99
CA GLN A 122 -1.20 -13.28 -29.65
C GLN A 122 -1.11 -12.97 -31.14
N SER A 123 -0.50 -11.85 -31.49
CA SER A 123 -0.37 -11.45 -32.88
C SER A 123 0.81 -12.11 -33.56
N GLU A 124 1.44 -13.07 -32.90
CA GLU A 124 2.44 -13.99 -33.46
C GLU A 124 3.70 -13.29 -33.93
N GLN A 125 4.06 -12.20 -33.25
CA GLN A 125 5.36 -11.60 -33.47
C GLN A 125 6.46 -12.36 -32.77
N LEU A 126 6.15 -13.10 -31.72
CA LEU A 126 7.17 -13.91 -31.07
C LEU A 126 7.46 -15.18 -31.85
N ALA A 127 6.46 -15.74 -32.53
CA ALA A 127 6.71 -16.91 -33.36
C ALA A 127 7.33 -16.53 -34.68
N SER A 128 7.08 -15.31 -35.16
CA SER A 128 7.69 -14.87 -36.40
C SER A 128 9.14 -14.48 -36.20
N MET A 129 9.47 -13.98 -35.01
CA MET A 129 10.86 -13.63 -34.71
C MET A 129 11.70 -14.88 -34.51
N GLU A 130 11.10 -15.94 -33.99
CA GLU A 130 11.84 -17.16 -33.73
C GLU A 130 12.17 -17.91 -35.02
N MET A 131 11.23 -17.95 -35.96
CA MET A 131 11.46 -18.62 -37.22
C MET A 131 12.40 -17.86 -38.14
N ILE A 132 12.65 -16.58 -37.86
CA ILE A 132 13.68 -15.86 -38.60
C ILE A 132 15.06 -16.30 -38.13
N GLY A 133 15.19 -16.56 -36.83
CA GLY A 133 16.45 -17.04 -36.29
C GLY A 133 16.97 -16.16 -35.18
N VAL A 134 16.06 -15.41 -34.55
CA VAL A 134 16.40 -14.55 -33.42
C VAL A 134 15.65 -15.05 -32.21
N ASP A 135 16.36 -15.25 -31.11
CA ASP A 135 15.73 -15.67 -29.87
C ASP A 135 14.93 -14.53 -29.29
N PRO A 136 13.61 -14.68 -29.09
CA PRO A 136 12.84 -13.58 -28.49
C PRO A 136 13.08 -13.40 -27.00
N LEU A 137 13.72 -14.37 -26.33
CA LEU A 137 14.08 -14.16 -24.94
C LEU A 137 15.20 -13.15 -24.79
N LYS A 138 16.04 -13.00 -25.82
CA LYS A 138 17.12 -12.04 -25.77
C LYS A 138 16.74 -10.70 -26.38
N GLN A 139 15.92 -10.73 -27.42
CA GLN A 139 15.59 -9.50 -28.14
C GLN A 139 14.49 -8.72 -27.45
N ILE A 140 13.51 -9.41 -26.90
CA ILE A 140 12.30 -8.79 -26.38
C ILE A 140 12.26 -8.83 -24.86
N VAL A 141 12.51 -9.99 -24.28
CA VAL A 141 12.29 -10.20 -22.86
C VAL A 141 13.41 -9.59 -22.02
N SER A 142 14.65 -9.77 -22.44
CA SER A 142 15.82 -9.35 -21.67
C SER A 142 16.03 -7.85 -21.52
N PRO A 143 15.72 -6.97 -22.49
CA PRO A 143 15.74 -5.54 -22.16
C PRO A 143 14.66 -5.12 -21.18
N ARG A 144 13.53 -5.81 -21.16
CA ARG A 144 12.44 -5.41 -20.29
C ARG A 144 12.67 -5.86 -18.86
N LEU A 145 13.43 -6.92 -18.65
CA LEU A 145 13.72 -7.36 -17.30
C LEU A 145 14.71 -6.43 -16.63
N TRP A 146 15.79 -6.07 -17.32
CA TRP A 146 16.80 -5.22 -16.73
C TRP A 146 16.34 -3.79 -16.53
N ALA A 147 15.35 -3.34 -17.30
CA ALA A 147 14.86 -1.98 -17.12
C ALA A 147 13.96 -1.85 -15.92
N GLY A 148 13.48 -2.94 -15.36
CA GLY A 148 12.66 -2.89 -14.18
C GLY A 148 13.46 -3.06 -12.91
N ILE A 149 14.57 -3.79 -13.00
CA ILE A 149 15.46 -3.95 -11.86
C ILE A 149 16.18 -2.64 -11.57
N VAL A 150 16.42 -1.82 -12.60
CA VAL A 150 17.08 -0.55 -12.37
C VAL A 150 16.08 0.53 -11.97
N SER A 151 14.86 0.50 -12.51
CA SER A 151 13.98 1.64 -12.33
C SER A 151 13.25 1.65 -11.00
N LEU A 152 13.05 0.51 -10.36
CA LEU A 152 12.31 0.60 -9.10
C LEU A 152 13.17 1.10 -7.93
N PRO A 153 14.43 0.70 -7.73
CA PRO A 153 15.24 1.38 -6.71
C PRO A 153 15.54 2.82 -7.02
N MET A 154 15.46 3.26 -8.26
CA MET A 154 15.58 4.68 -8.55
C MET A 154 14.30 5.42 -8.23
N LEU A 155 13.18 4.73 -8.08
CA LEU A 155 11.91 5.37 -7.85
C LEU A 155 11.47 5.35 -6.40
N THR A 156 12.06 4.50 -5.55
CA THR A 156 11.79 4.61 -4.12
C THR A 156 12.65 5.66 -3.46
N VAL A 157 13.78 6.04 -4.06
CA VAL A 157 14.56 7.15 -3.53
C VAL A 157 13.84 8.47 -3.81
N ILE A 158 13.19 8.58 -4.96
CA ILE A 158 12.37 9.76 -5.22
C ILE A 158 11.09 9.70 -4.40
N PHE A 159 10.61 8.51 -4.05
CA PHE A 159 9.44 8.39 -3.20
C PHE A 159 9.74 8.86 -1.79
N ALA A 160 10.89 8.47 -1.23
CA ALA A 160 11.25 8.86 0.12
C ALA A 160 11.65 10.31 0.21
N ALA A 161 12.17 10.90 -0.86
CA ALA A 161 12.60 12.28 -0.81
C ALA A 161 11.42 13.25 -0.78
N ILE A 162 10.37 12.98 -1.56
CA ILE A 162 9.21 13.86 -1.52
C ILE A 162 8.32 13.57 -0.33
N GLY A 163 8.42 12.37 0.26
CA GLY A 163 7.68 12.10 1.47
C GLY A 163 8.21 12.88 2.65
N ILE A 164 9.51 13.12 2.70
CA ILE A 164 10.10 13.93 3.76
C ILE A 164 9.85 15.41 3.50
N VAL A 165 9.86 15.82 2.24
CA VAL A 165 9.53 17.19 1.88
C VAL A 165 8.06 17.47 2.14
N GLY A 166 7.20 16.50 1.87
CA GLY A 166 5.79 16.67 2.18
C GLY A 166 5.49 16.65 3.66
N GLY A 167 6.26 15.89 4.43
CA GLY A 167 6.07 15.89 5.87
C GLY A 167 6.65 17.09 6.57
N LYS A 168 7.69 17.68 5.98
CA LYS A 168 8.20 18.95 6.49
C LYS A 168 7.25 20.09 6.20
N LEU A 169 6.48 19.99 5.12
CA LEU A 169 5.60 21.07 4.73
C LEU A 169 4.38 21.16 5.63
N VAL A 170 3.85 20.05 6.10
CA VAL A 170 2.72 20.11 7.02
C VAL A 170 3.20 20.31 8.46
N GLY A 171 4.33 19.74 8.84
CA GLY A 171 4.82 19.87 10.19
C GLY A 171 5.38 21.24 10.50
N VAL A 172 6.37 21.69 9.72
CA VAL A 172 7.03 22.95 10.02
C VAL A 172 6.19 24.13 9.55
N ASP A 173 5.69 24.08 8.32
CA ASP A 173 5.10 25.26 7.71
C ASP A 173 3.62 25.44 8.01
N PHE A 174 2.95 24.46 8.59
CA PHE A 174 1.54 24.62 8.95
C PHE A 174 1.27 24.41 10.42
N LEU A 175 1.85 23.38 11.03
CA LEU A 175 1.63 23.12 12.44
C LEU A 175 2.62 23.85 13.33
N GLY A 176 3.72 24.33 12.78
CA GLY A 176 4.58 25.25 13.49
C GLY A 176 5.54 24.63 14.47
N VAL A 177 6.34 23.66 14.02
CA VAL A 177 7.46 23.19 14.79
C VAL A 177 8.70 23.91 14.29
N ASP A 178 9.78 23.84 15.05
CA ASP A 178 10.98 24.59 14.73
C ASP A 178 11.70 23.93 13.56
N GLU A 179 12.14 24.75 12.60
CA GLU A 179 12.76 24.21 11.40
C GLU A 179 14.14 23.65 11.69
N GLY A 180 14.90 24.32 12.56
CA GLY A 180 16.24 23.85 12.86
C GLY A 180 16.25 22.59 13.70
N SER A 181 15.22 22.36 14.50
CA SER A 181 15.09 21.12 15.23
C SER A 181 14.52 19.99 14.39
N PHE A 182 13.87 20.31 13.27
CA PHE A 182 13.41 19.27 12.36
C PHE A 182 14.57 18.57 11.70
N TRP A 183 15.54 19.34 11.20
CA TRP A 183 16.63 18.75 10.45
C TRP A 183 17.74 18.24 11.36
N SER A 184 17.93 18.85 12.52
CA SER A 184 19.00 18.41 13.42
C SER A 184 18.66 17.13 14.14
N GLY A 185 17.39 16.90 14.48
CA GLY A 185 17.01 15.62 15.03
C GLY A 185 17.04 14.52 13.99
N MET A 186 16.83 14.88 12.72
CA MET A 186 16.95 13.92 11.64
C MET A 186 18.40 13.57 11.34
N GLN A 187 19.32 14.53 11.37
CA GLN A 187 20.71 14.24 11.08
C GLN A 187 21.42 13.52 12.21
N ASN A 188 20.78 13.38 13.36
CA ASN A 188 21.39 12.77 14.53
C ASN A 188 21.06 11.29 14.64
N ASN A 189 19.82 10.91 14.36
CA ASN A 189 19.35 9.56 14.55
C ASN A 189 19.30 8.75 13.26
N VAL A 190 19.28 9.39 12.11
CA VAL A 190 19.25 8.66 10.85
C VAL A 190 20.68 8.47 10.35
N GLN A 191 21.06 7.21 10.19
CA GLN A 191 22.36 6.85 9.63
C GLN A 191 22.20 6.55 8.16
N PHE A 192 23.28 6.68 7.41
CA PHE A 192 23.23 6.39 5.99
C PHE A 192 23.35 4.90 5.69
N GLY A 193 24.24 4.19 6.37
CA GLY A 193 24.44 2.80 6.03
C GLY A 193 23.37 1.89 6.59
N HIS A 194 22.78 2.25 7.72
CA HIS A 194 21.82 1.39 8.39
C HIS A 194 20.38 1.71 8.02
N ASP A 195 20.09 2.93 7.59
CA ASP A 195 18.73 3.31 7.31
C ASP A 195 18.43 3.63 5.86
N VAL A 196 19.37 4.26 5.15
CA VAL A 196 19.16 4.62 3.76
C VAL A 196 19.56 3.50 2.82
N VAL A 197 20.72 2.88 3.07
CA VAL A 197 21.17 1.78 2.21
C VAL A 197 20.35 0.53 2.45
N ASN A 198 19.86 0.33 3.68
CA ASN A 198 18.99 -0.81 3.94
C ASN A 198 17.62 -0.66 3.30
N GLY A 199 17.20 0.55 2.94
CA GLY A 199 15.99 0.72 2.17
C GLY A 199 16.18 0.48 0.70
N ILE A 200 17.40 0.68 0.19
CA ILE A 200 17.70 0.40 -1.20
C ILE A 200 17.86 -1.09 -1.41
N ILE A 201 18.41 -1.81 -0.44
CA ILE A 201 18.56 -3.26 -0.54
C ILE A 201 17.21 -3.95 -0.56
N LYS A 202 16.22 -3.39 0.14
CA LYS A 202 14.86 -3.90 0.06
C LYS A 202 14.27 -3.75 -1.32
N SER A 203 14.40 -2.56 -1.91
CA SER A 203 13.77 -2.29 -3.20
C SER A 203 14.46 -2.95 -4.37
N ILE A 204 15.66 -3.49 -4.20
CA ILE A 204 16.28 -4.29 -5.26
C ILE A 204 15.72 -5.70 -5.23
N VAL A 205 15.44 -6.22 -4.03
CA VAL A 205 14.80 -7.53 -3.90
C VAL A 205 13.38 -7.48 -4.43
N PHE A 206 12.68 -6.37 -4.19
CA PHE A 206 11.31 -6.24 -4.67
C PHE A 206 11.25 -6.03 -6.16
N ALA A 207 12.25 -5.35 -6.73
CA ALA A 207 12.24 -5.09 -8.17
C ALA A 207 12.55 -6.35 -8.96
N LEU A 208 13.29 -7.28 -8.37
CA LEU A 208 13.52 -8.55 -9.04
C LEU A 208 12.27 -9.38 -9.04
N LEU A 209 11.52 -9.39 -7.93
CA LEU A 209 10.31 -10.22 -7.85
C LEU A 209 9.19 -9.62 -8.69
N CYS A 210 9.05 -8.30 -8.68
CA CYS A 210 7.92 -7.68 -9.37
C CYS A 210 8.08 -7.74 -10.89
N THR A 211 9.31 -7.85 -11.38
CA THR A 211 9.56 -7.84 -12.81
C THR A 211 9.68 -9.24 -13.36
N TRP A 212 10.21 -10.18 -12.58
CA TRP A 212 10.27 -11.57 -13.02
C TRP A 212 8.88 -12.19 -13.11
N ILE A 213 7.96 -11.76 -12.25
CA ILE A 213 6.59 -12.24 -12.36
C ILE A 213 5.90 -11.63 -13.56
N ALA A 214 6.08 -10.32 -13.76
CA ALA A 214 5.41 -9.60 -14.84
C ALA A 214 5.88 -10.05 -16.21
N VAL A 215 7.15 -10.41 -16.34
CA VAL A 215 7.71 -10.86 -17.60
C VAL A 215 7.33 -12.31 -17.90
N PHE A 216 7.24 -13.14 -16.88
CA PHE A 216 6.91 -14.54 -17.09
C PHE A 216 5.45 -14.71 -17.51
N GLN A 217 4.54 -13.93 -16.92
CA GLN A 217 3.12 -14.13 -17.19
C GLN A 217 2.74 -13.66 -18.59
N GLY A 218 3.50 -12.76 -19.19
CA GLY A 218 3.24 -12.39 -20.57
C GLY A 218 3.84 -13.37 -21.56
N TYR A 219 4.96 -13.98 -21.21
CA TYR A 219 5.60 -14.95 -22.09
C TYR A 219 4.86 -16.27 -22.07
N ALA A 220 4.53 -16.77 -20.89
CA ALA A 220 3.75 -18.01 -20.76
C ALA A 220 2.27 -17.71 -20.63
N CYS A 221 1.75 -16.91 -21.54
CA CYS A 221 0.38 -16.45 -21.52
C CYS A 221 -0.50 -17.45 -22.26
N ASP A 222 -1.75 -17.09 -22.46
CA ASP A 222 -2.68 -17.86 -23.30
C ASP A 222 -3.17 -16.94 -24.40
N PRO A 223 -2.68 -17.10 -25.64
CA PRO A 223 -2.87 -16.05 -26.67
C PRO A 223 -4.30 -15.97 -27.17
N THR A 224 -5.15 -15.32 -26.38
CA THR A 224 -6.59 -15.33 -26.47
C THR A 224 -6.97 -14.07 -25.71
N PRO A 225 -7.89 -13.24 -26.21
CA PRO A 225 -8.06 -11.89 -25.64
C PRO A 225 -8.52 -11.84 -24.19
N GLU A 226 -9.20 -12.85 -23.68
CA GLU A 226 -9.37 -12.92 -22.23
C GLU A 226 -8.46 -13.94 -21.57
N GLY A 227 -7.36 -14.30 -22.22
CA GLY A 227 -6.31 -15.06 -21.58
C GLY A 227 -5.16 -14.14 -21.26
N ILE A 228 -5.12 -13.02 -21.97
CA ILE A 228 -4.18 -11.95 -21.65
C ILE A 228 -4.66 -11.19 -20.42
N ALA A 229 -5.97 -10.91 -20.35
CA ALA A 229 -6.50 -10.16 -19.23
C ALA A 229 -6.52 -10.96 -17.95
N THR A 230 -6.57 -12.27 -18.05
CA THR A 230 -6.41 -13.11 -16.86
C THR A 230 -4.98 -13.07 -16.36
N ALA A 231 -4.03 -12.89 -17.27
CA ALA A 231 -2.63 -12.83 -16.88
C ALA A 231 -2.25 -11.51 -16.26
N MET A 232 -2.93 -10.42 -16.65
CA MET A 232 -2.58 -9.11 -16.11
C MET A 232 -3.00 -8.98 -14.66
N THR A 233 -4.08 -9.65 -14.26
CA THR A 233 -4.46 -9.62 -12.86
C THR A 233 -3.74 -10.67 -12.04
N ARG A 234 -2.95 -11.53 -12.67
CA ARG A 234 -2.12 -12.44 -11.92
C ARG A 234 -0.80 -11.81 -11.53
N THR A 235 -0.32 -10.82 -12.29
CA THR A 235 0.90 -10.16 -11.91
C THR A 235 0.66 -9.12 -10.83
N VAL A 236 -0.57 -8.67 -10.64
CA VAL A 236 -0.81 -7.74 -9.54
C VAL A 236 -1.04 -8.50 -8.25
N VAL A 237 -1.64 -9.68 -8.32
CA VAL A 237 -1.87 -10.46 -7.11
C VAL A 237 -0.60 -11.14 -6.64
N TYR A 238 0.17 -11.73 -7.55
CA TYR A 238 1.35 -12.47 -7.13
C TYR A 238 2.47 -11.56 -6.69
N SER A 239 2.54 -10.35 -7.24
CA SER A 239 3.58 -9.43 -6.83
C SER A 239 3.27 -8.80 -5.48
N SER A 240 1.99 -8.57 -5.19
CA SER A 240 1.64 -7.97 -3.91
C SER A 240 1.80 -8.93 -2.76
N LEU A 241 1.57 -10.22 -2.99
CA LEU A 241 1.82 -11.21 -1.94
C LEU A 241 3.29 -11.45 -1.73
N CYS A 242 4.10 -11.29 -2.76
CA CYS A 242 5.54 -11.48 -2.62
C CYS A 242 6.22 -10.27 -2.01
N VAL A 243 5.67 -9.08 -2.23
CA VAL A 243 6.23 -7.87 -1.64
C VAL A 243 5.96 -7.85 -0.14
N LEU A 244 4.72 -8.13 0.26
CA LEU A 244 4.39 -8.14 1.68
C LEU A 244 4.95 -9.36 2.39
N GLY A 245 5.22 -10.43 1.68
CA GLY A 245 5.76 -11.62 2.31
C GLY A 245 7.25 -11.51 2.58
N PHE A 246 7.99 -10.99 1.61
CA PHE A 246 9.42 -10.76 1.78
C PHE A 246 9.74 -9.54 2.62
N ASP A 247 8.74 -8.70 2.91
CA ASP A 247 9.00 -7.54 3.74
C ASP A 247 9.15 -7.93 5.21
N PHE A 248 8.39 -8.93 5.66
CA PHE A 248 8.56 -9.39 7.04
C PHE A 248 9.90 -10.07 7.24
N VAL A 249 10.38 -10.78 6.22
CA VAL A 249 11.65 -11.50 6.34
C VAL A 249 12.81 -10.51 6.35
N LEU A 250 12.70 -9.42 5.62
CA LEU A 250 13.81 -8.48 5.53
C LEU A 250 13.88 -7.55 6.73
N THR A 251 12.77 -7.26 7.41
CA THR A 251 12.85 -6.42 8.60
C THR A 251 13.30 -7.22 9.81
N ALA A 252 12.99 -8.50 9.85
CA ALA A 252 13.46 -9.35 10.92
C ALA A 252 14.96 -9.57 10.88
N VAL A 253 15.58 -9.38 9.73
CA VAL A 253 17.03 -9.48 9.61
C VAL A 253 17.69 -8.12 9.81
N MET A 254 17.18 -7.09 9.14
CA MET A 254 17.82 -5.78 9.19
C MET A 254 17.54 -5.05 10.49
N PHE A 255 16.30 -5.07 10.98
CA PHE A 255 15.93 -4.30 12.15
C PHE A 255 15.31 -5.16 13.23
N GLY A 256 15.94 -6.29 13.55
CA GLY A 256 15.41 -7.18 14.56
C GLY A 256 16.48 -7.74 15.47
N THR B 10 9.64 -35.64 -59.69
CA THR B 10 9.00 -35.61 -58.39
C THR B 10 10.03 -35.51 -57.27
N GLN B 11 11.01 -34.63 -57.43
CA GLN B 11 12.01 -34.41 -56.41
C GLN B 11 11.43 -33.53 -55.32
N SER B 12 11.43 -34.03 -54.08
CA SER B 12 10.74 -33.39 -52.98
C SER B 12 11.72 -32.62 -52.11
N LEU B 13 11.36 -31.38 -51.78
CA LEU B 13 12.19 -30.57 -50.89
C LEU B 13 11.92 -30.91 -49.43
N ILE B 14 10.71 -30.69 -48.97
CA ILE B 14 10.26 -31.13 -47.65
C ILE B 14 9.54 -32.45 -47.86
N GLU B 15 9.81 -33.43 -46.99
CA GLU B 15 9.18 -34.73 -47.09
C GLU B 15 8.86 -35.22 -45.69
N VAL B 16 7.57 -35.36 -45.39
CA VAL B 16 7.09 -35.69 -44.05
C VAL B 16 6.79 -37.19 -44.00
N LYS B 17 7.14 -37.83 -42.89
CA LYS B 17 7.01 -39.27 -42.75
C LYS B 17 6.54 -39.60 -41.34
N ASN B 18 5.24 -39.93 -41.23
CA ASN B 18 4.65 -40.62 -40.08
C ASN B 18 4.81 -39.84 -38.77
N LEU B 19 4.18 -38.67 -38.70
CA LEU B 19 4.28 -37.87 -37.50
C LEU B 19 2.94 -37.85 -36.77
N SER B 20 3.00 -37.42 -35.51
CA SER B 20 1.83 -37.35 -34.67
C SER B 20 1.97 -36.17 -33.72
N PHE B 21 0.90 -35.38 -33.62
CA PHE B 21 0.91 -34.22 -32.74
C PHE B 21 -0.37 -34.23 -31.91
N ASN B 22 -0.31 -33.61 -30.75
CA ASN B 22 -1.46 -33.53 -29.86
C ASN B 22 -1.39 -32.22 -29.09
N ARG B 23 -2.56 -31.63 -28.85
CA ARG B 23 -2.67 -30.36 -28.16
C ARG B 23 -3.89 -30.45 -27.24
N GLY B 24 -3.64 -30.82 -25.99
CA GLY B 24 -4.72 -30.97 -25.02
C GLY B 24 -5.63 -32.12 -25.35
N GLU B 25 -5.05 -33.31 -25.56
CA GLU B 25 -5.73 -34.53 -26.05
C GLU B 25 -6.65 -34.24 -27.24
N ARG B 26 -6.20 -33.39 -28.17
CA ARG B 26 -6.86 -33.19 -29.45
C ARG B 26 -5.93 -33.69 -30.54
N VAL B 27 -6.43 -34.62 -31.34
CA VAL B 27 -5.61 -35.27 -32.35
C VAL B 27 -5.41 -34.32 -33.52
N ILE B 28 -4.15 -34.06 -33.86
CA ILE B 28 -3.77 -33.32 -35.05
C ILE B 28 -2.71 -34.16 -35.74
N TYR B 29 -2.94 -34.50 -37.02
CA TYR B 29 -2.01 -35.29 -37.83
C TYR B 29 -1.72 -36.65 -37.17
N ASP B 30 -2.72 -37.55 -37.21
CA ASP B 30 -2.57 -38.87 -36.62
C ASP B 30 -1.41 -39.65 -37.24
N ASN B 31 -1.50 -39.99 -38.52
CA ASN B 31 -0.43 -40.70 -39.21
C ASN B 31 -0.57 -40.29 -40.68
N ILE B 32 0.36 -39.46 -41.14
CA ILE B 32 0.21 -38.75 -42.40
C ILE B 32 1.59 -38.54 -43.00
N SER B 33 1.69 -38.70 -44.32
CA SER B 33 2.93 -38.51 -45.05
C SER B 33 2.71 -37.58 -46.23
N LEU B 34 3.50 -36.52 -46.32
CA LEU B 34 3.35 -35.49 -47.34
C LEU B 34 4.65 -35.28 -48.10
N ASN B 35 4.53 -35.01 -49.39
CA ASN B 35 5.67 -34.71 -50.23
C ASN B 35 5.51 -33.31 -50.80
N ILE B 36 6.47 -32.43 -50.52
CA ILE B 36 6.46 -31.08 -51.03
C ILE B 36 7.48 -31.02 -52.15
N ARG B 37 7.01 -31.12 -53.40
CA ARG B 37 7.92 -31.09 -54.54
C ARG B 37 8.42 -29.67 -54.80
N ARG B 38 9.59 -29.60 -55.42
CA ARG B 38 10.22 -28.30 -55.67
C ARG B 38 9.59 -27.59 -56.85
N GLY B 39 9.56 -26.26 -56.77
CA GLY B 39 9.06 -25.46 -57.86
C GLY B 39 7.57 -25.58 -58.11
N GLN B 40 6.79 -25.96 -57.11
CA GLN B 40 5.37 -26.19 -57.30
C GLN B 40 4.59 -25.69 -56.09
N ILE B 41 3.40 -25.19 -56.35
CA ILE B 41 2.49 -24.77 -55.28
C ILE B 41 1.82 -26.01 -54.71
N THR B 42 1.95 -26.20 -53.41
CA THR B 42 1.32 -27.32 -52.72
C THR B 42 0.36 -26.77 -51.69
N ALA B 43 -0.91 -27.14 -51.80
CA ALA B 43 -1.93 -26.65 -50.91
C ALA B 43 -2.39 -27.75 -49.96
N ILE B 44 -2.72 -27.35 -48.74
CA ILE B 44 -3.23 -28.27 -47.72
C ILE B 44 -4.55 -27.69 -47.24
N MET B 45 -5.65 -28.16 -47.84
CA MET B 45 -6.97 -27.71 -47.47
C MET B 45 -7.56 -28.61 -46.41
N GLY B 46 -8.57 -28.10 -45.71
CA GLY B 46 -9.19 -28.84 -44.65
C GLY B 46 -10.21 -28.00 -43.92
N PRO B 47 -10.99 -28.62 -43.05
CA PRO B 47 -11.97 -27.87 -42.27
C PRO B 47 -11.31 -27.08 -41.15
N SER B 48 -11.91 -25.94 -40.83
CA SER B 48 -11.33 -25.06 -39.82
C SER B 48 -11.63 -25.58 -38.42
N GLY B 49 -11.04 -24.91 -37.43
CA GLY B 49 -11.08 -25.36 -36.07
C GLY B 49 -10.00 -26.36 -35.72
N THR B 50 -9.34 -26.94 -36.71
CA THR B 50 -8.26 -27.87 -36.50
C THR B 50 -6.95 -27.11 -36.38
N GLY B 51 -5.84 -27.83 -36.39
CA GLY B 51 -4.52 -27.25 -36.25
C GLY B 51 -3.79 -27.15 -37.55
N LYS B 52 -4.47 -26.65 -38.59
CA LYS B 52 -3.94 -26.64 -39.94
C LYS B 52 -2.62 -25.89 -40.05
N THR B 53 -2.47 -24.81 -39.30
CA THR B 53 -1.24 -24.04 -39.36
C THR B 53 -0.12 -24.63 -38.53
N THR B 54 -0.33 -25.75 -37.84
CA THR B 54 0.74 -26.30 -37.01
C THR B 54 1.77 -27.07 -37.81
N LEU B 55 1.53 -27.35 -39.09
CA LEU B 55 2.56 -27.97 -39.89
C LEU B 55 3.67 -26.97 -40.20
N LEU B 56 3.30 -25.73 -40.50
CA LEU B 56 4.29 -24.69 -40.78
C LEU B 56 5.09 -24.32 -39.55
N ARG B 57 4.56 -24.55 -38.35
CA ARG B 57 5.35 -24.39 -37.15
C ARG B 57 6.32 -25.54 -36.95
N LEU B 58 6.06 -26.69 -37.56
CA LEU B 58 6.98 -27.82 -37.48
C LEU B 58 8.04 -27.80 -38.56
N ILE B 59 7.73 -27.23 -39.72
CA ILE B 59 8.71 -27.14 -40.79
C ILE B 59 9.79 -26.13 -40.44
N GLY B 60 9.39 -24.92 -40.05
CA GLY B 60 10.37 -23.92 -39.65
C GLY B 60 11.05 -24.27 -38.34
N GLY B 61 10.33 -24.94 -37.46
CA GLY B 61 10.87 -25.49 -36.24
C GLY B 61 10.56 -24.55 -35.11
N GLN B 62 9.41 -24.75 -34.51
CA GLN B 62 9.03 -24.10 -33.26
C GLN B 62 8.38 -25.05 -32.28
N LEU B 63 7.70 -26.07 -32.78
CA LEU B 63 7.16 -27.17 -32.01
C LEU B 63 7.91 -28.44 -32.39
N VAL B 64 7.82 -29.44 -31.54
CA VAL B 64 8.49 -30.73 -31.75
C VAL B 64 7.44 -31.79 -31.93
N PRO B 65 7.52 -32.63 -32.96
CA PRO B 65 6.57 -33.74 -33.10
C PRO B 65 6.78 -34.81 -32.03
N ASP B 66 5.82 -35.71 -31.94
CA ASP B 66 5.82 -36.69 -30.87
C ASP B 66 6.24 -38.09 -31.30
N GLN B 67 5.91 -38.51 -32.53
CA GLN B 67 6.50 -39.74 -33.06
C GLN B 67 6.93 -39.56 -34.51
N GLY B 68 7.43 -38.39 -34.88
CA GLY B 68 7.70 -38.20 -36.28
C GLY B 68 9.00 -37.51 -36.61
N GLU B 69 9.35 -37.56 -37.89
CA GLU B 69 10.52 -36.87 -38.40
C GLU B 69 10.15 -36.14 -39.68
N VAL B 70 10.50 -34.86 -39.74
CA VAL B 70 10.29 -33.99 -40.89
C VAL B 70 11.64 -33.82 -41.57
N LEU B 71 11.72 -34.16 -42.84
CA LEU B 71 13.01 -34.19 -43.54
C LEU B 71 13.12 -32.98 -44.46
N LEU B 72 14.11 -32.14 -44.20
CA LEU B 72 14.47 -31.04 -45.09
C LEU B 72 15.71 -31.50 -45.86
N ASP B 73 15.49 -31.95 -47.10
CA ASP B 73 16.54 -32.45 -48.00
C ASP B 73 17.34 -33.59 -47.37
N GLY B 74 16.63 -34.53 -46.73
CA GLY B 74 17.24 -35.65 -46.07
C GLY B 74 17.58 -35.41 -44.61
N LYS B 75 17.86 -34.17 -44.23
CA LYS B 75 18.20 -33.85 -42.85
C LYS B 75 16.93 -33.67 -42.03
N ASP B 76 16.88 -34.33 -40.87
CA ASP B 76 15.77 -34.15 -39.96
C ASP B 76 15.93 -32.86 -39.17
N ILE B 77 14.80 -32.17 -38.97
CA ILE B 77 14.83 -30.87 -38.30
C ILE B 77 14.82 -31.00 -36.78
N ALA B 78 14.25 -32.08 -36.24
CA ALA B 78 14.27 -32.27 -34.80
C ALA B 78 15.65 -32.65 -34.31
N GLN B 79 16.33 -33.55 -35.01
CA GLN B 79 17.70 -33.93 -34.68
C GLN B 79 18.63 -33.03 -35.50
N MET B 80 18.83 -31.82 -34.99
CA MET B 80 19.54 -30.78 -35.72
C MET B 80 20.02 -29.73 -34.74
N SER B 81 21.32 -29.42 -34.78
CA SER B 81 21.94 -28.59 -33.76
C SER B 81 21.63 -27.11 -34.00
N ARG B 82 22.27 -26.25 -33.21
CA ARG B 82 21.90 -24.85 -33.21
C ARG B 82 22.48 -24.07 -34.38
N GLN B 83 23.54 -24.57 -35.00
CA GLN B 83 24.12 -23.92 -36.18
C GLN B 83 23.68 -24.53 -37.50
N GLU B 84 23.03 -25.69 -37.48
CA GLU B 84 22.34 -26.13 -38.69
C GLU B 84 20.92 -25.61 -38.76
N LEU B 85 20.26 -25.46 -37.61
CA LEU B 85 18.90 -24.91 -37.60
C LEU B 85 18.91 -23.42 -37.90
N PHE B 86 19.93 -22.69 -37.46
CA PHE B 86 20.04 -21.28 -37.81
C PHE B 86 20.35 -21.09 -39.28
N ALA B 87 21.04 -22.05 -39.89
CA ALA B 87 21.33 -21.96 -41.31
C ALA B 87 20.22 -22.52 -42.17
N ALA B 88 19.36 -23.36 -41.61
CA ALA B 88 18.19 -23.83 -42.33
C ALA B 88 17.11 -22.77 -42.42
N ARG B 89 16.97 -21.96 -41.38
CA ARG B 89 15.97 -20.90 -41.34
C ARG B 89 16.33 -19.72 -42.23
N ALA B 90 17.53 -19.68 -42.78
CA ALA B 90 17.86 -18.67 -43.76
C ALA B 90 17.38 -19.04 -45.15
N ARG B 91 16.82 -20.23 -45.31
CA ARG B 91 16.26 -20.68 -46.58
C ARG B 91 14.74 -20.71 -46.55
N MET B 92 14.11 -20.22 -45.49
CA MET B 92 12.67 -20.28 -45.35
C MET B 92 12.12 -18.90 -45.03
N GLY B 93 10.97 -18.59 -45.59
CA GLY B 93 10.22 -17.42 -45.21
C GLY B 93 8.80 -17.82 -44.89
N MET B 94 8.16 -17.05 -44.04
CA MET B 94 6.79 -17.35 -43.64
C MET B 94 6.00 -16.08 -43.48
N LEU B 95 4.87 -16.01 -44.16
CA LEU B 95 3.94 -14.89 -44.04
C LEU B 95 2.77 -15.36 -43.21
N PHE B 96 2.64 -14.82 -42.00
CA PHE B 96 1.53 -15.18 -41.14
C PHE B 96 0.24 -14.53 -41.63
N GLN B 97 -0.88 -14.91 -41.00
CA GLN B 97 -2.18 -14.52 -41.51
C GLN B 97 -2.44 -13.04 -41.29
N SER B 98 -2.15 -12.55 -40.09
CA SER B 98 -2.29 -11.12 -39.83
C SER B 98 -1.12 -10.30 -40.34
N GLY B 99 -0.08 -10.94 -40.87
CA GLY B 99 1.09 -10.21 -41.29
C GLY B 99 1.83 -9.68 -40.10
N ALA B 100 2.50 -10.55 -39.36
CA ALA B 100 2.98 -10.24 -38.02
C ALA B 100 4.15 -9.26 -38.08
N LEU B 101 3.80 -7.98 -38.23
CA LEU B 101 4.79 -6.93 -38.29
C LEU B 101 5.14 -6.46 -36.90
N PHE B 102 6.42 -6.23 -36.66
CA PHE B 102 6.88 -5.67 -35.39
C PHE B 102 6.41 -4.22 -35.31
N THR B 103 5.56 -3.94 -34.34
CA THR B 103 5.00 -2.62 -34.14
C THR B 103 6.05 -1.54 -34.34
N ASP B 104 6.71 -1.15 -33.25
CA ASP B 104 7.74 -0.13 -33.30
C ASP B 104 8.91 -0.54 -34.18
N MET B 105 8.97 -0.02 -35.40
CA MET B 105 10.08 -0.36 -36.27
C MET B 105 9.98 0.23 -37.68
N SER B 106 8.84 0.83 -37.99
CA SER B 106 8.68 1.41 -39.31
C SER B 106 8.82 0.35 -40.39
N VAL B 107 8.49 0.71 -41.61
CA VAL B 107 8.56 -0.21 -42.74
C VAL B 107 9.97 -0.55 -43.16
N TYR B 108 10.93 0.34 -42.91
CA TYR B 108 12.32 0.07 -43.31
C TYR B 108 13.00 -0.99 -42.45
N GLU B 109 12.87 -0.90 -41.13
CA GLU B 109 13.55 -1.89 -40.29
C GLU B 109 12.70 -3.13 -40.04
N ASN B 110 11.49 -3.20 -40.58
CA ASN B 110 10.81 -4.49 -40.67
C ASN B 110 11.41 -5.34 -41.77
N VAL B 111 11.58 -4.77 -42.96
CA VAL B 111 12.11 -5.53 -44.10
C VAL B 111 13.57 -5.86 -43.87
N ALA B 112 14.31 -4.96 -43.23
CA ALA B 112 15.73 -5.18 -43.00
C ALA B 112 16.02 -6.00 -41.76
N PHE B 113 15.01 -6.48 -41.05
CA PHE B 113 15.26 -7.31 -39.87
C PHE B 113 15.90 -8.67 -40.21
N PRO B 114 15.42 -9.47 -41.17
CA PRO B 114 16.12 -10.73 -41.43
C PRO B 114 17.42 -10.56 -42.18
N ILE B 115 17.65 -9.41 -42.80
CA ILE B 115 18.93 -9.16 -43.45
C ILE B 115 20.02 -8.99 -42.41
N ARG B 116 19.79 -8.12 -41.43
CA ARG B 116 20.76 -7.87 -40.36
C ARG B 116 20.97 -9.05 -39.43
N ALA B 117 20.13 -10.07 -39.50
CA ALA B 117 20.37 -11.26 -38.70
C ALA B 117 21.27 -12.27 -39.40
N HIS B 118 21.18 -12.39 -40.72
CA HIS B 118 22.09 -13.26 -41.47
C HIS B 118 22.81 -12.43 -42.52
N THR B 119 23.78 -11.60 -42.13
CA THR B 119 24.69 -10.80 -42.94
C THR B 119 25.64 -10.04 -42.03
N LYS B 120 26.72 -9.56 -42.62
CA LYS B 120 27.47 -8.39 -42.15
C LYS B 120 27.58 -7.51 -43.38
N LEU B 121 26.56 -6.71 -43.64
CA LEU B 121 26.51 -5.89 -44.84
C LEU B 121 26.61 -4.42 -44.48
N SER B 122 27.00 -3.63 -45.46
CA SER B 122 27.11 -2.19 -45.26
C SER B 122 25.72 -1.56 -45.32
N GLU B 123 25.66 -0.30 -44.90
CA GLU B 123 24.38 0.39 -44.81
C GLU B 123 23.86 0.80 -46.18
N ASN B 124 24.75 1.01 -47.14
CA ASN B 124 24.30 1.47 -48.45
C ASN B 124 23.80 0.35 -49.34
N LEU B 125 24.16 -0.90 -49.04
CA LEU B 125 23.62 -2.04 -49.75
C LEU B 125 22.36 -2.60 -49.11
N ILE B 126 22.21 -2.43 -47.80
CA ILE B 126 20.95 -2.79 -47.14
C ILE B 126 19.83 -1.89 -47.62
N ALA B 127 20.10 -0.59 -47.76
CA ALA B 127 19.10 0.35 -48.24
C ALA B 127 18.80 0.20 -49.72
N GLU B 128 19.57 -0.60 -50.45
CA GLU B 128 19.22 -0.93 -51.83
C GLU B 128 18.48 -2.25 -51.94
N LEU B 129 18.73 -3.18 -51.02
CA LEU B 129 17.92 -4.40 -50.98
C LEU B 129 16.50 -4.10 -50.53
N VAL B 130 16.35 -3.25 -49.51
CA VAL B 130 15.03 -2.91 -49.02
C VAL B 130 14.25 -2.12 -50.05
N ALA B 131 14.92 -1.28 -50.83
CA ALA B 131 14.21 -0.51 -51.85
C ALA B 131 13.82 -1.36 -53.04
N LEU B 132 14.52 -2.47 -53.27
CA LEU B 132 14.15 -3.37 -54.36
C LEU B 132 13.14 -4.41 -53.94
N LYS B 133 13.15 -4.81 -52.66
CA LYS B 133 12.14 -5.74 -52.18
C LYS B 133 10.79 -5.05 -52.04
N LEU B 134 10.78 -3.82 -51.53
CA LEU B 134 9.54 -3.09 -51.36
C LEU B 134 8.93 -2.69 -52.69
N GLU B 135 9.75 -2.50 -53.70
CA GLU B 135 9.22 -2.08 -54.98
C GLU B 135 8.78 -3.26 -55.82
N SER B 136 9.36 -4.44 -55.59
CA SER B 136 8.90 -5.64 -56.26
C SER B 136 7.53 -6.08 -55.77
N VAL B 137 7.13 -5.63 -54.58
CA VAL B 137 5.78 -5.82 -54.10
C VAL B 137 4.88 -4.68 -54.57
N GLY B 138 5.40 -3.47 -54.61
CA GLY B 138 4.65 -2.34 -55.10
C GLY B 138 4.51 -1.22 -54.11
N LEU B 139 5.49 -1.12 -53.21
CA LEU B 139 5.40 -0.27 -52.03
C LEU B 139 6.68 0.54 -51.87
N ARG B 140 7.11 1.22 -52.94
CA ARG B 140 8.43 1.84 -52.95
C ARG B 140 8.48 3.08 -52.05
N GLY B 141 7.46 3.92 -52.12
CA GLY B 141 7.52 5.15 -51.37
C GLY B 141 7.29 5.06 -49.89
N THR B 142 6.85 3.91 -49.38
CA THR B 142 6.45 3.75 -47.99
C THR B 142 7.54 3.02 -47.21
N GLU B 143 8.50 3.77 -46.70
CA GLU B 143 9.62 3.20 -46.00
C GLU B 143 9.84 3.77 -44.61
N GLN B 144 9.41 5.00 -44.34
CA GLN B 144 9.77 5.66 -43.10
C GLN B 144 8.62 5.73 -42.10
N LEU B 145 7.45 5.23 -42.45
CA LEU B 145 6.28 5.34 -41.60
C LEU B 145 6.02 4.04 -40.85
N MET B 146 5.27 4.14 -39.76
CA MET B 146 5.11 3.07 -38.81
C MET B 146 4.18 2.00 -39.37
N PRO B 147 4.15 0.81 -38.76
CA PRO B 147 3.13 -0.18 -39.16
C PRO B 147 1.71 0.27 -38.88
N THR B 148 1.49 1.05 -37.84
CA THR B 148 0.17 1.66 -37.66
C THR B 148 -0.05 2.70 -38.75
N GLU B 149 -1.33 2.86 -39.11
CA GLU B 149 -1.77 3.63 -40.28
C GLU B 149 -1.07 3.16 -41.55
N LEU B 150 -1.35 1.90 -41.91
CA LEU B 150 -0.89 1.37 -43.19
C LEU B 150 -2.00 0.72 -44.01
N SER B 151 -3.27 0.85 -43.61
CA SER B 151 -4.43 0.38 -44.38
C SER B 151 -4.37 -1.13 -44.63
N GLY B 152 -4.64 -1.87 -43.56
CA GLY B 152 -4.24 -3.25 -43.30
C GLY B 152 -4.19 -4.30 -44.40
N GLY B 153 -4.84 -4.06 -45.54
CA GLY B 153 -4.54 -4.86 -46.71
C GLY B 153 -3.14 -4.64 -47.28
N MET B 154 -2.45 -3.59 -46.83
CA MET B 154 -1.07 -3.31 -47.16
C MET B 154 -0.10 -3.71 -46.06
N ASN B 155 -0.60 -4.12 -44.89
CA ASN B 155 0.26 -4.76 -43.90
C ASN B 155 0.74 -6.12 -44.39
N ARG B 156 -0.09 -6.84 -45.13
CA ARG B 156 0.30 -8.15 -45.65
C ARG B 156 1.20 -8.05 -46.87
N ARG B 157 1.47 -6.86 -47.36
CA ARG B 157 2.42 -6.69 -48.43
C ARG B 157 3.79 -6.24 -47.95
N VAL B 158 3.85 -5.53 -46.82
CA VAL B 158 5.13 -5.30 -46.16
C VAL B 158 5.66 -6.60 -45.58
N ALA B 159 4.77 -7.42 -45.02
CA ALA B 159 5.17 -8.68 -44.43
C ALA B 159 5.53 -9.72 -45.47
N LEU B 160 5.17 -9.50 -46.73
CA LEU B 160 5.63 -10.37 -47.80
C LEU B 160 7.02 -9.99 -48.26
N ALA B 161 7.38 -8.71 -48.15
CA ALA B 161 8.74 -8.31 -48.48
C ALA B 161 9.73 -8.76 -47.42
N ARG B 162 9.32 -8.77 -46.15
CA ARG B 162 10.19 -9.28 -45.10
C ARG B 162 10.35 -10.78 -45.21
N ALA B 163 9.32 -11.49 -45.65
CA ALA B 163 9.36 -12.93 -45.79
C ALA B 163 10.12 -13.38 -47.02
N ILE B 164 10.66 -12.46 -47.81
CA ILE B 164 11.31 -12.76 -49.07
C ILE B 164 12.67 -12.09 -49.21
N ALA B 165 13.11 -11.37 -48.18
CA ALA B 165 14.26 -10.48 -48.28
C ALA B 165 15.58 -11.23 -48.45
N LEU B 166 15.72 -12.39 -47.83
CA LEU B 166 16.95 -13.16 -47.93
C LEU B 166 16.98 -14.06 -49.16
N ASP B 167 16.01 -13.94 -50.06
CA ASP B 167 15.80 -14.71 -51.28
C ASP B 167 15.79 -16.20 -50.96
N PRO B 168 14.74 -16.71 -50.32
CA PRO B 168 14.75 -18.11 -49.87
C PRO B 168 14.45 -19.08 -50.99
N ASP B 169 14.27 -20.35 -50.66
CA ASP B 169 13.78 -21.32 -51.63
C ASP B 169 12.48 -21.98 -51.18
N LEU B 170 11.91 -21.58 -50.06
CA LEU B 170 10.63 -22.08 -49.58
C LEU B 170 9.93 -20.96 -48.85
N ILE B 171 8.69 -20.70 -49.23
CA ILE B 171 7.88 -19.67 -48.57
C ILE B 171 6.52 -20.25 -48.22
N MET B 172 6.07 -19.99 -47.00
CA MET B 172 4.87 -20.60 -46.46
C MET B 172 3.85 -19.52 -46.15
N TYR B 173 2.66 -19.64 -46.75
CA TYR B 173 1.54 -18.77 -46.44
C TYR B 173 0.51 -19.56 -45.66
N ASP B 174 0.03 -19.02 -44.55
CA ASP B 174 -1.14 -19.58 -43.89
C ASP B 174 -2.30 -18.61 -44.02
N GLU B 175 -3.41 -19.09 -44.55
CA GLU B 175 -4.63 -18.40 -44.90
C GLU B 175 -4.42 -17.06 -45.58
N PRO B 176 -3.89 -17.00 -46.80
CA PRO B 176 -3.86 -15.72 -47.49
C PRO B 176 -5.20 -15.33 -48.08
N PHE B 177 -6.12 -16.28 -48.23
CA PHE B 177 -7.45 -16.04 -48.74
C PHE B 177 -8.43 -16.32 -47.61
N ALA B 178 -9.05 -15.26 -47.12
CA ALA B 178 -9.86 -15.26 -45.91
C ALA B 178 -10.95 -14.23 -46.14
N GLY B 179 -11.46 -13.64 -45.07
CA GLY B 179 -12.40 -12.55 -45.26
C GLY B 179 -11.75 -11.29 -45.81
N GLN B 180 -11.35 -11.34 -47.08
CA GLN B 180 -10.72 -10.22 -47.77
C GLN B 180 -11.59 -9.80 -48.95
N ASP B 181 -11.37 -8.57 -49.39
CA ASP B 181 -12.01 -8.06 -50.59
C ASP B 181 -11.56 -8.88 -51.79
N PRO B 182 -12.39 -8.96 -52.84
CA PRO B 182 -11.89 -9.51 -54.11
C PRO B 182 -10.83 -8.66 -54.78
N ILE B 183 -10.71 -7.38 -54.42
CA ILE B 183 -9.59 -6.58 -54.90
C ILE B 183 -8.31 -6.92 -54.16
N VAL B 184 -8.38 -7.02 -52.83
CA VAL B 184 -7.21 -7.35 -52.03
C VAL B 184 -6.79 -8.80 -52.26
N LYS B 185 -7.76 -9.70 -52.37
CA LYS B 185 -7.46 -11.08 -52.74
C LYS B 185 -6.95 -11.19 -54.16
N GLY B 186 -7.26 -10.21 -55.02
CA GLY B 186 -6.76 -10.25 -56.37
C GLY B 186 -5.30 -9.88 -56.49
N VAL B 187 -4.82 -8.93 -55.68
CA VAL B 187 -3.43 -8.51 -55.71
C VAL B 187 -2.53 -9.63 -55.22
N LEU B 188 -2.96 -10.38 -54.21
CA LEU B 188 -2.16 -11.48 -53.70
C LEU B 188 -2.05 -12.64 -54.67
N THR B 189 -3.11 -12.93 -55.43
CA THR B 189 -3.01 -14.04 -56.38
C THR B 189 -2.15 -13.69 -57.58
N ARG B 190 -2.07 -12.40 -57.95
CA ARG B 190 -1.07 -12.02 -58.93
C ARG B 190 0.33 -12.03 -58.35
N LEU B 191 0.47 -11.80 -57.05
CA LEU B 191 1.80 -11.74 -56.46
C LEU B 191 2.35 -13.11 -56.12
N ILE B 192 1.49 -14.09 -55.84
CA ILE B 192 1.97 -15.42 -55.48
C ILE B 192 2.50 -16.13 -56.71
N ARG B 193 1.85 -15.93 -57.86
CA ARG B 193 2.31 -16.57 -59.08
C ARG B 193 3.54 -15.86 -59.65
N SER B 194 3.57 -14.53 -59.56
CA SER B 194 4.66 -13.78 -60.18
C SER B 194 5.96 -13.94 -59.41
N LEU B 195 5.91 -13.95 -58.09
CA LEU B 195 7.13 -14.01 -57.29
C LEU B 195 7.77 -15.39 -57.30
N ARG B 196 7.06 -16.43 -57.70
CA ARG B 196 7.69 -17.75 -57.69
C ARG B 196 8.20 -18.16 -59.06
N GLU B 197 7.89 -17.41 -60.11
CA GLU B 197 8.64 -17.58 -61.34
C GLU B 197 9.85 -16.66 -61.38
N ALA B 198 9.76 -15.49 -60.76
CA ALA B 198 10.88 -14.56 -60.74
C ALA B 198 12.00 -15.03 -59.84
N LEU B 199 11.70 -15.84 -58.81
CA LEU B 199 12.70 -16.27 -57.86
C LEU B 199 12.87 -17.77 -57.76
N ASP B 200 12.05 -18.54 -58.48
CA ASP B 200 12.02 -20.01 -58.48
C ASP B 200 11.83 -20.55 -57.06
N LEU B 201 10.68 -20.23 -56.48
CA LEU B 201 10.38 -20.58 -55.12
C LEU B 201 9.70 -21.95 -55.05
N THR B 202 9.22 -22.29 -53.86
CA THR B 202 8.44 -23.49 -53.61
C THR B 202 7.48 -23.14 -52.49
N THR B 203 6.19 -23.04 -52.81
CA THR B 203 5.24 -22.46 -51.88
C THR B 203 4.39 -23.55 -51.24
N ILE B 204 3.96 -23.28 -50.01
CA ILE B 204 2.98 -24.09 -49.29
C ILE B 204 1.89 -23.14 -48.83
N ILE B 205 0.64 -23.42 -49.23
CA ILE B 205 -0.50 -22.61 -48.85
C ILE B 205 -1.42 -23.45 -47.99
N VAL B 206 -1.74 -22.95 -46.81
CA VAL B 206 -2.64 -23.62 -45.89
C VAL B 206 -3.89 -22.77 -45.78
N SER B 207 -4.95 -23.19 -46.43
CA SER B 207 -6.15 -22.37 -46.52
C SER B 207 -7.38 -23.26 -46.59
N HIS B 208 -8.56 -22.65 -46.62
CA HIS B 208 -9.79 -23.36 -46.90
C HIS B 208 -10.71 -22.58 -47.82
N ASP B 209 -10.13 -21.79 -48.72
CA ASP B 209 -10.89 -21.05 -49.72
C ASP B 209 -10.83 -21.87 -50.99
N VAL B 210 -11.86 -22.70 -51.19
CA VAL B 210 -11.84 -23.67 -52.28
C VAL B 210 -11.83 -23.05 -53.69
N PRO B 211 -12.69 -22.05 -54.03
CA PRO B 211 -12.64 -21.55 -55.42
C PRO B 211 -11.38 -20.78 -55.77
N GLU B 212 -10.62 -20.32 -54.78
CA GLU B 212 -9.37 -19.61 -55.07
C GLU B 212 -8.16 -20.52 -55.03
N THR B 213 -8.21 -21.58 -54.23
CA THR B 213 -7.05 -22.44 -54.07
C THR B 213 -6.85 -23.36 -55.26
N LEU B 214 -7.94 -23.95 -55.77
CA LEU B 214 -7.87 -24.86 -56.90
C LEU B 214 -7.41 -24.18 -58.18
N SER B 215 -7.57 -22.87 -58.29
CA SER B 215 -7.10 -22.13 -59.44
C SER B 215 -5.67 -21.65 -59.31
N ILE B 216 -4.97 -22.00 -58.24
CA ILE B 216 -3.61 -21.52 -58.05
C ILE B 216 -2.68 -22.66 -57.66
N ALA B 217 -3.23 -23.79 -57.26
CA ALA B 217 -2.41 -24.88 -56.74
C ALA B 217 -2.04 -25.85 -57.83
N ASP B 218 -1.17 -26.79 -57.47
CA ASP B 218 -0.77 -27.87 -58.36
C ASP B 218 -0.86 -29.24 -57.72
N TYR B 219 -0.96 -29.31 -56.40
CA TYR B 219 -1.13 -30.57 -55.70
C TYR B 219 -1.81 -30.26 -54.37
N ILE B 220 -3.03 -30.74 -54.19
CA ILE B 220 -3.83 -30.43 -53.01
C ILE B 220 -3.86 -31.65 -52.11
N TYR B 221 -3.57 -31.46 -50.83
CA TYR B 221 -3.86 -32.46 -49.81
C TYR B 221 -5.07 -32.00 -49.01
N VAL B 222 -5.95 -32.94 -48.65
CA VAL B 222 -7.13 -32.65 -47.87
C VAL B 222 -7.06 -33.46 -46.59
N VAL B 223 -7.01 -32.79 -45.45
CA VAL B 223 -6.80 -33.42 -44.16
C VAL B 223 -8.01 -33.13 -43.29
N ALA B 224 -8.79 -34.17 -42.98
CA ALA B 224 -10.02 -33.94 -42.23
C ALA B 224 -9.82 -34.00 -40.73
N GLU B 225 -9.42 -35.16 -40.20
CA GLU B 225 -9.27 -35.26 -38.76
C GLU B 225 -7.90 -35.78 -38.34
N GLY B 226 -7.33 -36.72 -39.09
CA GLY B 226 -5.99 -37.16 -38.77
C GLY B 226 -5.17 -37.59 -39.95
N LYS B 227 -5.72 -37.53 -41.15
CA LYS B 227 -5.10 -38.19 -42.28
C LYS B 227 -5.59 -37.60 -43.58
N ILE B 228 -4.94 -38.00 -44.66
CA ILE B 228 -5.28 -37.50 -45.99
C ILE B 228 -6.57 -38.16 -46.44
N GLN B 229 -7.53 -37.34 -46.87
CA GLN B 229 -8.77 -37.83 -47.45
C GLN B 229 -8.78 -37.72 -48.96
N GLY B 230 -7.67 -37.28 -49.56
CA GLY B 230 -7.61 -37.11 -50.98
C GLY B 230 -6.40 -36.31 -51.41
N GLU B 231 -5.86 -36.60 -52.58
CA GLU B 231 -4.68 -35.90 -53.06
C GLU B 231 -4.63 -35.98 -54.57
N GLY B 232 -3.94 -35.02 -55.17
CA GLY B 232 -3.71 -35.03 -56.59
C GLY B 232 -3.84 -33.66 -57.20
N THR B 233 -3.66 -33.62 -58.52
CA THR B 233 -3.91 -32.45 -59.34
C THR B 233 -5.36 -32.00 -59.15
N PRO B 234 -5.64 -30.68 -59.21
CA PRO B 234 -7.03 -30.22 -59.07
C PRO B 234 -8.00 -30.74 -60.13
N GLU B 235 -7.52 -31.30 -61.24
CA GLU B 235 -8.40 -32.00 -62.16
C GLU B 235 -8.75 -33.39 -61.65
N GLU B 236 -7.78 -34.12 -61.12
CA GLU B 236 -7.97 -35.51 -60.71
C GLU B 236 -8.39 -35.66 -59.27
N LEU B 237 -8.37 -34.59 -58.47
CA LEU B 237 -8.84 -34.68 -57.10
C LEU B 237 -10.36 -34.79 -57.06
N GLN B 238 -11.03 -34.08 -57.96
CA GLN B 238 -12.49 -34.10 -57.99
C GLN B 238 -13.03 -35.35 -58.67
N ALA B 239 -12.29 -35.91 -59.63
CA ALA B 239 -12.78 -37.07 -60.36
C ALA B 239 -12.68 -38.35 -59.55
N TYR B 240 -11.66 -38.47 -58.71
CA TYR B 240 -11.48 -39.64 -57.85
C TYR B 240 -11.89 -39.33 -56.42
N ALA B 241 -12.97 -38.57 -56.26
CA ALA B 241 -13.32 -37.99 -54.98
C ALA B 241 -13.93 -39.03 -54.04
N SER B 242 -13.50 -38.99 -52.79
CA SER B 242 -14.12 -39.73 -51.72
C SER B 242 -15.46 -39.07 -51.39
N PRO B 243 -16.35 -39.75 -50.65
CA PRO B 243 -17.53 -39.04 -50.16
C PRO B 243 -17.29 -38.22 -48.89
N PHE B 244 -16.18 -37.52 -48.83
CA PHE B 244 -15.90 -36.38 -47.96
C PHE B 244 -15.39 -35.20 -48.76
N VAL B 245 -14.51 -35.48 -49.72
CA VAL B 245 -13.93 -34.44 -50.55
C VAL B 245 -15.00 -33.79 -51.40
N LYS B 246 -16.07 -34.51 -51.65
CA LYS B 246 -17.17 -34.00 -52.46
C LYS B 246 -17.89 -32.91 -51.67
N GLN B 247 -18.39 -33.28 -50.49
CA GLN B 247 -19.10 -32.34 -49.64
C GLN B 247 -18.25 -31.12 -49.35
N PHE B 248 -16.99 -31.36 -48.98
CA PHE B 248 -16.08 -30.26 -48.67
C PHE B 248 -15.82 -29.35 -49.87
N LEU B 249 -15.59 -29.94 -51.03
CA LEU B 249 -15.33 -29.15 -52.22
C LEU B 249 -16.59 -28.62 -52.88
N THR B 250 -17.75 -28.86 -52.26
CA THR B 250 -19.00 -28.39 -52.82
C THR B 250 -19.92 -27.74 -51.79
N GLY B 251 -19.86 -28.23 -50.56
CA GLY B 251 -20.69 -27.72 -49.50
C GLY B 251 -22.10 -28.25 -49.50
N SER B 252 -22.31 -29.50 -49.89
CA SER B 252 -23.63 -30.05 -50.04
C SER B 252 -24.12 -30.63 -48.70
N ALA B 253 -25.37 -31.09 -48.70
CA ALA B 253 -25.97 -31.69 -47.52
C ALA B 253 -25.64 -33.16 -47.37
N GLU B 254 -25.25 -33.82 -48.44
CA GLU B 254 -24.99 -35.26 -48.43
C GLU B 254 -23.53 -35.53 -48.09
N GLY B 255 -23.31 -36.25 -46.99
CA GLY B 255 -21.98 -36.60 -46.57
C GLY B 255 -21.94 -37.10 -45.13
N PRO B 256 -20.74 -37.24 -44.59
CA PRO B 256 -20.60 -37.84 -43.25
C PRO B 256 -20.91 -36.88 -42.13
N VAL B 257 -20.75 -35.58 -42.33
CA VAL B 257 -21.03 -34.62 -41.28
C VAL B 257 -22.54 -34.39 -41.21
N GLU B 258 -23.03 -34.18 -40.00
CA GLU B 258 -24.45 -34.23 -39.72
C GLU B 258 -24.98 -32.83 -39.47
N TYR B 259 -26.09 -32.52 -40.11
CA TYR B 259 -26.70 -31.20 -39.96
C TYR B 259 -27.55 -31.14 -38.70
N GLN B 260 -28.29 -32.21 -38.40
CA GLN B 260 -28.99 -32.33 -37.13
C GLN B 260 -27.98 -32.53 -36.00
N PHE B 261 -28.43 -32.31 -34.77
CA PHE B 261 -27.52 -32.45 -33.64
C PHE B 261 -27.05 -33.89 -33.44
N SER B 262 -27.91 -34.81 -33.00
CA SER B 262 -27.59 -36.22 -33.18
C SER B 262 -28.66 -36.98 -33.95
N HIS B 263 -29.76 -37.38 -33.28
CA HIS B 263 -30.84 -38.22 -33.83
C HIS B 263 -31.99 -38.29 -32.82
N GLN B 264 -33.19 -37.89 -33.19
CA GLN B 264 -34.34 -37.94 -32.27
C GLN B 264 -35.61 -37.94 -33.12
N ALA B 265 -36.75 -37.74 -32.44
CA ALA B 265 -38.04 -37.56 -33.10
C ALA B 265 -38.85 -36.43 -32.51
N TYR B 266 -38.35 -35.78 -31.45
CA TYR B 266 -38.87 -34.58 -30.78
C TYR B 266 -40.14 -34.84 -29.97
N LEU B 267 -40.78 -35.98 -30.18
CA LEU B 267 -41.93 -36.38 -29.38
C LEU B 267 -41.55 -37.56 -28.48
N ASP B 268 -40.31 -37.55 -28.03
CA ASP B 268 -39.78 -38.60 -27.17
C ASP B 268 -39.25 -38.07 -25.85
N ASN B 269 -38.98 -36.78 -25.72
CA ASN B 269 -38.52 -36.19 -24.48
C ASN B 269 -39.64 -35.38 -23.85
N GLU B 270 -39.69 -35.43 -22.53
CA GLU B 270 -40.43 -34.43 -21.76
C GLU B 270 -39.63 -33.14 -21.81
N VAL B 271 -40.29 -32.05 -22.15
CA VAL B 271 -39.57 -30.79 -22.17
C VAL B 271 -39.35 -30.26 -20.75
N ARG B 272 -40.41 -29.85 -20.05
CA ARG B 272 -40.40 -29.44 -18.64
C ARG B 272 -41.74 -29.66 -17.99
N VAL C 1 38.10 -13.85 -60.62
CA VAL C 1 36.95 -14.66 -60.27
C VAL C 1 35.80 -13.77 -59.84
N VAL C 2 36.08 -12.49 -59.64
CA VAL C 2 35.06 -11.51 -59.27
C VAL C 2 34.80 -10.49 -60.40
N GLN C 3 35.85 -9.79 -60.87
CA GLN C 3 35.78 -8.85 -61.99
C GLN C 3 37.18 -8.35 -62.33
N TYR C 4 37.46 -8.20 -63.62
CA TYR C 4 38.68 -7.56 -64.11
C TYR C 4 38.33 -6.18 -64.67
N LEU C 5 39.30 -5.51 -65.28
CA LEU C 5 39.03 -4.31 -66.07
C LEU C 5 38.73 -4.64 -67.52
N ASN C 6 39.73 -5.17 -68.25
CA ASN C 6 39.64 -5.67 -69.62
C ASN C 6 38.93 -4.71 -70.59
N GLN C 7 39.12 -3.39 -70.42
CA GLN C 7 38.59 -2.28 -71.24
C GLN C 7 37.07 -2.11 -71.23
N GLU C 8 36.34 -3.04 -70.59
CA GLU C 8 35.01 -2.84 -70.02
C GLU C 8 34.78 -4.00 -69.08
N LEU C 9 34.20 -3.72 -67.91
CA LEU C 9 34.35 -4.62 -66.77
C LEU C 9 33.47 -5.85 -66.91
N VAL C 10 34.04 -7.01 -66.57
CA VAL C 10 33.41 -8.31 -66.71
C VAL C 10 33.06 -8.84 -65.33
N VAL C 11 31.81 -8.70 -64.93
CA VAL C 11 31.37 -9.24 -63.66
C VAL C 11 31.31 -10.75 -63.77
N SER C 12 32.08 -11.44 -62.94
CA SER C 12 32.12 -12.89 -62.95
C SER C 12 31.90 -13.42 -61.55
N GLY C 13 31.66 -14.73 -61.47
CA GLY C 13 31.55 -15.37 -60.18
C GLY C 13 30.14 -15.34 -59.66
N LYS C 14 29.99 -15.00 -58.39
CA LYS C 14 28.72 -15.18 -57.69
C LYS C 14 28.68 -14.25 -56.49
N ILE C 15 27.55 -13.59 -56.29
CA ILE C 15 27.39 -12.54 -55.30
C ILE C 15 26.33 -13.02 -54.31
N ASP C 16 26.75 -13.33 -53.07
CA ASP C 16 25.84 -13.98 -52.13
C ASP C 16 26.02 -13.50 -50.69
N PHE C 17 26.20 -12.18 -50.50
CA PHE C 17 26.42 -11.45 -49.24
C PHE C 17 27.37 -12.10 -48.23
N GLU C 18 28.36 -12.84 -48.73
CA GLU C 18 29.51 -13.22 -47.94
C GLU C 18 30.79 -12.69 -48.53
N ASN C 19 30.80 -12.41 -49.83
CA ASN C 19 31.86 -11.66 -50.49
C ASN C 19 31.34 -10.37 -51.11
N ALA C 20 30.06 -10.04 -50.91
CA ALA C 20 29.46 -8.93 -51.63
C ALA C 20 29.73 -7.58 -50.97
N GLU C 21 30.96 -7.32 -50.65
CA GLU C 21 31.36 -5.99 -50.24
C GLU C 21 32.59 -5.53 -50.99
N GLN C 22 33.54 -6.41 -51.23
CA GLN C 22 34.67 -6.07 -52.06
C GLN C 22 34.30 -6.04 -53.54
N GLN C 23 33.33 -6.85 -53.96
CA GLN C 23 32.91 -6.85 -55.35
C GLN C 23 32.14 -5.58 -55.70
N TYR C 24 31.55 -4.92 -54.70
CA TYR C 24 31.07 -3.57 -54.93
C TYR C 24 32.22 -2.57 -54.89
N GLN C 25 33.17 -2.76 -53.97
CA GLN C 25 34.22 -1.78 -53.77
C GLN C 25 35.28 -1.83 -54.87
N ALA C 26 35.70 -3.03 -55.27
CA ALA C 26 36.69 -3.14 -56.33
C ALA C 26 36.11 -2.70 -57.67
N GLY C 27 34.84 -2.97 -57.91
CA GLY C 27 34.19 -2.44 -59.11
C GLY C 27 33.96 -0.94 -59.06
N LEU C 28 33.89 -0.36 -57.86
CA LEU C 28 33.70 1.08 -57.76
C LEU C 28 34.97 1.83 -58.12
N ALA C 29 36.15 1.23 -57.85
CA ALA C 29 37.42 1.87 -58.13
C ALA C 29 37.66 2.03 -59.63
N ILE C 30 37.01 1.21 -60.45
CA ILE C 30 37.03 1.43 -61.89
C ILE C 30 36.19 2.64 -62.26
N ILE C 31 35.11 2.89 -61.52
CA ILE C 31 34.20 3.97 -61.88
C ILE C 31 34.79 5.33 -61.48
N LYS C 32 35.70 5.33 -60.51
CA LYS C 32 36.37 6.55 -60.09
C LYS C 32 37.24 7.15 -61.20
N LYS C 33 37.95 6.33 -61.96
CA LYS C 33 38.95 6.79 -62.92
C LYS C 33 38.51 6.64 -64.37
N GLN C 34 37.26 6.29 -64.62
CA GLN C 34 36.75 6.18 -65.98
C GLN C 34 36.47 7.57 -66.57
N THR C 35 36.76 7.71 -67.86
CA THR C 35 36.60 8.95 -68.59
C THR C 35 35.44 8.84 -69.57
N SER C 36 34.53 9.82 -69.50
CA SER C 36 33.38 10.08 -70.40
C SER C 36 32.24 9.09 -70.26
N PHE C 37 32.46 7.99 -69.54
CA PHE C 37 31.48 6.95 -69.25
C PHE C 37 30.56 6.48 -70.38
N PRO C 38 31.09 5.86 -71.44
CA PRO C 38 30.24 5.04 -72.31
C PRO C 38 30.32 3.54 -72.04
N LEU C 39 30.94 3.13 -70.94
CA LEU C 39 31.34 1.74 -70.74
C LEU C 39 30.14 0.84 -70.49
N ILE C 40 30.24 -0.39 -70.95
CA ILE C 40 29.15 -1.35 -70.83
C ILE C 40 29.63 -2.49 -69.94
N VAL C 41 28.80 -2.86 -68.97
CA VAL C 41 29.11 -3.90 -68.01
C VAL C 41 28.73 -5.22 -68.66
N ASP C 42 29.61 -6.20 -68.56
CA ASP C 42 29.44 -7.47 -69.25
C ASP C 42 28.96 -8.50 -68.23
N LEU C 43 27.66 -8.70 -68.16
CA LEU C 43 27.09 -9.69 -67.24
C LEU C 43 27.13 -11.08 -67.83
N LYS C 44 28.34 -11.55 -68.17
CA LYS C 44 28.46 -12.72 -69.01
C LYS C 44 28.46 -14.00 -68.21
N GLN C 45 29.19 -14.01 -67.09
CA GLN C 45 29.65 -15.24 -66.45
C GLN C 45 29.11 -15.42 -65.03
N LEU C 46 27.96 -14.83 -64.73
CA LEU C 46 27.25 -15.08 -63.48
C LEU C 46 26.46 -16.38 -63.59
N GLU C 47 26.08 -16.94 -62.44
CA GLU C 47 25.16 -18.08 -62.47
C GLU C 47 24.15 -18.12 -61.32
N HIS C 48 24.24 -17.24 -60.33
CA HIS C 48 23.29 -17.25 -59.23
C HIS C 48 22.87 -15.82 -58.89
N GLY C 49 22.50 -15.05 -59.90
CA GLY C 49 22.11 -13.68 -59.69
C GLY C 49 20.74 -13.61 -59.04
N ASN C 50 20.65 -13.02 -57.85
CA ASN C 50 19.37 -12.98 -57.14
C ASN C 50 19.31 -11.73 -56.26
N THR C 51 18.81 -10.63 -56.85
CA THR C 51 18.32 -9.43 -56.16
C THR C 51 19.40 -8.68 -55.36
N LEU C 52 20.60 -9.23 -55.28
CA LEU C 52 21.75 -8.63 -54.66
C LEU C 52 22.85 -8.37 -55.67
N ALA C 53 22.96 -9.23 -56.68
CA ALA C 53 23.68 -8.87 -57.89
C ALA C 53 23.09 -7.61 -58.52
N LEU C 54 21.76 -7.50 -58.51
CA LEU C 54 21.11 -6.26 -58.91
C LEU C 54 21.33 -5.13 -57.91
N ALA C 55 21.49 -5.45 -56.63
CA ALA C 55 21.66 -4.39 -55.64
C ALA C 55 23.02 -3.72 -55.76
N VAL C 56 24.03 -4.42 -56.26
CA VAL C 56 25.32 -3.76 -56.50
C VAL C 56 25.37 -3.12 -57.88
N LEU C 57 24.46 -3.46 -58.78
CA LEU C 57 24.46 -2.83 -60.10
C LEU C 57 23.83 -1.45 -60.06
N VAL C 58 22.76 -1.28 -59.27
CA VAL C 58 22.14 0.02 -59.14
C VAL C 58 23.03 0.97 -58.35
N GLN C 59 23.84 0.43 -57.44
CA GLN C 59 24.76 1.27 -56.68
C GLN C 59 25.89 1.80 -57.55
N TRP C 60 26.22 1.09 -58.64
CA TRP C 60 27.17 1.63 -59.59
C TRP C 60 26.53 2.67 -60.51
N LEU C 61 25.24 2.52 -60.82
CA LEU C 61 24.51 3.49 -61.63
C LEU C 61 24.32 4.83 -60.94
N ARG C 62 24.34 4.87 -59.62
CA ARG C 62 24.08 6.14 -58.95
C ARG C 62 25.32 7.03 -58.95
N GLN C 63 26.48 6.42 -59.08
CA GLN C 63 27.75 7.13 -59.14
C GLN C 63 28.22 7.07 -60.59
N THR C 64 27.59 7.87 -61.45
CA THR C 64 27.95 7.89 -62.86
C THR C 64 27.56 9.21 -63.49
N PRO C 65 28.15 9.53 -64.65
CA PRO C 65 27.79 10.78 -65.33
C PRO C 65 26.28 10.81 -65.52
N GLN C 66 25.60 11.78 -64.90
CA GLN C 66 24.15 11.87 -65.00
C GLN C 66 23.57 10.80 -64.09
N LYS C 67 22.40 10.27 -64.44
CA LYS C 67 21.77 9.24 -63.63
C LYS C 67 21.89 7.89 -64.30
N SER C 68 22.38 7.88 -65.54
CA SER C 68 22.54 6.64 -66.29
C SER C 68 24.01 6.36 -66.54
N GLY C 69 24.49 6.75 -67.72
CA GLY C 69 25.88 6.55 -68.09
C GLY C 69 26.39 5.15 -67.80
N LEU C 70 25.76 4.15 -68.42
CA LEU C 70 26.17 2.76 -68.23
C LEU C 70 25.26 1.81 -69.01
N HIS C 71 25.87 0.92 -69.77
CA HIS C 71 25.12 -0.04 -70.57
C HIS C 71 25.42 -1.45 -70.05
N PHE C 72 24.67 -2.42 -70.56
CA PHE C 72 24.80 -3.81 -70.12
C PHE C 72 24.71 -4.74 -71.33
N LYS C 73 25.49 -5.81 -71.27
CA LYS C 73 25.55 -6.84 -72.30
C LYS C 73 24.56 -7.94 -71.90
N ASN C 74 24.69 -9.12 -72.52
CA ASN C 74 23.71 -10.18 -72.45
C ASN C 74 23.61 -10.75 -71.05
N VAL C 75 22.38 -11.06 -70.65
CA VAL C 75 22.02 -11.34 -69.27
C VAL C 75 21.74 -12.84 -69.14
N PRO C 76 22.19 -13.50 -68.06
CA PRO C 76 22.16 -14.97 -68.02
C PRO C 76 20.79 -15.64 -67.83
N GLU C 77 19.69 -14.93 -68.15
CA GLU C 77 18.27 -15.33 -68.21
C GLU C 77 17.63 -15.52 -66.84
N LYS C 78 18.42 -15.55 -65.78
CA LYS C 78 17.90 -15.52 -64.43
C LYS C 78 17.86 -14.11 -63.87
N MET C 79 18.77 -13.24 -64.30
CA MET C 79 18.85 -11.91 -63.73
C MET C 79 17.85 -10.94 -64.37
N LEU C 80 17.52 -11.10 -65.65
CA LEU C 80 16.55 -10.16 -66.21
C LEU C 80 15.11 -10.60 -65.94
N LYS C 81 14.90 -11.78 -65.38
CA LYS C 81 13.61 -12.09 -64.80
C LYS C 81 13.36 -11.23 -63.56
N ILE C 82 14.42 -10.89 -62.84
CA ILE C 82 14.31 -10.04 -61.66
C ILE C 82 14.35 -8.56 -62.01
N ILE C 83 14.82 -8.21 -63.21
CA ILE C 83 14.74 -6.82 -63.66
C ILE C 83 13.29 -6.40 -63.86
N GLN C 84 12.52 -7.22 -64.58
CA GLN C 84 11.12 -6.91 -64.81
C GLN C 84 10.26 -7.16 -63.58
N ALA C 85 10.67 -8.07 -62.69
CA ALA C 85 9.97 -8.26 -61.42
C ALA C 85 10.09 -7.04 -60.53
N CYS C 86 11.18 -6.29 -60.64
CA CYS C 86 11.34 -5.03 -59.93
C CYS C 86 11.07 -3.84 -60.84
N HIS C 87 10.33 -4.04 -61.94
CA HIS C 87 9.81 -2.99 -62.82
C HIS C 87 10.89 -2.08 -63.41
N LEU C 88 12.11 -2.59 -63.50
CA LEU C 88 13.21 -1.87 -64.10
C LEU C 88 13.42 -2.34 -65.54
N GLN C 89 12.37 -2.93 -66.10
CA GLN C 89 12.39 -3.47 -67.46
C GLN C 89 12.65 -2.39 -68.51
N GLU C 90 12.20 -1.17 -68.28
CA GLU C 90 12.64 -0.06 -69.13
C GLU C 90 13.04 1.07 -68.20
N ASP C 91 14.19 0.90 -67.57
CA ASP C 91 14.87 1.99 -66.89
C ASP C 91 16.38 1.96 -67.09
N LEU C 92 16.95 0.80 -67.37
CA LEU C 92 18.36 0.65 -67.66
C LEU C 92 18.54 0.49 -69.17
N HIS C 93 19.76 0.19 -69.61
CA HIS C 93 20.06 0.07 -71.03
C HIS C 93 20.66 -1.31 -71.28
N LEU C 94 20.01 -2.09 -72.13
CA LEU C 94 20.43 -3.44 -72.45
C LEU C 94 20.56 -3.56 -73.95
N VAL C 95 21.74 -3.94 -74.43
CA VAL C 95 21.99 -4.07 -75.86
C VAL C 95 21.76 -5.51 -76.30
N MET D 1 5.06 24.88 -30.79
CA MET D 1 4.12 24.38 -29.79
C MET D 1 3.34 23.20 -30.32
N ASN D 2 4.05 22.12 -30.63
CA ASN D 2 3.40 20.94 -31.20
C ASN D 2 3.00 19.95 -30.11
N THR D 3 3.85 19.81 -29.08
CA THR D 3 3.51 18.92 -27.98
C THR D 3 2.73 19.65 -26.90
N ILE D 4 2.87 20.98 -26.84
CA ILE D 4 2.08 21.77 -25.90
C ILE D 4 0.61 21.73 -26.29
N ALA D 5 0.34 21.68 -27.60
CA ALA D 5 -1.03 21.48 -28.07
C ALA D 5 -1.49 20.06 -27.80
N TRP D 6 -0.57 19.10 -27.82
CA TRP D 6 -0.94 17.71 -27.53
C TRP D 6 -1.21 17.52 -26.05
N LEU D 7 -0.47 18.25 -25.20
CA LEU D 7 -0.67 18.16 -23.76
C LEU D 7 -1.99 18.80 -23.35
N GLY D 8 -2.36 19.91 -23.99
CA GLY D 8 -3.61 20.56 -23.66
C GLY D 8 -4.81 19.80 -24.18
N ARG D 9 -4.64 19.07 -25.28
CA ARG D 9 -5.72 18.24 -25.81
C ARG D 9 -5.91 16.99 -24.96
N LEU D 10 -4.86 16.58 -24.26
CA LEU D 10 -4.93 15.39 -23.43
C LEU D 10 -5.77 15.65 -22.18
N VAL D 11 -5.57 16.80 -21.54
CA VAL D 11 -6.22 17.04 -20.25
C VAL D 11 -7.64 17.55 -20.46
N ILE D 12 -8.01 17.88 -21.69
CA ILE D 12 -9.38 18.26 -21.97
C ILE D 12 -10.25 17.03 -22.14
N GLU D 13 -9.70 16.00 -22.79
CA GLU D 13 -10.43 14.74 -22.94
C GLU D 13 -10.54 14.00 -21.62
N ARG D 14 -9.64 14.26 -20.68
CA ARG D 14 -9.76 13.65 -19.37
C ARG D 14 -10.78 14.38 -18.52
N ILE D 15 -10.90 15.70 -18.68
CA ILE D 15 -11.95 16.45 -18.01
C ILE D 15 -13.32 16.04 -18.53
N ARG D 16 -13.42 15.85 -19.85
CA ARG D 16 -14.67 15.39 -20.45
C ARG D 16 -14.99 13.95 -20.07
N GLY D 17 -13.99 13.16 -19.73
CA GLY D 17 -14.24 11.80 -19.29
C GLY D 17 -14.84 11.72 -17.90
N ILE D 18 -14.58 12.72 -17.06
CA ILE D 18 -15.21 12.75 -15.74
C ILE D 18 -16.68 13.15 -15.87
N GLY D 19 -17.02 13.92 -16.90
CA GLY D 19 -18.40 14.28 -17.10
C GLY D 19 -19.27 13.15 -17.59
N VAL D 20 -18.70 12.24 -18.38
CA VAL D 20 -19.46 11.08 -18.82
C VAL D 20 -19.62 10.09 -17.68
N ALA D 21 -18.59 9.94 -16.85
CA ALA D 21 -18.66 9.01 -15.74
C ALA D 21 -19.54 9.52 -14.61
N ALA D 22 -19.74 10.83 -14.50
CA ALA D 22 -20.65 11.35 -13.51
C ALA D 22 -22.10 11.12 -13.92
N LEU D 23 -22.41 11.35 -15.19
CA LEU D 23 -23.76 11.11 -15.68
C LEU D 23 -24.07 9.63 -15.76
N MET D 24 -23.06 8.78 -15.89
CA MET D 24 -23.29 7.35 -15.88
C MET D 24 -23.62 6.84 -14.49
N LEU D 25 -23.08 7.48 -13.45
CA LEU D 25 -23.33 7.04 -12.09
C LEU D 25 -24.71 7.48 -11.62
N LEU D 26 -25.14 8.67 -12.02
CA LEU D 26 -26.46 9.16 -11.63
C LEU D 26 -27.58 8.41 -12.34
N GLN D 27 -27.28 7.75 -13.44
CA GLN D 27 -28.27 6.96 -14.13
C GLN D 27 -28.42 5.58 -13.53
N ILE D 28 -27.41 5.11 -12.80
CA ILE D 28 -27.47 3.80 -12.16
C ILE D 28 -28.16 3.87 -10.81
N ILE D 29 -27.74 4.80 -9.95
CA ILE D 29 -28.25 4.83 -8.59
C ILE D 29 -29.60 5.51 -8.47
N PHE D 30 -30.04 6.27 -9.47
CA PHE D 30 -31.37 6.85 -9.44
C PHE D 30 -32.19 6.17 -10.53
N SER D 31 -32.71 4.99 -10.21
CA SER D 31 -33.58 4.23 -11.09
C SER D 31 -34.31 3.21 -10.23
N LEU D 32 -35.38 2.75 -10.72
CA LEU D 32 -36.17 1.79 -9.96
C LEU D 32 -35.54 0.41 -10.07
N PRO D 33 -35.65 -0.41 -9.02
CA PRO D 33 -35.21 -1.81 -9.12
C PRO D 33 -36.11 -2.62 -10.05
N SER D 34 -35.70 -3.82 -10.41
CA SER D 34 -36.41 -4.56 -11.44
C SER D 34 -36.51 -6.02 -11.02
N ALA D 35 -36.89 -6.86 -11.97
CA ALA D 35 -37.17 -8.26 -11.71
C ALA D 35 -35.90 -9.10 -11.85
N GLY D 36 -35.65 -9.93 -10.86
CA GLY D 36 -34.50 -10.82 -10.90
C GLY D 36 -33.18 -10.15 -10.63
N GLY D 37 -33.19 -8.93 -10.11
CA GLY D 37 -31.97 -8.18 -9.88
C GLY D 37 -31.26 -8.47 -8.59
N PHE D 38 -31.92 -9.10 -7.62
CA PHE D 38 -31.22 -9.48 -6.41
C PHE D 38 -30.36 -10.70 -6.64
N GLY D 39 -30.83 -11.65 -7.46
CA GLY D 39 -30.05 -12.84 -7.73
C GLY D 39 -28.82 -12.58 -8.57
N ARG D 40 -28.84 -11.54 -9.40
CA ARG D 40 -27.64 -11.13 -10.11
C ARG D 40 -26.65 -10.45 -9.20
N PHE D 41 -27.13 -9.84 -8.11
CA PHE D 41 -26.24 -9.20 -7.16
C PHE D 41 -25.53 -10.23 -6.29
N VAL D 42 -26.22 -11.31 -5.92
CA VAL D 42 -25.59 -12.35 -5.12
C VAL D 42 -24.59 -13.15 -5.95
N TYR D 43 -24.78 -13.20 -7.26
CA TYR D 43 -23.78 -13.85 -8.09
C TYR D 43 -22.53 -13.00 -8.20
N GLN D 44 -22.66 -11.68 -8.27
CA GLN D 44 -21.50 -10.83 -8.36
C GLN D 44 -20.84 -10.58 -7.01
N MET D 45 -21.49 -10.94 -5.91
CA MET D 45 -20.79 -10.93 -4.63
C MET D 45 -19.82 -12.11 -4.54
N HIS D 46 -20.04 -13.13 -5.33
CA HIS D 46 -19.12 -14.26 -5.41
C HIS D 46 -17.90 -13.94 -6.24
N ARG D 47 -18.07 -13.17 -7.31
CA ARG D 47 -16.97 -12.88 -8.21
C ARG D 47 -16.09 -11.77 -7.67
N VAL D 48 -16.69 -10.77 -7.02
CA VAL D 48 -15.92 -9.65 -6.50
C VAL D 48 -15.48 -9.91 -5.07
N GLY D 49 -16.38 -10.38 -4.22
CA GLY D 49 -16.08 -10.52 -2.81
C GLY D 49 -15.35 -11.79 -2.43
N VAL D 50 -15.88 -12.94 -2.82
CA VAL D 50 -15.33 -14.21 -2.35
C VAL D 50 -14.03 -14.53 -3.06
N MET D 51 -13.85 -14.05 -4.29
CA MET D 51 -12.60 -14.30 -5.01
C MET D 51 -11.45 -13.49 -4.43
N SER D 52 -11.74 -12.36 -3.80
CA SER D 52 -10.74 -11.51 -3.18
C SER D 52 -10.42 -11.91 -1.76
N LEU D 53 -11.00 -13.00 -1.26
CA LEU D 53 -10.85 -13.33 0.14
C LEU D 53 -9.49 -13.93 0.47
N LEU D 54 -8.77 -14.45 -0.52
CA LEU D 54 -7.50 -15.10 -0.23
C LEU D 54 -6.34 -14.13 -0.29
N ILE D 55 -6.41 -13.12 -1.16
CA ILE D 55 -5.35 -12.12 -1.15
C ILE D 55 -5.47 -11.21 0.07
N ILE D 56 -6.70 -10.97 0.54
CA ILE D 56 -6.92 -10.04 1.65
C ILE D 56 -6.53 -10.68 2.97
N THR D 57 -6.78 -11.98 3.13
CA THR D 57 -6.50 -12.66 4.38
C THR D 57 -5.00 -12.84 4.61
N VAL D 58 -4.27 -13.22 3.56
CA VAL D 58 -2.83 -13.45 3.71
C VAL D 58 -2.08 -12.13 3.80
N SER D 59 -2.56 -11.08 3.12
CA SER D 59 -1.86 -9.80 3.19
C SER D 59 -2.11 -9.10 4.50
N GLY D 60 -3.25 -9.35 5.15
CA GLY D 60 -3.49 -8.76 6.45
C GLY D 60 -2.68 -9.42 7.54
N LEU D 61 -2.39 -10.70 7.39
CA LEU D 61 -1.56 -11.40 8.37
C LEU D 61 -0.11 -10.96 8.28
N PHE D 62 0.39 -10.76 7.06
CA PHE D 62 1.78 -10.36 6.86
C PHE D 62 2.03 -8.94 7.34
N ILE D 63 1.03 -8.07 7.29
CA ILE D 63 1.21 -6.69 7.70
C ILE D 63 1.14 -6.57 9.21
N GLY D 64 0.27 -7.36 9.85
CA GLY D 64 0.24 -7.39 11.30
C GLY D 64 1.48 -8.00 11.91
N LEU D 65 2.17 -8.87 11.18
CA LEU D 65 3.42 -9.44 11.68
C LEU D 65 4.52 -8.39 11.70
N VAL D 66 4.55 -7.49 10.71
CA VAL D 66 5.57 -6.45 10.67
C VAL D 66 5.27 -5.37 11.71
N LEU D 67 4.00 -5.09 11.97
CA LEU D 67 3.64 -4.06 12.93
C LEU D 67 3.98 -4.48 14.35
N GLY D 68 3.77 -5.75 14.69
CA GLY D 68 4.13 -6.20 16.02
C GLY D 68 5.62 -6.38 16.22
N LEU D 69 6.37 -6.53 15.13
CA LEU D 69 7.81 -6.68 15.25
C LEU D 69 8.50 -5.32 15.30
N GLN D 70 8.00 -4.35 14.54
CA GLN D 70 8.57 -3.01 14.56
C GLN D 70 8.11 -2.23 15.76
N GLY D 71 6.87 -2.42 16.19
CA GLY D 71 6.34 -1.67 17.31
C GLY D 71 6.87 -2.12 18.65
N TYR D 72 7.41 -3.33 18.73
CA TYR D 72 8.06 -3.75 19.96
C TYR D 72 9.40 -3.08 20.12
N SER D 73 10.11 -2.82 19.01
CA SER D 73 11.44 -2.24 19.10
C SER D 73 11.39 -0.78 19.52
N ILE D 74 10.32 -0.07 19.18
CA ILE D 74 10.18 1.32 19.60
C ILE D 74 9.82 1.40 21.07
N LEU D 75 8.82 0.63 21.48
CA LEU D 75 8.22 0.79 22.79
C LEU D 75 9.06 0.22 23.91
N VAL D 76 9.97 -0.71 23.62
CA VAL D 76 10.72 -1.35 24.70
C VAL D 76 11.79 -0.43 25.26
N ASN D 77 12.18 0.62 24.53
CA ASN D 77 13.21 1.53 25.00
C ASN D 77 12.66 2.66 25.87
N VAL D 78 11.35 2.86 25.89
CA VAL D 78 10.73 3.86 26.74
C VAL D 78 9.88 3.23 27.83
N GLY D 79 10.03 1.93 28.05
CA GLY D 79 9.33 1.26 29.13
C GLY D 79 7.83 1.16 28.97
N SER D 80 7.36 0.99 27.74
CA SER D 80 5.93 0.95 27.45
C SER D 80 5.60 -0.19 26.52
N GLU D 81 6.12 -1.38 26.81
CA GLU D 81 5.76 -2.56 26.03
C GLU D 81 4.33 -3.01 26.27
N SER D 82 3.66 -2.49 27.30
CA SER D 82 2.26 -2.81 27.52
C SER D 82 1.34 -2.06 26.57
N MET D 83 1.83 -1.01 25.91
CA MET D 83 1.05 -0.30 24.90
C MET D 83 1.23 -0.88 23.51
N LEU D 84 1.65 -2.14 23.39
CA LEU D 84 1.84 -2.71 22.08
C LEU D 84 0.51 -2.99 21.40
N GLY D 85 -0.46 -3.49 22.15
CA GLY D 85 -1.76 -3.75 21.56
C GLY D 85 -2.53 -2.50 21.21
N THR D 86 -2.23 -1.40 21.87
CA THR D 86 -2.88 -0.13 21.54
C THR D 86 -2.35 0.41 20.22
N MET D 87 -1.04 0.36 20.02
CA MET D 87 -0.49 0.93 18.80
C MET D 87 -0.65 0.02 17.60
N VAL D 88 -0.77 -1.28 17.80
CA VAL D 88 -1.01 -2.18 16.69
C VAL D 88 -2.44 -2.03 16.20
N SER D 89 -3.39 -2.00 17.13
CA SER D 89 -4.79 -1.90 16.75
C SER D 89 -5.15 -0.52 16.24
N LEU D 90 -4.53 0.53 16.76
CA LEU D 90 -4.87 1.86 16.28
C LEU D 90 -4.17 2.23 14.99
N THR D 91 -3.07 1.57 14.64
CA THR D 91 -2.46 1.81 13.35
C THR D 91 -3.27 1.17 12.23
N LEU D 92 -3.81 -0.03 12.48
CA LEU D 92 -4.62 -0.70 11.49
C LEU D 92 -5.98 -0.03 11.33
N LEU D 93 -6.64 0.27 12.44
CA LEU D 93 -8.06 0.63 12.40
C LEU D 93 -8.28 2.00 11.78
N ARG D 94 -7.30 2.88 11.87
CA ARG D 94 -7.49 4.22 11.36
C ARG D 94 -6.62 4.57 10.16
N GLU D 95 -5.52 3.85 9.93
CA GLU D 95 -4.68 4.13 8.77
C GLU D 95 -4.57 2.98 7.78
N LEU D 96 -4.09 1.81 8.22
CA LEU D 96 -3.55 0.86 7.27
C LEU D 96 -4.60 -0.07 6.70
N ALA D 97 -5.57 -0.47 7.49
CA ALA D 97 -6.58 -1.38 6.97
C ALA D 97 -7.54 -0.74 5.97
N PRO D 98 -7.95 0.54 6.09
CA PRO D 98 -8.70 1.12 4.96
C PRO D 98 -7.88 1.32 3.71
N VAL D 99 -6.58 1.62 3.82
CA VAL D 99 -5.80 2.06 2.66
C VAL D 99 -5.19 0.88 1.93
N VAL D 100 -4.54 -0.05 2.64
CA VAL D 100 -3.87 -1.15 1.97
C VAL D 100 -4.88 -2.15 1.43
N ALA D 101 -6.02 -2.31 2.09
CA ALA D 101 -7.04 -3.20 1.53
C ALA D 101 -7.73 -2.58 0.32
N ALA D 102 -7.65 -1.28 0.15
CA ALA D 102 -8.19 -0.65 -1.05
C ALA D 102 -7.20 -0.63 -2.20
N LEU D 103 -5.91 -0.84 -1.92
CA LEU D 103 -4.93 -0.91 -2.99
C LEU D 103 -4.83 -2.32 -3.57
N LEU D 104 -5.22 -3.32 -2.79
CA LEU D 104 -5.29 -4.69 -3.30
C LEU D 104 -6.64 -5.00 -3.92
N PHE D 105 -7.67 -4.26 -3.56
CA PHE D 105 -8.97 -4.39 -4.21
C PHE D 105 -8.96 -3.74 -5.58
N ALA D 106 -8.25 -2.64 -5.75
CA ALA D 106 -8.16 -2.00 -7.05
C ALA D 106 -7.32 -2.82 -8.02
N GLY D 107 -6.43 -3.64 -7.52
CA GLY D 107 -5.58 -4.44 -8.37
C GLY D 107 -6.22 -5.75 -8.78
N ARG D 108 -6.88 -6.42 -7.84
CA ARG D 108 -7.48 -7.71 -8.15
C ARG D 108 -8.92 -7.58 -8.61
N ALA D 109 -9.79 -7.04 -7.75
CA ALA D 109 -11.20 -7.02 -8.08
C ALA D 109 -11.60 -5.81 -8.90
N GLY D 110 -10.74 -4.81 -8.99
CA GLY D 110 -11.03 -3.66 -9.81
C GLY D 110 -10.61 -3.87 -11.24
N SER D 111 -9.43 -4.43 -11.44
CA SER D 111 -8.94 -4.68 -12.78
C SER D 111 -9.59 -5.88 -13.44
N ALA D 112 -10.24 -6.75 -12.67
CA ALA D 112 -11.01 -7.83 -13.25
C ALA D 112 -12.43 -7.41 -13.63
N LEU D 113 -12.93 -6.32 -13.06
CA LEU D 113 -14.23 -5.82 -13.47
C LEU D 113 -14.16 -5.07 -14.79
N THR D 114 -13.04 -4.40 -15.06
CA THR D 114 -12.89 -3.67 -16.30
C THR D 114 -12.39 -4.54 -17.44
N ALA D 115 -12.06 -5.80 -17.17
CA ALA D 115 -11.75 -6.75 -18.21
C ALA D 115 -12.96 -7.56 -18.61
N GLU D 116 -13.87 -7.79 -17.67
CA GLU D 116 -15.09 -8.53 -17.96
C GLU D 116 -16.08 -7.68 -18.73
N ILE D 117 -16.26 -6.42 -18.32
CA ILE D 117 -17.16 -5.53 -19.04
C ILE D 117 -16.57 -5.13 -20.38
N GLY D 118 -15.24 -5.05 -20.46
CA GLY D 118 -14.61 -4.64 -21.71
C GLY D 118 -14.61 -5.69 -22.78
N SER D 119 -14.59 -6.97 -22.40
CA SER D 119 -14.67 -8.04 -23.39
C SER D 119 -16.10 -8.33 -23.79
N MET D 120 -17.08 -7.91 -23.01
CA MET D 120 -18.45 -7.91 -23.48
C MET D 120 -18.67 -6.86 -24.54
N LYS D 121 -17.93 -5.76 -24.47
CA LYS D 121 -18.08 -4.70 -25.45
C LYS D 121 -17.38 -5.06 -26.76
N GLN D 122 -16.28 -5.79 -26.68
CA GLN D 122 -15.55 -6.17 -27.89
C GLN D 122 -16.29 -7.23 -28.68
N SER D 123 -16.79 -8.25 -27.99
CA SER D 123 -17.51 -9.33 -28.63
C SER D 123 -18.97 -9.00 -28.89
N GLU D 124 -19.36 -7.74 -28.67
CA GLU D 124 -20.62 -7.15 -29.07
C GLU D 124 -21.82 -7.79 -28.38
N GLN D 125 -21.61 -8.22 -27.13
CA GLN D 125 -22.74 -8.64 -26.31
C GLN D 125 -23.48 -7.45 -25.73
N LEU D 126 -22.82 -6.31 -25.60
CA LEU D 126 -23.52 -5.13 -25.10
C LEU D 126 -24.36 -4.49 -26.20
N ALA D 127 -23.93 -4.57 -27.45
CA ALA D 127 -24.73 -4.05 -28.54
C ALA D 127 -25.85 -5.00 -28.91
N SER D 128 -25.66 -6.29 -28.68
CA SER D 128 -26.71 -7.25 -28.97
C SER D 128 -27.79 -7.23 -27.90
N MET D 129 -27.42 -6.92 -26.67
CA MET D 129 -28.40 -6.81 -25.59
C MET D 129 -29.23 -5.55 -25.74
N GLU D 130 -28.65 -4.49 -26.28
CA GLU D 130 -29.37 -3.23 -26.42
C GLU D 130 -30.39 -3.30 -27.54
N MET D 131 -30.04 -3.95 -28.65
CA MET D 131 -30.98 -4.06 -29.76
C MET D 131 -32.09 -5.06 -29.50
N ILE D 132 -31.96 -5.90 -28.49
CA ILE D 132 -33.08 -6.73 -28.07
C ILE D 132 -34.11 -5.89 -27.33
N GLY D 133 -33.65 -4.94 -26.54
CA GLY D 133 -34.54 -4.04 -25.83
C GLY D 133 -34.30 -4.06 -24.34
N VAL D 134 -33.09 -4.44 -23.94
CA VAL D 134 -32.69 -4.47 -22.54
C VAL D 134 -31.54 -3.49 -22.37
N ASP D 135 -31.65 -2.61 -21.40
CA ASP D 135 -30.58 -1.67 -21.11
C ASP D 135 -29.41 -2.41 -20.47
N PRO D 136 -28.21 -2.38 -21.06
CA PRO D 136 -27.08 -3.05 -20.43
C PRO D 136 -26.53 -2.32 -19.21
N LEU D 137 -26.92 -1.06 -18.99
CA LEU D 137 -26.52 -0.39 -17.76
C LEU D 137 -27.25 -0.96 -16.54
N LYS D 138 -28.43 -1.52 -16.75
CA LYS D 138 -29.18 -2.10 -15.64
C LYS D 138 -28.92 -3.59 -15.50
N GLN D 139 -28.72 -4.28 -16.61
CA GLN D 139 -28.59 -5.73 -16.57
C GLN D 139 -27.17 -6.16 -16.21
N ILE D 140 -26.17 -5.45 -16.71
CA ILE D 140 -24.78 -5.86 -16.60
C ILE D 140 -24.02 -4.97 -15.62
N VAL D 141 -24.15 -3.66 -15.76
CA VAL D 141 -23.31 -2.73 -15.02
C VAL D 141 -23.77 -2.57 -13.58
N SER D 142 -25.05 -2.47 -13.35
CA SER D 142 -25.61 -2.19 -12.03
C SER D 142 -25.48 -3.30 -10.99
N PRO D 143 -25.52 -4.60 -11.31
CA PRO D 143 -25.15 -5.58 -10.27
C PRO D 143 -23.68 -5.55 -9.91
N ARG D 144 -22.81 -5.15 -10.84
CA ARG D 144 -21.38 -5.15 -10.56
C ARG D 144 -20.96 -3.96 -9.74
N LEU D 145 -21.69 -2.85 -9.82
CA LEU D 145 -21.36 -1.68 -9.01
C LEU D 145 -21.72 -1.91 -7.57
N TRP D 146 -22.93 -2.43 -7.30
CA TRP D 146 -23.37 -2.63 -5.93
C TRP D 146 -22.63 -3.76 -5.23
N ALA D 147 -22.08 -4.71 -5.97
CA ALA D 147 -21.35 -5.78 -5.34
C ALA D 147 -19.97 -5.36 -4.89
N GLY D 148 -19.47 -4.24 -5.37
CA GLY D 148 -18.18 -3.75 -4.95
C GLY D 148 -18.28 -2.77 -3.80
N ILE D 149 -19.40 -2.05 -3.73
CA ILE D 149 -19.64 -1.15 -2.61
C ILE D 149 -19.90 -1.93 -1.34
N VAL D 150 -20.47 -3.13 -1.46
CA VAL D 150 -20.71 -3.93 -0.26
C VAL D 150 -19.48 -4.75 0.11
N SER D 151 -18.70 -5.22 -0.85
CA SER D 151 -17.66 -6.19 -0.53
C SER D 151 -16.39 -5.56 0.00
N LEU D 152 -16.09 -4.31 -0.29
CA LEU D 152 -14.84 -3.79 0.24
C LEU D 152 -14.92 -3.40 1.72
N PRO D 153 -15.98 -2.77 2.24
CA PRO D 153 -16.06 -2.62 3.70
C PRO D 153 -16.22 -3.91 4.45
N MET D 154 -16.69 -4.98 3.82
CA MET D 154 -16.69 -6.28 4.47
C MET D 154 -15.31 -6.91 4.48
N LEU D 155 -14.40 -6.43 3.64
CA LEU D 155 -13.08 -7.02 3.54
C LEU D 155 -12.00 -6.27 4.30
N THR D 156 -12.25 -5.01 4.68
CA THR D 156 -11.30 -4.35 5.56
C THR D 156 -11.54 -4.69 7.02
N VAL D 157 -12.73 -5.15 7.37
CA VAL D 157 -12.97 -5.64 8.73
C VAL D 157 -12.26 -6.97 8.93
N ILE D 158 -12.24 -7.81 7.90
CA ILE D 158 -11.47 -9.05 7.98
C ILE D 158 -9.98 -8.75 7.88
N PHE D 159 -9.60 -7.65 7.20
CA PHE D 159 -8.20 -7.26 7.14
C PHE D 159 -7.69 -6.82 8.50
N ALA D 160 -8.48 -6.01 9.20
CA ALA D 160 -8.07 -5.50 10.51
C ALA D 160 -8.12 -6.57 11.58
N ALA D 161 -8.99 -7.57 11.44
CA ALA D 161 -9.10 -8.59 12.46
C ALA D 161 -7.92 -9.55 12.44
N ILE D 162 -7.44 -9.94 11.26
CA ILE D 162 -6.27 -10.81 11.21
C ILE D 162 -4.98 -10.04 11.41
N GLY D 163 -4.98 -8.73 11.19
CA GLY D 163 -3.80 -7.95 11.49
C GLY D 163 -3.54 -7.83 12.98
N ILE D 164 -4.61 -7.79 13.77
CA ILE D 164 -4.47 -7.77 15.22
C ILE D 164 -4.12 -9.15 15.75
N VAL D 165 -4.68 -10.19 15.13
CA VAL D 165 -4.34 -11.56 15.51
C VAL D 165 -2.91 -11.88 15.12
N GLY D 166 -2.46 -11.37 13.97
CA GLY D 166 -1.08 -11.56 13.58
C GLY D 166 -0.10 -10.77 14.42
N GLY D 167 -0.51 -9.59 14.90
CA GLY D 167 0.35 -8.80 15.76
C GLY D 167 0.39 -9.30 17.18
N LYS D 168 -0.69 -9.95 17.64
CA LYS D 168 -0.67 -10.61 18.93
C LYS D 168 0.21 -11.85 18.90
N LEU D 169 0.32 -12.49 17.75
CA LEU D 169 1.07 -13.73 17.66
C LEU D 169 2.57 -13.49 17.72
N VAL D 170 3.05 -12.40 17.16
CA VAL D 170 4.48 -12.13 17.26
C VAL D 170 4.81 -11.41 18.57
N GLY D 171 3.93 -10.56 19.05
CA GLY D 171 4.18 -9.82 20.28
C GLY D 171 4.07 -10.67 21.52
N VAL D 172 2.93 -11.32 21.73
CA VAL D 172 2.73 -12.07 22.96
C VAL D 172 3.42 -13.42 22.89
N ASP D 173 3.23 -14.15 21.78
CA ASP D 173 3.64 -15.55 21.74
C ASP D 173 5.09 -15.75 21.33
N PHE D 174 5.79 -14.74 20.85
CA PHE D 174 7.19 -14.90 20.50
C PHE D 174 8.11 -13.94 21.22
N LEU D 175 7.73 -12.67 21.35
CA LEU D 175 8.56 -11.70 22.04
C LEU D 175 8.27 -11.64 23.53
N GLY D 176 7.14 -12.16 23.96
CA GLY D 176 6.89 -12.38 25.36
C GLY D 176 6.44 -11.18 26.15
N VAL D 177 5.38 -10.51 25.70
CA VAL D 177 4.71 -9.53 26.50
C VAL D 177 3.52 -10.19 27.17
N ASP D 178 2.96 -9.54 28.17
CA ASP D 178 1.89 -10.14 28.96
C ASP D 178 0.60 -10.15 28.16
N GLU D 179 -0.11 -11.28 28.19
CA GLU D 179 -1.32 -11.42 27.38
C GLU D 179 -2.46 -10.57 27.94
N GLY D 180 -2.57 -10.51 29.27
CA GLY D 180 -3.64 -9.75 29.87
C GLY D 180 -3.47 -8.26 29.72
N SER D 181 -2.23 -7.79 29.63
CA SER D 181 -1.96 -6.39 29.37
C SER D 181 -2.09 -6.03 27.90
N PHE D 182 -2.02 -7.02 27.01
CA PHE D 182 -2.23 -6.76 25.59
C PHE D 182 -3.67 -6.38 25.33
N TRP D 183 -4.61 -7.13 25.89
CA TRP D 183 -6.02 -6.90 25.59
C TRP D 183 -6.61 -5.80 26.45
N SER D 184 -6.11 -5.61 27.68
CA SER D 184 -6.67 -4.59 28.55
C SER D 184 -6.24 -3.19 28.15
N GLY D 185 -5.02 -3.02 27.64
CA GLY D 185 -4.64 -1.73 27.10
C GLY D 185 -5.36 -1.41 25.81
N MET D 186 -5.74 -2.44 25.06
CA MET D 186 -6.53 -2.25 23.86
C MET D 186 -7.97 -1.90 24.16
N GLN D 187 -8.58 -2.53 25.17
CA GLN D 187 -9.96 -2.24 25.49
C GLN D 187 -10.14 -0.91 26.20
N ASN D 188 -9.06 -0.25 26.58
CA ASN D 188 -9.12 1.00 27.31
C ASN D 188 -9.04 2.21 26.41
N ASN D 189 -8.16 2.17 25.40
CA ASN D 189 -7.90 3.30 24.54
C ASN D 189 -8.62 3.24 23.20
N VAL D 190 -9.05 2.06 22.78
CA VAL D 190 -9.77 1.94 21.52
C VAL D 190 -11.27 2.04 21.76
N GLN D 191 -11.88 3.04 21.15
CA GLN D 191 -13.32 3.22 21.21
C GLN D 191 -13.94 2.62 19.97
N PHE D 192 -15.21 2.26 20.08
CA PHE D 192 -15.92 1.69 18.93
C PHE D 192 -16.40 2.74 17.96
N GLY D 193 -16.97 3.85 18.44
CA GLY D 193 -17.53 4.83 17.54
C GLY D 193 -16.50 5.70 16.89
N HIS D 194 -15.38 5.95 17.57
CA HIS D 194 -14.38 6.88 17.07
C HIS D 194 -13.27 6.18 16.29
N ASP D 195 -13.03 4.91 16.55
CA ASP D 195 -11.92 4.22 15.90
C ASP D 195 -12.33 3.10 14.96
N VAL D 196 -13.36 2.35 15.28
CA VAL D 196 -13.80 1.23 14.46
C VAL D 196 -14.79 1.69 13.40
N VAL D 197 -15.77 2.51 13.78
CA VAL D 197 -16.75 2.99 12.82
C VAL D 197 -16.14 4.02 11.89
N ASN D 198 -15.15 4.78 12.35
CA ASN D 198 -14.47 5.72 11.46
C ASN D 198 -13.58 5.02 10.45
N GLY D 199 -13.20 3.77 10.68
CA GLY D 199 -12.50 3.02 9.67
C GLY D 199 -13.43 2.41 8.63
N ILE D 200 -14.67 2.16 9.01
CA ILE D 200 -15.65 1.65 8.05
C ILE D 200 -16.16 2.77 7.16
N ILE D 201 -16.27 3.99 7.69
CA ILE D 201 -16.70 5.14 6.88
C ILE D 201 -15.66 5.47 5.83
N LYS D 202 -14.38 5.24 6.12
CA LYS D 202 -13.33 5.42 5.12
C LYS D 202 -13.47 4.41 3.98
N SER D 203 -13.67 3.15 4.31
CA SER D 203 -13.71 2.10 3.30
C SER D 203 -14.99 2.08 2.48
N ILE D 204 -16.02 2.82 2.87
CA ILE D 204 -17.19 2.97 2.02
C ILE D 204 -16.95 4.05 0.98
N VAL D 205 -16.21 5.09 1.36
CA VAL D 205 -15.81 6.12 0.41
C VAL D 205 -14.84 5.55 -0.61
N PHE D 206 -13.94 4.68 -0.18
CA PHE D 206 -12.97 4.10 -1.09
C PHE D 206 -13.61 3.07 -2.01
N ALA D 207 -14.63 2.36 -1.53
CA ALA D 207 -15.28 1.35 -2.35
C ALA D 207 -16.14 1.97 -3.43
N LEU D 208 -16.65 3.17 -3.19
CA LEU D 208 -17.38 3.87 -4.22
C LEU D 208 -16.44 4.36 -5.32
N LEU D 209 -15.27 4.87 -4.94
CA LEU D 209 -14.34 5.38 -5.94
C LEU D 209 -13.66 4.26 -6.71
N CYS D 210 -13.32 3.16 -6.05
CA CYS D 210 -12.59 2.09 -6.71
C CYS D 210 -13.47 1.31 -7.67
N THR D 211 -14.79 1.32 -7.47
CA THR D 211 -15.69 0.55 -8.29
C THR D 211 -16.30 1.40 -9.40
N TRP D 212 -16.53 2.69 -9.14
CA TRP D 212 -17.03 3.58 -10.18
C TRP D 212 -15.98 3.81 -11.26
N ILE D 213 -14.70 3.81 -10.90
CA ILE D 213 -13.67 3.93 -11.92
C ILE D 213 -13.55 2.63 -12.70
N ALA D 214 -13.58 1.49 -12.02
CA ALA D 214 -13.41 0.20 -12.68
C ALA D 214 -14.55 -0.14 -13.62
N VAL D 215 -15.76 0.29 -13.28
CA VAL D 215 -16.93 0.03 -14.10
C VAL D 215 -16.99 0.97 -15.30
N PHE D 216 -16.56 2.22 -15.12
CA PHE D 216 -16.60 3.18 -16.21
C PHE D 216 -15.59 2.86 -17.29
N GLN D 217 -14.40 2.41 -16.91
CA GLN D 217 -13.35 2.18 -17.89
C GLN D 217 -13.62 0.98 -18.76
N GLY D 218 -14.41 0.02 -18.29
CA GLY D 218 -14.80 -1.09 -19.13
C GLY D 218 -15.95 -0.76 -20.05
N TYR D 219 -16.85 0.12 -19.60
CA TYR D 219 -17.98 0.51 -20.43
C TYR D 219 -17.56 1.47 -21.52
N ALA D 220 -16.80 2.50 -21.16
CA ALA D 220 -16.27 3.44 -22.15
C ALA D 220 -14.88 3.04 -22.61
N CYS D 221 -14.74 1.80 -23.03
CA CYS D 221 -13.48 1.22 -23.43
C CYS D 221 -13.25 1.48 -24.92
N ASP D 222 -12.22 0.88 -25.47
CA ASP D 222 -11.96 0.88 -26.91
C ASP D 222 -11.92 -0.56 -27.38
N PRO D 223 -12.96 -1.05 -28.06
CA PRO D 223 -13.12 -2.50 -28.25
C PRO D 223 -12.13 -3.08 -29.24
N THR D 224 -10.90 -3.30 -28.76
CA THR D 224 -9.72 -3.57 -29.53
C THR D 224 -8.82 -4.23 -28.50
N PRO D 225 -8.12 -5.32 -28.83
CA PRO D 225 -7.47 -6.13 -27.78
C PRO D 225 -6.37 -5.43 -27.00
N GLU D 226 -5.70 -4.43 -27.55
CA GLU D 226 -4.86 -3.59 -26.70
C GLU D 226 -5.50 -2.25 -26.38
N GLY D 227 -6.83 -2.14 -26.49
CA GLY D 227 -7.53 -1.00 -25.96
C GLY D 227 -8.21 -1.39 -24.67
N ILE D 228 -8.40 -2.69 -24.50
CA ILE D 228 -8.87 -3.23 -23.24
C ILE D 228 -7.74 -3.23 -22.23
N ALA D 229 -6.53 -3.62 -22.67
CA ALA D 229 -5.40 -3.70 -21.75
C ALA D 229 -4.90 -2.34 -21.35
N THR D 230 -5.13 -1.33 -22.17
CA THR D 230 -4.83 0.04 -21.76
C THR D 230 -5.82 0.51 -20.71
N ALA D 231 -7.04 0.01 -20.75
CA ALA D 231 -8.04 0.41 -19.77
C ALA D 231 -7.84 -0.26 -18.44
N MET D 232 -7.28 -1.47 -18.41
CA MET D 232 -7.08 -2.18 -17.16
C MET D 232 -6.00 -1.55 -16.32
N THR D 233 -4.99 -0.94 -16.94
CA THR D 233 -3.98 -0.24 -16.17
C THR D 233 -4.38 1.19 -15.86
N ARG D 234 -5.51 1.65 -16.38
CA ARG D 234 -6.01 2.95 -15.98
C ARG D 234 -6.84 2.85 -14.71
N THR D 235 -7.45 1.71 -14.45
CA THR D 235 -8.21 1.58 -13.21
C THR D 235 -7.31 1.31 -12.03
N VAL D 236 -6.08 0.85 -12.25
CA VAL D 236 -5.18 0.66 -11.13
C VAL D 236 -4.49 1.98 -10.78
N VAL D 237 -4.21 2.81 -11.79
CA VAL D 237 -3.55 4.08 -11.53
C VAL D 237 -4.53 5.10 -10.97
N TYR D 238 -5.73 5.18 -11.53
CA TYR D 238 -6.66 6.21 -11.09
C TYR D 238 -7.26 5.89 -9.74
N SER D 239 -7.38 4.61 -9.39
CA SER D 239 -7.92 4.26 -8.09
C SER D 239 -6.90 4.45 -7.00
N SER D 240 -5.62 4.22 -7.29
CA SER D 240 -4.59 4.40 -6.27
C SER D 240 -4.34 5.85 -5.95
N LEU D 241 -4.47 6.74 -6.94
CA LEU D 241 -4.34 8.16 -6.67
C LEU D 241 -5.54 8.71 -5.94
N CYS D 242 -6.71 8.13 -6.15
CA CYS D 242 -7.91 8.59 -5.46
C CYS D 242 -7.98 8.06 -4.04
N VAL D 243 -7.43 6.87 -3.80
CA VAL D 243 -7.42 6.32 -2.45
C VAL D 243 -6.46 7.10 -1.56
N LEU D 244 -5.24 7.36 -2.07
CA LEU D 244 -4.28 8.10 -1.27
C LEU D 244 -4.61 9.58 -1.20
N GLY D 245 -5.38 10.10 -2.14
CA GLY D 245 -5.73 11.51 -2.12
C GLY D 245 -6.85 11.80 -1.15
N PHE D 246 -7.88 10.95 -1.15
CA PHE D 246 -8.99 11.09 -0.22
C PHE D 246 -8.64 10.61 1.19
N ASP D 247 -7.50 9.94 1.37
CA ASP D 247 -7.13 9.50 2.71
C ASP D 247 -6.61 10.66 3.54
N PHE D 248 -5.91 11.61 2.93
CA PHE D 248 -5.46 12.78 3.66
C PHE D 248 -6.63 13.66 4.07
N VAL D 249 -7.66 13.75 3.22
CA VAL D 249 -8.80 14.58 3.53
C VAL D 249 -9.63 13.98 4.66
N LEU D 250 -9.71 12.66 4.72
CA LEU D 250 -10.55 12.03 5.72
C LEU D 250 -9.87 11.96 7.08
N THR D 251 -8.54 11.93 7.15
CA THR D 251 -7.89 11.93 8.47
C THR D 251 -7.82 13.32 9.05
N ALA D 252 -7.75 14.34 8.20
CA ALA D 252 -7.78 15.71 8.69
C ALA D 252 -9.12 16.10 9.27
N VAL D 253 -10.19 15.40 8.90
CA VAL D 253 -11.50 15.64 9.47
C VAL D 253 -11.74 14.75 10.69
N MET D 254 -11.46 13.47 10.57
CA MET D 254 -11.76 12.53 11.64
C MET D 254 -10.76 12.63 12.79
N PHE D 255 -9.47 12.71 12.49
CA PHE D 255 -8.45 12.68 13.54
C PHE D 255 -7.54 13.89 13.47
N GLY D 256 -8.12 15.08 13.36
CA GLY D 256 -7.32 16.29 13.28
C GLY D 256 -7.89 17.42 14.11
N THR E 10 -43.01 -2.74 -55.26
CA THR E 10 -41.82 -2.14 -54.67
C THR E 10 -42.16 -1.43 -53.36
N GLN E 11 -42.93 -2.09 -52.51
CA GLN E 11 -43.27 -1.54 -51.21
C GLN E 11 -42.09 -1.74 -50.26
N SER E 12 -41.58 -0.65 -49.72
CA SER E 12 -40.35 -0.66 -48.95
C SER E 12 -40.64 -0.65 -47.46
N LEU E 13 -39.98 -1.53 -46.71
CA LEU E 13 -40.13 -1.57 -45.27
C LEU E 13 -39.25 -0.52 -44.59
N ILE E 14 -37.94 -0.64 -44.75
CA ILE E 14 -36.99 0.39 -44.32
C ILE E 14 -36.69 1.24 -45.54
N GLU E 15 -36.66 2.55 -45.36
CA GLU E 15 -36.37 3.47 -46.46
C GLU E 15 -35.49 4.59 -45.94
N VAL E 16 -34.27 4.67 -46.45
CA VAL E 16 -33.27 5.61 -45.96
C VAL E 16 -33.22 6.81 -46.90
N LYS E 17 -33.10 8.00 -46.34
CA LYS E 17 -33.15 9.24 -47.11
C LYS E 17 -32.11 10.22 -46.58
N ASN E 18 -31.00 10.35 -47.30
CA ASN E 18 -30.05 11.46 -47.19
C ASN E 18 -29.43 11.57 -45.80
N LEU E 19 -28.66 10.56 -45.42
CA LEU E 19 -28.03 10.59 -44.10
C LEU E 19 -26.53 10.77 -44.24
N SER E 20 -25.90 11.12 -43.13
CA SER E 20 -24.46 11.35 -43.09
C SER E 20 -23.93 10.93 -41.73
N PHE E 21 -22.85 10.18 -41.73
CA PHE E 21 -22.23 9.72 -40.50
C PHE E 21 -20.75 9.98 -40.57
N ASN E 22 -20.13 10.14 -39.40
CA ASN E 22 -18.70 10.38 -39.32
C ASN E 22 -18.17 9.76 -38.03
N ARG E 23 -16.95 9.22 -38.11
CA ARG E 23 -16.31 8.55 -36.99
C ARG E 23 -14.84 8.94 -37.01
N GLY E 24 -14.50 9.98 -36.25
CA GLY E 24 -13.14 10.48 -36.21
C GLY E 24 -12.69 11.08 -37.51
N GLU E 25 -13.50 12.03 -38.03
CA GLU E 25 -13.35 12.64 -39.37
C GLU E 25 -13.08 11.60 -40.47
N ARG E 26 -13.77 10.46 -40.40
CA ARG E 26 -13.80 9.48 -41.48
C ARG E 26 -15.20 9.43 -42.04
N VAL E 27 -15.32 9.66 -43.34
CA VAL E 27 -16.62 9.75 -43.98
C VAL E 27 -17.20 8.36 -44.14
N ILE E 28 -18.40 8.16 -43.62
CA ILE E 28 -19.19 6.95 -43.83
C ILE E 28 -20.56 7.42 -44.25
N TYR E 29 -21.04 6.95 -45.41
CA TYR E 29 -22.36 7.30 -45.95
C TYR E 29 -22.51 8.81 -46.13
N ASP E 30 -21.83 9.36 -47.12
CA ASP E 30 -21.88 10.81 -47.39
C ASP E 30 -23.30 11.28 -47.68
N ASN E 31 -23.89 10.83 -48.77
CA ASN E 31 -25.27 11.18 -49.13
C ASN E 31 -25.80 10.02 -49.95
N ILE E 32 -26.68 9.22 -49.35
CA ILE E 32 -27.05 7.92 -49.89
C ILE E 32 -28.49 7.64 -49.50
N SER E 33 -29.24 7.06 -50.44
CA SER E 33 -30.63 6.69 -50.21
C SER E 33 -30.85 5.24 -50.61
N LEU E 34 -31.41 4.44 -49.70
CA LEU E 34 -31.60 3.02 -49.89
C LEU E 34 -33.05 2.63 -49.65
N ASN E 35 -33.52 1.66 -50.43
CA ASN E 35 -34.88 1.13 -50.28
C ASN E 35 -34.78 -0.35 -49.97
N ILE E 36 -35.32 -0.74 -48.82
CA ILE E 36 -35.35 -2.15 -48.41
C ILE E 36 -36.76 -2.66 -48.65
N ARG E 37 -36.97 -3.34 -49.77
CA ARG E 37 -38.30 -3.85 -50.09
C ARG E 37 -38.62 -5.07 -49.23
N ARG E 38 -39.92 -5.30 -49.04
CA ARG E 38 -40.37 -6.38 -48.18
C ARG E 38 -40.29 -7.72 -48.89
N GLY E 39 -40.01 -8.77 -48.12
CA GLY E 39 -39.97 -10.11 -48.65
C GLY E 39 -38.83 -10.40 -49.60
N GLN E 40 -37.74 -9.65 -49.53
CA GLN E 40 -36.64 -9.79 -50.47
C GLN E 40 -35.31 -9.65 -49.75
N ILE E 41 -34.33 -10.39 -50.23
CA ILE E 41 -32.97 -10.28 -49.72
C ILE E 41 -32.31 -9.07 -50.35
N THR E 42 -31.83 -8.16 -49.51
CA THR E 42 -31.13 -6.96 -49.97
C THR E 42 -29.71 -6.99 -49.43
N ALA E 43 -28.74 -6.95 -50.32
CA ALA E 43 -27.34 -7.01 -49.94
C ALA E 43 -26.68 -5.66 -50.14
N ILE E 44 -25.73 -5.35 -49.25
CA ILE E 44 -24.96 -4.13 -49.31
C ILE E 44 -23.49 -4.54 -49.32
N MET E 45 -22.92 -4.66 -50.51
CA MET E 45 -21.52 -5.04 -50.65
C MET E 45 -20.66 -3.79 -50.72
N GLY E 46 -19.37 -3.99 -50.46
CA GLY E 46 -18.44 -2.90 -50.45
C GLY E 46 -17.07 -3.34 -49.98
N PRO E 47 -16.07 -2.46 -50.13
CA PRO E 47 -14.74 -2.81 -49.65
C PRO E 47 -14.65 -2.73 -48.14
N SER E 48 -13.78 -3.57 -47.58
CA SER E 48 -13.65 -3.63 -46.13
C SER E 48 -12.80 -2.48 -45.62
N GLY E 49 -12.72 -2.38 -44.29
CA GLY E 49 -12.10 -1.25 -43.65
C GLY E 49 -13.02 -0.08 -43.43
N THR E 50 -14.16 -0.05 -44.11
CA THR E 50 -15.14 1.00 -43.96
C THR E 50 -16.09 0.64 -42.82
N GLY E 51 -17.16 1.40 -42.70
CA GLY E 51 -18.12 1.22 -41.63
C GLY E 51 -19.38 0.53 -42.11
N LYS E 52 -19.21 -0.57 -42.85
CA LYS E 52 -20.33 -1.25 -43.51
C LYS E 52 -21.39 -1.72 -42.52
N THR E 53 -20.97 -2.14 -41.34
CA THR E 53 -21.94 -2.61 -40.36
C THR E 53 -22.59 -1.49 -39.58
N THR E 54 -22.27 -0.23 -39.85
CA THR E 54 -22.87 0.85 -39.07
C THR E 54 -24.26 1.20 -39.54
N LEU E 55 -24.72 0.68 -40.68
CA LEU E 55 -26.11 0.90 -41.06
C LEU E 55 -27.05 0.09 -40.18
N LEU E 56 -26.66 -1.14 -39.87
CA LEU E 56 -27.49 -1.98 -39.01
C LEU E 56 -27.52 -1.49 -37.57
N ARG E 57 -26.52 -0.72 -37.15
CA ARG E 57 -26.59 -0.05 -35.86
C ARG E 57 -27.51 1.16 -35.89
N LEU E 58 -27.77 1.71 -37.08
CA LEU E 58 -28.70 2.83 -37.21
C LEU E 58 -30.14 2.37 -37.40
N ILE E 59 -30.34 1.22 -38.02
CA ILE E 59 -31.70 0.71 -38.22
C ILE E 59 -32.29 0.25 -36.90
N GLY E 60 -31.56 -0.59 -36.15
CA GLY E 60 -32.05 -1.03 -34.86
C GLY E 60 -32.04 0.09 -33.84
N GLY E 61 -31.12 1.02 -33.97
CA GLY E 61 -31.08 2.23 -33.19
C GLY E 61 -30.12 2.04 -32.05
N GLN E 62 -28.87 2.36 -32.31
CA GLN E 62 -27.84 2.46 -31.29
C GLN E 62 -26.96 3.68 -31.48
N LEU E 63 -26.77 4.13 -32.71
CA LEU E 63 -26.11 5.37 -33.05
C LEU E 63 -27.15 6.31 -33.66
N VAL E 64 -26.83 7.59 -33.68
CA VAL E 64 -27.72 8.62 -34.21
C VAL E 64 -27.07 9.23 -35.44
N PRO E 65 -27.78 9.36 -36.56
CA PRO E 65 -27.20 10.03 -37.72
C PRO E 65 -27.04 11.52 -37.49
N ASP E 66 -26.32 12.16 -38.41
CA ASP E 66 -25.96 13.57 -38.23
C ASP E 66 -26.76 14.52 -39.09
N GLN E 67 -27.13 14.13 -40.32
CA GLN E 67 -28.09 14.93 -41.07
C GLN E 67 -29.14 14.05 -41.74
N GLY E 68 -29.56 12.97 -41.10
CA GLY E 68 -30.44 12.08 -41.81
C GLY E 68 -31.60 11.53 -41.02
N GLU E 69 -32.54 10.91 -41.74
CA GLU E 69 -33.67 10.25 -41.13
C GLU E 69 -33.85 8.88 -41.77
N VAL E 70 -33.97 7.87 -40.93
CA VAL E 70 -34.21 6.49 -41.33
C VAL E 70 -35.67 6.19 -41.03
N LEU E 71 -36.42 5.76 -42.04
CA LEU E 71 -37.86 5.60 -41.91
C LEU E 71 -38.22 4.13 -41.81
N LEU E 72 -38.79 3.74 -40.67
CA LEU E 72 -39.37 2.42 -40.50
C LEU E 72 -40.87 2.56 -40.67
N ASP E 73 -41.36 2.18 -41.86
CA ASP E 73 -42.77 2.27 -42.24
C ASP E 73 -43.33 3.68 -42.07
N GLY E 74 -42.58 4.68 -42.50
CA GLY E 74 -42.97 6.06 -42.37
C GLY E 74 -42.52 6.72 -41.09
N LYS E 75 -42.36 5.97 -40.01
CA LYS E 75 -41.94 6.53 -38.74
C LYS E 75 -40.42 6.64 -38.70
N ASP E 76 -39.92 7.82 -38.32
CA ASP E 76 -38.50 8.01 -38.13
C ASP E 76 -38.04 7.42 -36.81
N ILE E 77 -36.86 6.79 -36.82
CA ILE E 77 -36.36 6.10 -35.65
C ILE E 77 -35.64 7.05 -34.70
N ALA E 78 -35.06 8.14 -35.21
CA ALA E 78 -34.40 9.11 -34.33
C ALA E 78 -35.42 9.90 -33.54
N GLN E 79 -36.49 10.36 -34.19
CA GLN E 79 -37.57 11.07 -33.50
C GLN E 79 -38.62 10.04 -33.10
N MET E 80 -38.35 9.37 -32.00
CA MET E 80 -39.14 8.22 -31.57
C MET E 80 -38.91 7.99 -30.09
N SER E 81 -39.99 7.91 -29.32
CA SER E 81 -39.91 7.90 -27.87
C SER E 81 -39.51 6.52 -27.35
N ARG E 82 -39.53 6.35 -26.04
CA ARG E 82 -38.99 5.15 -25.43
C ARG E 82 -39.93 3.96 -25.51
N GLN E 83 -41.23 4.18 -25.68
CA GLN E 83 -42.19 3.09 -25.85
C GLN E 83 -42.55 2.79 -27.29
N GLU E 84 -42.16 3.64 -28.24
CA GLU E 84 -42.23 3.22 -29.63
C GLU E 84 -40.96 2.52 -30.07
N LEU E 85 -39.81 2.93 -29.53
CA LEU E 85 -38.55 2.28 -29.88
C LEU E 85 -38.46 0.89 -29.27
N PHE E 86 -39.01 0.72 -28.06
CA PHE E 86 -39.04 -0.61 -27.45
C PHE E 86 -39.99 -1.54 -28.20
N ALA E 87 -41.03 -0.99 -28.81
CA ALA E 87 -41.96 -1.81 -29.57
C ALA E 87 -41.50 -2.00 -31.01
N ALA E 88 -40.62 -1.15 -31.51
CA ALA E 88 -40.05 -1.34 -32.84
C ALA E 88 -39.00 -2.44 -32.82
N ARG E 89 -38.23 -2.54 -31.74
CA ARG E 89 -37.19 -3.54 -31.61
C ARG E 89 -37.73 -4.93 -31.38
N ALA E 90 -39.03 -5.09 -31.14
CA ALA E 90 -39.63 -6.41 -31.09
C ALA E 90 -39.94 -6.95 -32.47
N ARG E 91 -39.73 -6.16 -33.51
CA ARG E 91 -39.92 -6.59 -34.89
C ARG E 91 -38.61 -6.80 -35.62
N MET E 92 -37.48 -6.70 -34.93
CA MET E 92 -36.19 -6.80 -35.57
C MET E 92 -35.33 -7.83 -34.86
N GLY E 93 -34.56 -8.59 -35.62
CA GLY E 93 -33.54 -9.45 -35.08
C GLY E 93 -32.23 -9.17 -35.78
N MET E 94 -31.14 -9.42 -35.08
CA MET E 94 -29.83 -9.17 -35.65
C MET E 94 -28.86 -10.25 -35.21
N LEU E 95 -28.20 -10.87 -36.18
CA LEU E 95 -27.17 -11.86 -35.92
C LEU E 95 -25.84 -11.19 -36.19
N PHE E 96 -25.04 -10.99 -35.14
CA PHE E 96 -23.73 -10.38 -35.30
C PHE E 96 -22.76 -11.38 -35.89
N GLN E 97 -21.56 -10.91 -36.21
CA GLN E 97 -20.62 -11.72 -36.98
C GLN E 97 -20.05 -12.85 -36.13
N SER E 98 -19.64 -12.54 -34.92
CA SER E 98 -19.15 -13.57 -34.02
C SER E 98 -20.27 -14.33 -33.33
N GLY E 99 -21.53 -13.95 -33.55
CA GLY E 99 -22.62 -14.59 -32.86
C GLY E 99 -22.60 -14.24 -31.40
N ALA E 100 -22.96 -13.01 -31.05
CA ALA E 100 -22.67 -12.45 -29.74
C ALA E 100 -23.54 -13.10 -28.68
N LEU E 101 -23.11 -14.28 -28.24
CA LEU E 101 -23.82 -15.02 -27.21
C LEU E 101 -23.38 -14.56 -25.84
N PHE E 102 -24.33 -14.41 -24.93
CA PHE E 102 -24.01 -14.09 -23.54
C PHE E 102 -23.33 -15.31 -22.91
N THR E 103 -22.07 -15.15 -22.53
CA THR E 103 -21.32 -16.25 -21.97
C THR E 103 -22.11 -17.02 -20.94
N ASP E 104 -21.86 -16.75 -19.67
CA ASP E 104 -22.57 -17.41 -18.59
C ASP E 104 -24.07 -17.30 -18.79
N MET E 105 -24.69 -18.32 -19.38
CA MET E 105 -26.13 -18.29 -19.61
C MET E 105 -26.71 -19.59 -20.14
N SER E 106 -25.91 -20.35 -20.87
CA SER E 106 -26.37 -21.62 -21.43
C SER E 106 -27.25 -21.41 -22.65
N VAL E 107 -27.35 -22.44 -23.47
CA VAL E 107 -28.14 -22.40 -24.69
C VAL E 107 -29.63 -22.16 -24.47
N TYR E 108 -30.16 -22.54 -23.32
CA TYR E 108 -31.59 -22.32 -23.07
C TYR E 108 -31.93 -20.87 -22.74
N GLU E 109 -31.16 -20.22 -21.87
CA GLU E 109 -31.50 -18.85 -21.52
C GLU E 109 -30.85 -17.83 -22.45
N ASN E 110 -30.09 -18.26 -23.44
CA ASN E 110 -29.75 -17.37 -24.54
C ASN E 110 -30.94 -17.19 -25.47
N VAL E 111 -31.57 -18.29 -25.88
CA VAL E 111 -32.69 -18.22 -26.80
C VAL E 111 -33.90 -17.59 -26.13
N ALA E 112 -34.07 -17.84 -24.84
CA ALA E 112 -35.22 -17.32 -24.12
C ALA E 112 -35.01 -15.92 -23.59
N PHE E 113 -33.87 -15.28 -23.88
CA PHE E 113 -33.66 -13.92 -23.42
C PHE E 113 -34.58 -12.90 -24.08
N PRO E 114 -34.77 -12.85 -25.42
CA PRO E 114 -35.71 -11.86 -25.95
C PRO E 114 -37.16 -12.21 -25.73
N ILE E 115 -37.47 -13.46 -25.40
CA ILE E 115 -38.84 -13.82 -25.08
C ILE E 115 -39.25 -13.21 -23.75
N ARG E 116 -38.43 -13.40 -22.71
CA ARG E 116 -38.71 -12.87 -21.39
C ARG E 116 -38.64 -11.35 -21.31
N ALA E 117 -38.12 -10.68 -22.33
CA ALA E 117 -38.12 -9.23 -22.35
C ALA E 117 -39.40 -8.66 -22.93
N HIS E 118 -39.98 -9.31 -23.94
CA HIS E 118 -41.26 -8.87 -24.49
C HIS E 118 -42.26 -10.03 -24.39
N THR E 119 -42.76 -10.32 -23.19
CA THR E 119 -43.83 -11.29 -22.85
C THR E 119 -44.07 -11.24 -21.36
N LYS E 120 -45.21 -11.79 -20.96
CA LYS E 120 -45.42 -12.36 -19.64
C LYS E 120 -45.99 -13.75 -19.92
N LEU E 121 -45.09 -14.71 -20.14
CA LEU E 121 -45.49 -16.05 -20.53
C LEU E 121 -45.17 -17.03 -19.42
N SER E 122 -45.86 -18.17 -19.44
CA SER E 122 -45.61 -19.21 -18.47
C SER E 122 -44.35 -19.98 -18.83
N GLU E 123 -43.89 -20.79 -17.88
CA GLU E 123 -42.63 -21.50 -18.05
C GLU E 123 -42.78 -22.67 -19.00
N ASN E 124 -43.97 -23.25 -19.11
CA ASN E 124 -44.15 -24.42 -19.95
C ASN E 124 -44.33 -24.07 -21.41
N LEU E 125 -44.70 -22.83 -21.72
CA LEU E 125 -44.76 -22.39 -23.11
C LEU E 125 -43.46 -21.76 -23.59
N ILE E 126 -42.67 -21.20 -22.69
CA ILE E 126 -41.33 -20.75 -23.05
C ILE E 126 -40.44 -21.93 -23.41
N ALA E 127 -40.54 -23.02 -22.65
CA ALA E 127 -39.76 -24.21 -22.95
C ALA E 127 -40.24 -24.95 -24.19
N GLU E 128 -41.39 -24.60 -24.74
CA GLU E 128 -41.81 -25.14 -26.02
C GLU E 128 -41.43 -24.25 -27.19
N LEU E 129 -41.36 -22.94 -26.98
CA LEU E 129 -40.84 -22.05 -28.01
C LEU E 129 -39.35 -22.27 -28.23
N VAL E 130 -38.60 -22.42 -27.15
CA VAL E 130 -37.16 -22.63 -27.25
C VAL E 130 -36.86 -23.97 -27.90
N ALA E 131 -37.67 -24.99 -27.63
CA ALA E 131 -37.43 -26.29 -28.23
C ALA E 131 -37.82 -26.32 -29.70
N LEU E 132 -38.71 -25.44 -30.13
CA LEU E 132 -39.07 -25.37 -31.54
C LEU E 132 -38.16 -24.44 -32.33
N LYS E 133 -37.62 -23.42 -31.69
CA LYS E 133 -36.67 -22.55 -32.37
C LYS E 133 -35.33 -23.24 -32.54
N LEU E 134 -34.87 -23.96 -31.52
CA LEU E 134 -33.60 -24.66 -31.61
C LEU E 134 -33.65 -25.82 -32.57
N GLU E 135 -34.82 -26.41 -32.76
CA GLU E 135 -34.92 -27.56 -33.64
C GLU E 135 -35.13 -27.13 -35.09
N SER E 136 -35.72 -25.94 -35.30
CA SER E 136 -35.84 -25.41 -36.65
C SER E 136 -34.49 -25.00 -37.22
N VAL E 137 -33.51 -24.77 -36.36
CA VAL E 137 -32.13 -24.55 -36.80
C VAL E 137 -31.41 -25.89 -36.92
N GLY E 138 -31.68 -26.81 -36.01
CA GLY E 138 -31.08 -28.13 -36.09
C GLY E 138 -30.30 -28.51 -34.86
N LEU E 139 -30.69 -27.94 -33.72
CA LEU E 139 -29.91 -27.99 -32.49
C LEU E 139 -30.80 -28.35 -31.31
N ARG E 140 -31.58 -29.43 -31.46
CA ARG E 140 -32.62 -29.73 -30.48
C ARG E 140 -32.03 -30.25 -29.17
N GLY E 141 -31.04 -31.11 -29.23
CA GLY E 141 -30.53 -31.70 -28.01
C GLY E 141 -29.62 -30.84 -27.17
N THR E 142 -29.19 -29.69 -27.68
CA THR E 142 -28.19 -28.86 -27.02
C THR E 142 -28.89 -27.65 -26.38
N GLU E 143 -29.34 -27.84 -25.15
CA GLU E 143 -30.06 -26.79 -24.44
C GLU E 143 -29.48 -26.45 -23.08
N GLN E 144 -28.78 -27.38 -22.43
CA GLN E 144 -28.38 -27.16 -21.05
C GLN E 144 -26.90 -26.85 -20.90
N LEU E 145 -26.14 -26.82 -21.98
CA LEU E 145 -24.70 -26.62 -21.92
C LEU E 145 -24.34 -25.18 -22.25
N MET E 146 -23.15 -24.79 -21.83
CA MET E 146 -22.73 -23.40 -21.86
C MET E 146 -22.36 -22.99 -23.28
N PRO E 147 -22.24 -21.68 -23.54
CA PRO E 147 -21.71 -21.27 -24.85
C PRO E 147 -20.30 -21.70 -25.10
N THR E 148 -19.46 -21.78 -24.08
CA THR E 148 -18.15 -22.40 -24.25
C THR E 148 -18.31 -23.88 -24.52
N GLU E 149 -17.37 -24.43 -25.29
CA GLU E 149 -17.43 -25.77 -25.87
C GLU E 149 -18.73 -25.98 -26.65
N LEU E 150 -18.85 -25.21 -27.74
CA LEU E 150 -19.96 -25.39 -28.67
C LEU E 150 -19.50 -25.50 -30.12
N SER E 151 -18.19 -25.59 -30.39
CA SER E 151 -17.65 -25.83 -31.74
C SER E 151 -18.07 -24.72 -32.71
N GLY E 152 -17.43 -23.56 -32.54
CA GLY E 152 -17.88 -22.24 -32.93
C GLY E 152 -18.63 -21.98 -34.23
N GLY E 153 -18.58 -22.90 -35.19
CA GLY E 153 -19.54 -22.86 -36.27
C GLY E 153 -20.98 -23.13 -35.85
N MET E 154 -21.18 -23.63 -34.63
CA MET E 154 -22.48 -23.83 -34.04
C MET E 154 -22.85 -22.74 -33.05
N ASN E 155 -21.92 -21.83 -32.73
CA ASN E 155 -22.29 -20.62 -31.99
C ASN E 155 -23.16 -19.71 -32.84
N ARG E 156 -22.92 -19.66 -34.14
CA ARG E 156 -23.71 -18.82 -35.04
C ARG E 156 -25.05 -19.44 -35.37
N ARG E 157 -25.34 -20.64 -34.91
CA ARG E 157 -26.65 -21.23 -35.08
C ARG E 157 -27.52 -21.11 -33.83
N VAL E 158 -26.91 -21.05 -32.65
CA VAL E 158 -27.65 -20.67 -31.46
C VAL E 158 -28.04 -19.20 -31.53
N ALA E 159 -27.14 -18.36 -32.04
CA ALA E 159 -27.40 -16.93 -32.15
C ALA E 159 -28.38 -16.61 -33.26
N LEU E 160 -28.65 -17.56 -34.16
CA LEU E 160 -29.70 -17.36 -35.14
C LEU E 160 -31.06 -17.71 -34.56
N ALA E 161 -31.11 -18.63 -33.61
CA ALA E 161 -32.37 -18.94 -32.95
C ALA E 161 -32.78 -17.82 -32.00
N ARG E 162 -31.82 -17.16 -31.36
CA ARG E 162 -32.15 -16.03 -30.49
C ARG E 162 -32.58 -14.83 -31.32
N ALA E 163 -32.02 -14.67 -32.51
CA ALA E 163 -32.36 -13.57 -33.40
C ALA E 163 -33.68 -13.77 -34.11
N ILE E 164 -34.38 -14.88 -33.86
CA ILE E 164 -35.59 -15.22 -34.58
C ILE E 164 -36.72 -15.62 -33.63
N ALA E 165 -36.48 -15.57 -32.31
CA ALA E 165 -37.38 -16.17 -31.34
C ALA E 165 -38.71 -15.45 -31.23
N LEU E 166 -38.72 -14.14 -31.39
CA LEU E 166 -39.95 -13.36 -31.29
C LEU E 166 -40.72 -13.31 -32.60
N ASP E 167 -40.30 -14.07 -33.61
CA ASP E 167 -40.85 -14.14 -34.96
C ASP E 167 -40.92 -12.75 -35.59
N PRO E 168 -39.79 -12.15 -35.94
CA PRO E 168 -39.81 -10.76 -36.41
C PRO E 168 -40.25 -10.63 -37.86
N ASP E 169 -40.14 -9.44 -38.43
CA ASP E 169 -40.34 -9.27 -39.85
C ASP E 169 -39.12 -8.68 -40.55
N LEU E 170 -38.02 -8.49 -39.84
CA LEU E 170 -36.77 -8.00 -40.42
C LEU E 170 -35.62 -8.62 -39.65
N ILE E 171 -34.70 -9.25 -40.35
CA ILE E 171 -33.53 -9.85 -39.73
C ILE E 171 -32.29 -9.39 -40.47
N MET E 172 -31.26 -9.00 -39.73
CA MET E 172 -30.07 -8.39 -40.29
C MET E 172 -28.86 -9.26 -39.98
N TYR E 173 -28.15 -9.69 -41.01
CA TYR E 173 -26.89 -10.41 -40.86
C TYR E 173 -25.76 -9.48 -41.28
N ASP E 174 -24.71 -9.39 -40.46
CA ASP E 174 -23.48 -8.75 -40.91
C ASP E 174 -22.39 -9.80 -41.01
N GLU E 175 -21.78 -9.87 -42.17
CA GLU E 175 -20.79 -10.83 -42.61
C GLU E 175 -21.07 -12.28 -42.23
N PRO E 176 -22.11 -12.92 -42.76
CA PRO E 176 -22.27 -14.35 -42.50
C PRO E 176 -21.33 -15.19 -43.33
N PHE E 177 -20.77 -14.64 -44.41
CA PHE E 177 -19.82 -15.34 -45.27
C PHE E 177 -18.49 -14.64 -45.13
N ALA E 178 -17.54 -15.32 -44.52
CA ALA E 178 -16.26 -14.79 -44.09
C ALA E 178 -15.27 -15.93 -44.20
N GLY E 179 -14.22 -15.90 -43.40
CA GLY E 179 -13.33 -17.03 -43.38
C GLY E 179 -13.94 -18.27 -42.73
N GLN E 180 -14.91 -18.87 -43.42
CA GLN E 180 -15.61 -20.06 -42.97
C GLN E 180 -15.37 -21.19 -43.95
N ASP E 181 -15.56 -22.42 -43.46
CA ASP E 181 -15.50 -23.60 -44.30
C ASP E 181 -16.61 -23.53 -45.34
N PRO E 182 -16.42 -24.17 -46.50
CA PRO E 182 -17.54 -24.35 -47.42
C PRO E 182 -18.65 -25.26 -46.88
N ILE E 183 -18.37 -26.08 -45.87
CA ILE E 183 -19.43 -26.83 -45.21
C ILE E 183 -20.23 -25.92 -44.29
N VAL E 184 -19.54 -25.12 -43.47
CA VAL E 184 -20.22 -24.21 -42.54
C VAL E 184 -20.91 -23.09 -43.30
N LYS E 185 -20.28 -22.58 -44.35
CA LYS E 185 -20.94 -21.62 -45.22
C LYS E 185 -22.10 -22.23 -45.99
N GLY E 186 -22.08 -23.55 -46.17
CA GLY E 186 -23.18 -24.20 -46.87
C GLY E 186 -24.43 -24.34 -46.04
N VAL E 187 -24.28 -24.59 -44.73
CA VAL E 187 -25.44 -24.72 -43.84
C VAL E 187 -26.16 -23.40 -43.70
N LEU E 188 -25.42 -22.28 -43.64
CA LEU E 188 -26.05 -20.97 -43.51
C LEU E 188 -26.79 -20.55 -44.76
N THR E 189 -26.30 -20.90 -45.95
CA THR E 189 -27.02 -20.51 -47.16
C THR E 189 -28.28 -21.33 -47.35
N ARG E 190 -28.32 -22.57 -46.86
CA ARG E 190 -29.60 -23.28 -46.82
C ARG E 190 -30.51 -22.72 -45.76
N LEU E 191 -29.97 -22.16 -44.68
CA LEU E 191 -30.82 -21.67 -43.61
C LEU E 191 -31.36 -20.27 -43.88
N ILE E 192 -30.63 -19.46 -44.64
CA ILE E 192 -31.09 -18.10 -44.91
C ILE E 192 -32.26 -18.12 -45.88
N ARG E 193 -32.21 -19.02 -46.85
CA ARG E 193 -33.31 -19.12 -47.81
C ARG E 193 -34.53 -19.82 -47.21
N SER E 194 -34.30 -20.84 -46.39
CA SER E 194 -35.41 -21.61 -45.86
C SER E 194 -36.19 -20.86 -44.80
N LEU E 195 -35.50 -20.12 -43.94
CA LEU E 195 -36.17 -19.44 -42.85
C LEU E 195 -36.95 -18.22 -43.30
N ARG E 196 -36.71 -17.70 -44.50
CA ARG E 196 -37.45 -16.53 -44.92
C ARG E 196 -38.62 -16.87 -45.82
N GLU E 197 -38.74 -18.11 -46.27
CA GLU E 197 -40.01 -18.54 -46.83
C GLU E 197 -40.92 -19.13 -45.77
N ALA E 198 -40.36 -19.75 -44.74
CA ALA E 198 -41.16 -20.31 -43.67
C ALA E 198 -41.76 -19.24 -42.77
N LEU E 199 -41.14 -18.07 -42.68
CA LEU E 199 -41.61 -17.03 -41.78
C LEU E 199 -41.94 -15.72 -42.47
N ASP E 200 -41.72 -15.63 -43.78
CA ASP E 200 -41.93 -14.43 -44.60
C ASP E 200 -41.17 -13.23 -44.04
N LEU E 201 -39.85 -13.36 -44.04
CA LEU E 201 -38.99 -12.34 -43.46
C LEU E 201 -38.59 -11.30 -44.50
N THR E 202 -37.66 -10.44 -44.10
CA THR E 202 -37.06 -9.44 -44.99
C THR E 202 -35.64 -9.27 -44.51
N THR E 203 -34.67 -9.72 -45.28
CA THR E 203 -33.30 -9.83 -44.80
C THR E 203 -32.44 -8.73 -45.38
N ILE E 204 -31.43 -8.33 -44.61
CA ILE E 204 -30.37 -7.42 -45.05
C ILE E 204 -29.06 -8.12 -44.75
N ILE E 205 -28.23 -8.30 -45.77
CA ILE E 205 -26.93 -8.94 -45.63
C ILE E 205 -25.86 -7.93 -45.95
N VAL E 206 -24.93 -7.71 -45.03
CA VAL E 206 -23.82 -6.79 -45.21
C VAL E 206 -22.56 -7.64 -45.27
N SER E 207 -22.01 -7.83 -46.47
CA SER E 207 -20.91 -8.74 -46.66
C SER E 207 -20.03 -8.25 -47.80
N HIS E 208 -18.93 -8.95 -48.04
CA HIS E 208 -18.12 -8.71 -49.22
C HIS E 208 -17.65 -10.01 -49.86
N ASP E 209 -18.45 -11.07 -49.74
CA ASP E 209 -18.16 -12.35 -50.38
C ASP E 209 -18.96 -12.37 -51.67
N VAL E 210 -18.31 -11.98 -52.75
CA VAL E 210 -19.01 -11.78 -54.03
C VAL E 210 -19.59 -13.08 -54.63
N PRO E 211 -18.86 -14.21 -54.71
CA PRO E 211 -19.49 -15.39 -55.35
C PRO E 211 -20.63 -16.01 -54.55
N GLU E 212 -20.74 -15.71 -53.27
CA GLU E 212 -21.82 -16.25 -52.47
C GLU E 212 -22.99 -15.30 -52.36
N THR E 213 -22.73 -14.00 -52.42
CA THR E 213 -23.79 -13.02 -52.22
C THR E 213 -24.69 -12.90 -53.45
N LEU E 214 -24.09 -12.88 -54.64
CA LEU E 214 -24.85 -12.75 -55.88
C LEU E 214 -25.75 -13.95 -56.14
N SER E 215 -25.45 -15.10 -55.56
CA SER E 215 -26.29 -16.27 -55.72
C SER E 215 -27.38 -16.36 -54.66
N ILE E 216 -27.52 -15.37 -53.79
CA ILE E 216 -28.53 -15.44 -52.72
C ILE E 216 -29.33 -14.15 -52.66
N ALA E 217 -28.84 -13.09 -53.29
CA ALA E 217 -29.47 -11.78 -53.13
C ALA E 217 -30.48 -11.54 -54.24
N ASP E 218 -31.20 -10.43 -54.09
CA ASP E 218 -32.15 -9.99 -55.10
C ASP E 218 -31.99 -8.53 -55.46
N TYR E 219 -31.27 -7.75 -54.65
CA TYR E 219 -30.99 -6.36 -54.98
C TYR E 219 -29.72 -5.97 -54.23
N ILE E 220 -28.66 -5.68 -54.96
CA ILE E 220 -27.35 -5.40 -54.38
C ILE E 220 -27.09 -3.91 -54.47
N TYR E 221 -26.68 -3.31 -53.36
CA TYR E 221 -26.10 -1.98 -53.36
C TYR E 221 -24.60 -2.10 -53.16
N VAL E 222 -23.84 -1.28 -53.87
CA VAL E 222 -22.38 -1.26 -53.75
C VAL E 222 -21.96 0.14 -53.31
N VAL E 223 -21.34 0.22 -52.14
CA VAL E 223 -21.01 1.49 -51.50
C VAL E 223 -19.50 1.55 -51.35
N ALA E 224 -18.84 2.44 -52.09
CA ALA E 224 -17.38 2.48 -52.05
C ALA E 224 -16.85 3.39 -50.97
N GLU E 225 -17.12 4.69 -51.07
CA GLU E 225 -16.57 5.60 -50.07
C GLU E 225 -17.62 6.48 -49.43
N GLY E 226 -18.63 6.91 -50.17
CA GLY E 226 -19.70 7.67 -49.55
C GLY E 226 -21.05 7.49 -50.19
N LYS E 227 -21.14 6.69 -51.24
CA LYS E 227 -22.34 6.70 -52.07
C LYS E 227 -22.44 5.41 -52.85
N ILE E 228 -23.59 5.23 -53.49
CA ILE E 228 -23.87 4.05 -54.28
C ILE E 228 -23.07 4.12 -55.57
N GLN E 229 -22.32 3.06 -55.87
CA GLN E 229 -21.62 2.94 -57.13
C GLN E 229 -22.32 2.01 -58.09
N GLY E 230 -23.49 1.51 -57.72
CA GLY E 230 -24.21 0.57 -58.56
C GLY E 230 -25.32 -0.12 -57.81
N GLU E 231 -26.40 -0.45 -58.50
CA GLU E 231 -27.53 -1.10 -57.88
C GLU E 231 -28.31 -1.88 -58.92
N GLY E 232 -29.05 -2.87 -58.45
CA GLY E 232 -29.93 -3.63 -59.31
C GLY E 232 -29.90 -5.11 -59.01
N THR E 233 -30.68 -5.83 -59.79
CA THR E 233 -30.67 -7.29 -59.82
C THR E 233 -29.25 -7.79 -60.14
N PRO E 234 -28.83 -8.94 -59.60
CA PRO E 234 -27.49 -9.46 -59.92
C PRO E 234 -27.26 -9.77 -61.39
N GLU E 235 -28.30 -9.86 -62.21
CA GLU E 235 -28.10 -9.94 -63.66
C GLU E 235 -27.77 -8.58 -64.25
N GLU E 236 -28.48 -7.52 -63.83
CA GLU E 236 -28.34 -6.20 -64.42
C GLU E 236 -27.30 -5.34 -63.73
N LEU E 237 -26.76 -5.77 -62.59
CA LEU E 237 -25.71 -5.01 -61.94
C LEU E 237 -24.41 -5.14 -62.71
N GLN E 238 -24.15 -6.32 -63.26
CA GLN E 238 -22.92 -6.56 -64.00
C GLN E 238 -22.98 -6.01 -65.41
N ALA E 239 -24.17 -5.96 -66.00
CA ALA E 239 -24.30 -5.51 -67.38
C ALA E 239 -24.19 -3.99 -67.49
N TYR E 240 -24.68 -3.26 -66.49
CA TYR E 240 -24.61 -1.81 -66.48
C TYR E 240 -23.51 -1.32 -65.55
N ALA E 241 -22.38 -2.03 -65.53
CA ALA E 241 -21.37 -1.85 -64.51
C ALA E 241 -20.57 -0.57 -64.75
N SER E 242 -20.32 0.17 -63.68
CA SER E 242 -19.39 1.27 -63.66
C SER E 242 -17.98 0.70 -63.73
N PRO E 243 -16.96 1.52 -64.04
CA PRO E 243 -15.58 1.02 -63.88
C PRO E 243 -15.04 1.10 -62.46
N PHE E 244 -15.86 0.75 -61.49
CA PHE E 244 -15.50 0.34 -60.14
C PHE E 244 -16.13 -0.98 -59.77
N VAL E 245 -17.39 -1.17 -60.16
CA VAL E 245 -18.08 -2.40 -59.86
C VAL E 245 -17.48 -3.55 -60.66
N LYS E 246 -16.70 -3.21 -61.68
CA LYS E 246 -16.04 -4.21 -62.50
C LYS E 246 -14.88 -4.80 -61.75
N GLN E 247 -13.90 -3.96 -61.45
CA GLN E 247 -12.72 -4.38 -60.71
C GLN E 247 -13.15 -5.09 -59.44
N PHE E 248 -14.03 -4.46 -58.69
CA PHE E 248 -14.52 -5.02 -57.44
C PHE E 248 -15.19 -6.38 -57.66
N LEU E 249 -16.17 -6.41 -58.55
CA LEU E 249 -16.88 -7.65 -58.82
C LEU E 249 -15.98 -8.78 -59.29
N THR E 250 -14.82 -8.44 -59.85
CA THR E 250 -13.91 -9.47 -60.36
C THR E 250 -12.54 -9.52 -59.70
N GLY E 251 -12.03 -8.38 -59.29
CA GLY E 251 -10.71 -8.33 -58.68
C GLY E 251 -9.57 -8.12 -59.66
N SER E 252 -9.81 -7.36 -60.72
CA SER E 252 -8.81 -7.20 -61.77
C SER E 252 -7.86 -6.07 -61.43
N ALA E 253 -6.85 -5.89 -62.29
CA ALA E 253 -5.86 -4.83 -62.10
C ALA E 253 -6.31 -3.49 -62.67
N GLU E 254 -7.28 -3.49 -63.57
CA GLU E 254 -7.72 -2.27 -64.23
C GLU E 254 -8.86 -1.63 -63.45
N GLY E 255 -8.63 -0.40 -63.00
CA GLY E 255 -9.62 0.33 -62.26
C GLY E 255 -9.05 1.54 -61.55
N PRO E 256 -9.84 2.15 -60.68
CA PRO E 256 -9.42 3.40 -60.04
C PRO E 256 -8.43 3.21 -58.90
N VAL E 257 -8.47 2.06 -58.24
CA VAL E 257 -7.56 1.81 -57.13
C VAL E 257 -6.20 1.42 -57.69
N GLU E 258 -5.15 1.86 -56.99
CA GLU E 258 -3.81 1.82 -57.53
C GLU E 258 -3.01 0.73 -56.83
N TYR E 259 -2.30 -0.06 -57.63
CA TYR E 259 -1.49 -1.14 -57.08
C TYR E 259 -0.14 -0.62 -56.62
N GLN E 260 0.47 0.29 -57.37
CA GLN E 260 1.66 0.99 -56.92
C GLN E 260 1.31 1.94 -55.78
N PHE E 261 2.32 2.39 -55.04
CA PHE E 261 2.07 3.27 -53.91
C PHE E 261 1.52 4.62 -54.34
N SER E 262 2.33 5.48 -54.98
CA SER E 262 1.73 6.58 -55.73
C SER E 262 2.17 6.61 -57.19
N HIS E 263 3.36 7.13 -57.49
CA HIS E 263 3.89 7.34 -58.85
C HIS E 263 5.35 7.76 -58.76
N GLN E 264 6.28 7.05 -59.38
CA GLN E 264 7.70 7.41 -59.34
C GLN E 264 8.39 6.75 -60.53
N ALA E 265 9.72 6.78 -60.52
CA ALA E 265 10.53 6.06 -61.49
C ALA E 265 11.71 5.34 -60.85
N TYR E 266 11.90 5.48 -59.53
CA TYR E 266 12.86 4.79 -58.66
C TYR E 266 14.30 5.25 -58.88
N LEU E 267 14.57 5.96 -59.97
CA LEU E 267 15.88 6.56 -60.20
C LEU E 267 15.80 8.07 -60.06
N ASP E 268 14.95 8.51 -59.16
CA ASP E 268 14.75 9.93 -58.89
C ASP E 268 15.00 10.33 -57.46
N ASN E 269 15.04 9.38 -56.53
CA ASN E 269 15.34 9.66 -55.13
C ASN E 269 16.75 9.18 -54.79
N GLU E 270 17.42 9.94 -53.96
CA GLU E 270 18.58 9.44 -53.25
C GLU E 270 18.09 8.49 -52.17
N VAL E 271 18.67 7.30 -52.12
CA VAL E 271 18.25 6.37 -51.09
C VAL E 271 18.83 6.78 -49.73
N ARG E 272 20.15 6.65 -49.53
CA ARG E 272 20.88 7.11 -48.35
C ARG E 272 22.32 7.44 -48.69
N VAL F 1 -64.37 -16.33 -30.21
CA VAL F 1 -63.33 -15.66 -30.96
C VAL F 1 -61.99 -16.34 -30.73
N VAL F 2 -61.95 -17.24 -29.75
CA VAL F 2 -60.73 -18.01 -29.45
C VAL F 2 -60.91 -19.51 -29.78
N GLN F 3 -61.94 -20.17 -29.22
CA GLN F 3 -62.29 -21.56 -29.50
C GLN F 3 -63.58 -21.93 -28.77
N TYR F 4 -64.43 -22.71 -29.44
CA TYR F 4 -65.61 -23.30 -28.84
C TYR F 4 -65.38 -24.80 -28.62
N LEU F 5 -66.42 -25.52 -28.21
CA LEU F 5 -66.38 -26.98 -28.22
C LEU F 5 -66.89 -27.55 -29.53
N ASN F 6 -68.18 -27.35 -29.84
CA ASN F 6 -68.84 -27.70 -31.10
C ASN F 6 -68.55 -29.14 -31.57
N GLN F 7 -68.43 -30.10 -30.63
CA GLN F 7 -68.21 -31.54 -30.83
C GLN F 7 -66.87 -31.93 -31.47
N GLU F 8 -66.07 -30.93 -31.89
CA GLU F 8 -64.63 -31.01 -32.02
C GLU F 8 -64.13 -29.58 -32.14
N LEU F 9 -63.03 -29.27 -31.46
CA LEU F 9 -62.74 -27.89 -31.11
C LEU F 9 -62.22 -27.09 -32.31
N VAL F 10 -62.74 -25.86 -32.44
CA VAL F 10 -62.46 -24.97 -33.56
C VAL F 10 -61.56 -23.85 -33.07
N VAL F 11 -60.27 -23.95 -33.33
CA VAL F 11 -59.35 -22.89 -32.97
C VAL F 11 -59.58 -21.71 -33.91
N SER F 12 -59.94 -20.57 -33.34
CA SER F 12 -60.21 -19.38 -34.13
C SER F 12 -59.41 -18.20 -33.58
N GLY F 13 -59.36 -17.14 -34.36
CA GLY F 13 -58.73 -15.92 -33.89
C GLY F 13 -57.26 -15.89 -34.19
N LYS F 14 -56.46 -15.50 -33.21
CA LYS F 14 -55.06 -15.18 -33.45
C LYS F 14 -54.31 -15.29 -32.13
N ILE F 15 -53.14 -15.91 -32.18
CA ILE F 15 -52.35 -16.27 -31.00
C ILE F 15 -51.04 -15.51 -31.09
N ASP F 16 -50.84 -14.50 -30.22
CA ASP F 16 -49.70 -13.60 -30.37
C ASP F 16 -49.08 -13.18 -29.03
N PHE F 17 -48.95 -14.12 -28.10
CA PHE F 17 -48.42 -14.01 -26.73
C PHE F 17 -48.84 -12.76 -25.95
N GLU F 18 -50.05 -12.27 -26.21
CA GLU F 18 -50.72 -11.33 -25.34
C GLU F 18 -52.03 -11.88 -24.83
N ASN F 19 -52.62 -12.82 -25.56
CA ASN F 19 -53.74 -13.61 -25.09
C ASN F 19 -53.40 -15.09 -25.05
N ALA F 20 -52.17 -15.47 -25.34
CA ALA F 20 -51.81 -16.88 -25.50
C ALA F 20 -51.53 -17.57 -24.19
N GLU F 21 -52.40 -17.41 -23.23
CA GLU F 21 -52.34 -18.21 -22.02
C GLU F 21 -53.69 -18.81 -21.69
N GLN F 22 -54.77 -18.04 -21.89
CA GLN F 22 -56.09 -18.60 -21.72
C GLN F 22 -56.48 -19.49 -22.90
N GLN F 23 -55.96 -19.21 -24.09
CA GLN F 23 -56.29 -20.05 -25.25
C GLN F 23 -55.61 -21.40 -25.16
N TYR F 24 -54.52 -21.50 -24.39
CA TYR F 24 -54.01 -22.81 -24.03
C TYR F 24 -54.83 -23.42 -22.91
N GLN F 25 -55.23 -22.60 -21.92
CA GLN F 25 -55.90 -23.12 -20.74
C GLN F 25 -57.34 -23.50 -21.00
N ALA F 26 -58.08 -22.68 -21.75
CA ALA F 26 -59.47 -23.00 -22.05
C ALA F 26 -59.56 -24.19 -23.00
N GLY F 27 -58.61 -24.32 -23.93
CA GLY F 27 -58.55 -25.51 -24.75
C GLY F 27 -58.11 -26.74 -24.02
N LEU F 28 -57.38 -26.58 -22.90
CA LEU F 28 -56.95 -27.74 -22.13
C LEU F 28 -58.11 -28.34 -21.35
N ALA F 29 -59.08 -27.51 -20.95
CA ALA F 29 -60.22 -27.99 -20.17
C ALA F 29 -61.13 -28.90 -20.98
N ILE F 30 -61.09 -28.78 -22.30
CA ILE F 30 -61.78 -29.73 -23.16
C ILE F 30 -61.05 -31.07 -23.16
N ILE F 31 -59.72 -31.05 -23.03
CA ILE F 31 -58.95 -32.29 -23.11
C ILE F 31 -59.06 -33.07 -21.81
N LYS F 32 -59.38 -32.40 -20.71
CA LYS F 32 -59.57 -33.07 -19.43
C LYS F 32 -60.75 -34.02 -19.43
N LYS F 33 -61.86 -33.64 -20.06
CA LYS F 33 -63.11 -34.37 -19.98
C LYS F 33 -63.47 -35.13 -21.27
N GLN F 34 -62.56 -35.18 -22.23
CA GLN F 34 -62.80 -35.92 -23.47
C GLN F 34 -62.64 -37.42 -23.24
N THR F 35 -63.50 -38.19 -23.90
CA THR F 35 -63.53 -39.65 -23.78
C THR F 35 -63.02 -40.28 -25.07
N SER F 36 -62.06 -41.20 -24.93
CA SER F 36 -61.47 -42.10 -25.94
C SER F 36 -60.55 -41.39 -26.96
N PHE F 37 -60.57 -40.06 -26.96
CA PHE F 37 -59.74 -39.21 -27.80
C PHE F 37 -59.56 -39.59 -29.28
N PRO F 38 -60.63 -39.58 -30.09
CA PRO F 38 -60.44 -39.52 -31.54
C PRO F 38 -60.61 -38.12 -32.14
N LEU F 39 -60.67 -37.08 -31.31
CA LEU F 39 -61.12 -35.77 -31.75
C LEU F 39 -60.09 -35.09 -32.66
N ILE F 40 -60.59 -34.32 -33.60
CA ILE F 40 -59.75 -33.64 -34.58
C ILE F 40 -59.88 -32.14 -34.36
N VAL F 41 -58.75 -31.46 -34.30
CA VAL F 41 -58.72 -30.02 -34.08
C VAL F 41 -58.90 -29.36 -35.43
N ASP F 42 -59.75 -28.34 -35.49
CA ASP F 42 -60.14 -27.71 -36.74
C ASP F 42 -59.39 -26.39 -36.84
N LEU F 43 -58.26 -26.39 -37.53
CA LEU F 43 -57.47 -25.18 -37.71
C LEU F 43 -58.01 -24.35 -38.87
N LYS F 44 -59.28 -23.95 -38.77
CA LYS F 44 -59.98 -23.43 -39.93
C LYS F 44 -59.77 -21.94 -40.08
N GLN F 45 -59.86 -21.19 -38.99
CA GLN F 45 -60.13 -19.77 -39.01
C GLN F 45 -59.00 -18.93 -38.39
N LEU F 46 -57.77 -19.44 -38.42
CA LEU F 46 -56.59 -18.67 -38.05
C LEU F 46 -56.15 -17.80 -39.21
N GLU F 47 -55.35 -16.76 -38.92
CA GLU F 47 -54.74 -16.01 -40.01
C GLU F 47 -53.34 -15.51 -39.74
N HIS F 48 -52.80 -15.67 -38.54
CA HIS F 48 -51.45 -15.22 -38.25
C HIS F 48 -50.69 -16.27 -37.43
N GLY F 49 -50.76 -17.52 -37.88
CA GLY F 49 -50.11 -18.60 -37.15
C GLY F 49 -48.61 -18.53 -37.33
N ASN F 50 -47.86 -18.37 -36.23
CA ASN F 50 -46.42 -18.24 -36.35
C ASN F 50 -45.75 -18.80 -35.09
N THR F 51 -45.44 -20.10 -35.12
CA THR F 51 -44.50 -20.79 -34.22
C THR F 51 -44.93 -20.79 -32.74
N LEU F 52 -46.01 -20.09 -32.42
CA LEU F 52 -46.62 -20.06 -31.11
C LEU F 52 -48.02 -20.64 -31.13
N ALA F 53 -48.72 -20.47 -32.25
CA ALA F 53 -49.87 -21.31 -32.52
C ALA F 53 -49.48 -22.77 -32.55
N LEU F 54 -48.31 -23.08 -33.12
CA LEU F 54 -47.77 -24.44 -33.02
C LEU F 54 -47.31 -24.77 -31.61
N ALA F 55 -46.87 -23.79 -30.83
CA ALA F 55 -46.37 -24.09 -29.49
C ALA F 55 -47.50 -24.48 -28.55
N VAL F 56 -48.72 -24.01 -28.79
CA VAL F 56 -49.84 -24.47 -27.98
C VAL F 56 -50.47 -25.74 -28.53
N LEU F 57 -50.16 -26.11 -29.77
CA LEU F 57 -50.71 -27.34 -30.33
C LEU F 57 -49.94 -28.56 -29.84
N VAL F 58 -48.62 -28.44 -29.72
CA VAL F 58 -47.81 -29.55 -29.22
C VAL F 58 -48.06 -29.74 -27.72
N GLN F 59 -48.40 -28.66 -27.01
CA GLN F 59 -48.71 -28.78 -25.59
C GLN F 59 -50.02 -29.51 -25.35
N TRP F 60 -50.93 -29.47 -26.32
CA TRP F 60 -52.13 -30.28 -26.22
C TRP F 60 -51.87 -31.74 -26.58
N LEU F 61 -50.93 -31.99 -27.49
CA LEU F 61 -50.56 -33.35 -27.86
C LEU F 61 -49.86 -34.11 -26.75
N ARG F 62 -49.22 -33.42 -25.81
CA ARG F 62 -48.48 -34.15 -24.78
C ARG F 62 -49.41 -34.68 -23.70
N GLN F 63 -50.57 -34.03 -23.50
CA GLN F 63 -51.58 -34.52 -22.57
C GLN F 63 -52.68 -35.21 -23.37
N THR F 64 -52.35 -36.39 -23.88
CA THR F 64 -53.28 -37.19 -24.66
C THR F 64 -52.87 -38.66 -24.54
N PRO F 65 -53.79 -39.59 -24.83
CA PRO F 65 -53.44 -41.01 -24.76
C PRO F 65 -52.19 -41.26 -25.57
N GLN F 66 -51.03 -41.32 -24.92
CA GLN F 66 -49.78 -41.53 -25.63
C GLN F 66 -49.52 -40.30 -26.51
N LYS F 67 -48.25 -40.07 -26.84
CA LYS F 67 -47.87 -38.92 -27.66
C LYS F 67 -48.84 -38.67 -28.82
N SER F 68 -49.59 -39.70 -29.20
CA SER F 68 -50.55 -39.58 -30.28
C SER F 68 -51.93 -39.24 -29.71
N GLY F 69 -52.97 -39.66 -30.42
CA GLY F 69 -54.33 -39.40 -30.00
C GLY F 69 -54.82 -38.01 -30.31
N LEU F 70 -54.94 -37.71 -31.60
CA LEU F 70 -55.39 -36.39 -32.03
C LEU F 70 -55.17 -36.21 -33.52
N HIS F 71 -56.06 -35.48 -34.18
CA HIS F 71 -55.95 -35.24 -35.61
C HIS F 71 -56.15 -33.76 -35.89
N PHE F 72 -55.91 -33.36 -37.13
CA PHE F 72 -56.02 -31.97 -37.54
C PHE F 72 -56.66 -31.87 -38.91
N LYS F 73 -57.47 -30.83 -39.09
CA LYS F 73 -58.17 -30.54 -40.34
C LYS F 73 -57.29 -29.57 -41.15
N ASN F 74 -57.88 -28.93 -42.14
CA ASN F 74 -57.17 -28.19 -43.17
C ASN F 74 -56.48 -26.96 -42.57
N VAL F 75 -55.28 -26.70 -43.06
CA VAL F 75 -54.34 -25.77 -42.44
C VAL F 75 -54.26 -24.53 -43.32
N PRO F 76 -54.23 -23.31 -42.73
CA PRO F 76 -54.39 -22.09 -43.53
C PRO F 76 -53.22 -21.66 -44.43
N GLU F 77 -52.32 -22.60 -44.78
CA GLU F 77 -51.19 -22.54 -45.72
C GLU F 77 -50.01 -21.74 -45.19
N LYS F 78 -50.17 -21.00 -44.11
CA LYS F 78 -49.06 -20.38 -43.42
C LYS F 78 -48.55 -21.23 -42.28
N MET F 79 -49.41 -22.04 -41.67
CA MET F 79 -49.00 -22.80 -40.50
C MET F 79 -48.31 -24.10 -40.88
N LEU F 80 -48.67 -24.74 -42.01
CA LEU F 80 -47.96 -25.97 -42.34
C LEU F 80 -46.66 -25.72 -43.08
N LYS F 81 -46.39 -24.47 -43.46
CA LYS F 81 -45.03 -24.11 -43.85
C LYS F 81 -44.09 -24.18 -42.65
N ILE F 82 -44.60 -23.89 -41.46
CA ILE F 82 -43.81 -23.96 -40.24
C ILE F 82 -43.80 -25.36 -39.64
N ILE F 83 -44.72 -26.22 -40.05
CA ILE F 83 -44.67 -27.62 -39.62
C ILE F 83 -43.45 -28.31 -40.23
N GLN F 84 -43.26 -28.16 -41.54
CA GLN F 84 -42.12 -28.78 -42.19
C GLN F 84 -40.81 -28.03 -41.91
N ALA F 85 -40.89 -26.73 -41.60
CA ALA F 85 -39.70 -26.01 -41.18
C ALA F 85 -39.17 -26.50 -39.85
N CYS F 86 -40.06 -26.99 -38.98
CA CYS F 86 -39.67 -27.62 -37.73
C CYS F 86 -39.69 -29.14 -37.82
N HIS F 87 -39.62 -29.70 -39.04
CA HIS F 87 -39.44 -31.13 -39.31
C HIS F 87 -40.51 -32.01 -38.69
N LEU F 88 -41.69 -31.44 -38.44
CA LEU F 88 -42.84 -32.18 -37.92
C LEU F 88 -43.77 -32.55 -39.06
N GLN F 89 -43.23 -32.54 -40.29
CA GLN F 89 -43.98 -32.83 -41.50
C GLN F 89 -44.56 -34.25 -41.49
N GLU F 90 -43.88 -35.22 -40.88
CA GLU F 90 -44.49 -36.51 -40.63
C GLU F 90 -44.22 -36.86 -39.19
N ASP F 91 -44.93 -36.18 -38.30
CA ASP F 91 -45.03 -36.60 -36.91
C ASP F 91 -46.43 -36.44 -36.34
N LEU F 92 -47.23 -35.55 -36.89
CA LEU F 92 -48.61 -35.34 -36.49
C LEU F 92 -49.52 -36.01 -37.53
N HIS F 93 -50.83 -35.80 -37.41
CA HIS F 93 -51.79 -36.43 -38.31
C HIS F 93 -52.64 -35.33 -38.93
N LEU F 94 -52.61 -35.26 -40.26
CA LEU F 94 -53.34 -34.26 -41.02
C LEU F 94 -54.19 -34.97 -42.06
N VAL F 95 -55.49 -34.72 -42.02
CA VAL F 95 -56.41 -35.35 -42.95
C VAL F 95 -56.66 -34.43 -44.15
N SER G 3 12.80 8.65 -30.57
CA SER G 3 14.11 8.02 -30.46
C SER G 3 15.09 8.96 -29.77
N ARG G 4 15.24 10.16 -30.30
CA ARG G 4 16.13 11.14 -29.69
C ARG G 4 15.45 11.84 -28.53
N THR G 5 14.13 11.75 -28.45
CA THR G 5 13.41 12.26 -27.29
C THR G 5 13.52 11.28 -26.13
N SER G 6 13.52 9.98 -26.44
CA SER G 6 13.55 8.98 -25.39
C SER G 6 14.95 8.81 -24.82
N GLU G 7 15.97 9.37 -25.47
CA GLU G 7 17.27 9.48 -24.81
C GLU G 7 17.34 10.75 -24.00
N LEU G 8 16.54 11.74 -24.37
CA LEU G 8 16.51 12.99 -23.62
C LEU G 8 15.73 12.83 -22.34
N ALA G 9 14.68 12.00 -22.36
CA ALA G 9 13.81 11.87 -21.20
C ALA G 9 14.45 11.01 -20.12
N VAL G 10 15.25 10.02 -20.53
CA VAL G 10 15.94 9.19 -19.55
C VAL G 10 17.05 9.99 -18.87
N GLY G 11 17.65 10.93 -19.59
CA GLY G 11 18.71 11.73 -18.98
C GLY G 11 18.20 12.73 -17.96
N ILE G 12 16.92 13.08 -18.06
CA ILE G 12 16.29 13.90 -17.03
C ILE G 12 15.93 13.03 -15.83
N PHE G 13 15.64 11.75 -16.09
CA PHE G 13 15.23 10.83 -15.03
C PHE G 13 16.43 10.45 -14.16
N VAL G 14 17.64 10.56 -14.70
CA VAL G 14 18.86 10.33 -13.91
C VAL G 14 19.25 11.59 -13.14
N ILE G 15 18.90 12.76 -13.67
CA ILE G 15 19.21 14.01 -12.99
C ILE G 15 18.31 14.19 -11.76
N ILE G 16 17.05 13.79 -11.87
CA ILE G 16 16.12 13.90 -10.75
C ILE G 16 16.48 12.90 -9.65
N PHE G 17 16.97 11.72 -10.04
CA PHE G 17 17.42 10.75 -9.05
C PHE G 17 18.69 11.20 -8.35
N GLY G 18 19.51 11.97 -9.03
CA GLY G 18 20.71 12.48 -8.39
C GLY G 18 20.42 13.58 -7.39
N ILE G 19 19.34 14.32 -7.62
CA ILE G 19 18.92 15.35 -6.67
C ILE G 19 18.32 14.70 -5.43
N ALA G 20 17.68 13.55 -5.62
CA ALA G 20 17.09 12.85 -4.49
C ALA G 20 18.14 12.17 -3.62
N LEU G 21 19.15 11.56 -4.24
CA LEU G 21 20.25 10.96 -3.48
C LEU G 21 21.12 12.01 -2.82
N PHE G 22 21.20 13.20 -3.39
CA PHE G 22 21.95 14.28 -2.75
C PHE G 22 21.22 14.79 -1.53
N PHE G 23 19.89 14.81 -1.59
CA PHE G 23 19.07 15.25 -0.49
C PHE G 23 19.10 14.24 0.65
N LEU G 24 19.11 12.95 0.32
CA LEU G 24 19.05 11.93 1.37
C LEU G 24 20.39 11.78 2.06
N ALA G 25 21.47 12.01 1.34
CA ALA G 25 22.80 11.77 1.91
C ALA G 25 23.30 12.99 2.69
N MET G 26 23.08 14.18 2.18
CA MET G 26 23.69 15.35 2.78
C MET G 26 22.69 16.37 3.30
N LYS G 27 21.44 15.97 3.53
CA LYS G 27 20.50 16.86 4.18
C LYS G 27 19.68 16.07 5.20
N VAL G 28 19.68 14.75 5.07
CA VAL G 28 18.82 13.91 5.89
C VAL G 28 19.68 13.09 6.84
N SER G 29 20.82 12.61 6.36
CA SER G 29 21.62 11.67 7.12
C SER G 29 22.84 12.36 7.70
N GLY G 30 23.49 11.66 8.63
CA GLY G 30 24.80 12.09 9.04
C GLY G 30 25.85 11.42 8.18
N LEU G 31 26.26 12.11 7.11
CA LEU G 31 27.29 11.60 6.22
C LEU G 31 28.43 12.60 6.10
N VAL G 32 28.10 13.87 5.88
CA VAL G 32 29.11 14.90 5.66
C VAL G 32 29.67 15.31 7.03
N GLY G 33 28.90 15.07 8.09
CA GLY G 33 29.35 15.42 9.42
C GLY G 33 30.29 14.39 10.04
N THR G 34 30.51 13.27 9.36
CA THR G 34 31.43 12.24 9.87
C THR G 34 32.59 12.08 8.88
N ASN G 35 33.55 13.01 8.98
CA ASN G 35 34.81 12.98 8.25
C ASN G 35 35.80 13.89 8.98
N LEU G 36 36.69 13.32 9.77
CA LEU G 36 37.54 14.12 10.62
C LEU G 36 39.01 14.08 10.16
N SER G 37 39.76 15.12 10.50
CA SER G 37 41.04 15.43 9.86
C SER G 37 42.20 15.06 10.78
N ASP G 38 43.19 14.37 10.21
CA ASP G 38 44.36 13.74 10.84
C ASP G 38 44.03 13.10 12.18
N GLY G 39 43.10 12.16 12.16
CA GLY G 39 42.66 11.53 13.39
C GLY G 39 43.65 10.55 13.99
N TYR G 40 44.24 10.93 15.11
CA TYR G 40 45.06 10.02 15.88
C TYR G 40 44.17 9.18 16.78
N THR G 41 44.74 8.49 17.76
CA THR G 41 43.97 7.51 18.51
C THR G 41 44.44 7.49 19.96
N MET G 42 43.50 7.68 20.89
CA MET G 42 43.74 7.40 22.29
C MET G 42 42.90 6.19 22.69
N LYS G 43 42.95 5.84 23.97
CA LYS G 43 42.09 4.78 24.50
C LYS G 43 41.92 4.97 26.00
N ALA G 44 40.90 4.31 26.55
CA ALA G 44 40.61 4.35 27.97
C ALA G 44 39.95 3.04 28.37
N GLN G 45 39.89 2.80 29.68
CA GLN G 45 39.36 1.56 30.23
C GLN G 45 38.31 1.86 31.28
N PHE G 46 37.11 1.33 31.11
CA PHE G 46 35.97 1.58 31.98
C PHE G 46 35.53 0.27 32.63
N ASP G 47 34.71 0.41 33.67
CA ASP G 47 34.09 -0.74 34.30
C ASP G 47 32.59 -0.85 34.06
N ASN G 48 32.02 0.04 33.23
CA ASN G 48 30.65 -0.09 32.78
C ASN G 48 30.50 0.74 31.52
N VAL G 49 30.26 0.10 30.38
CA VAL G 49 30.11 0.83 29.12
C VAL G 49 28.76 0.54 28.48
N ASN G 50 27.74 0.28 29.28
CA ASN G 50 26.46 -0.17 28.74
C ASN G 50 25.76 0.97 28.03
N GLY G 51 25.34 0.72 26.79
CA GLY G 51 24.70 1.73 25.99
C GLY G 51 25.60 2.47 25.03
N LEU G 52 26.91 2.31 25.16
CA LEU G 52 27.84 2.95 24.24
C LEU G 52 27.97 2.10 23.00
N LYS G 53 27.71 2.67 21.90
CA LYS G 53 27.71 2.07 20.58
C LYS G 53 28.99 2.43 19.85
N PRO G 54 29.36 1.70 18.80
CA PRO G 54 30.39 2.21 17.90
C PRO G 54 29.91 3.47 17.19
N ARG G 55 30.86 4.38 16.96
CA ARG G 55 30.65 5.70 16.37
C ARG G 55 29.69 6.54 17.20
N ALA G 56 29.96 6.65 18.50
CA ALA G 56 29.40 7.67 19.35
C ALA G 56 30.27 8.91 19.22
N LYS G 57 29.97 9.96 19.96
CA LYS G 57 30.72 11.21 19.84
C LYS G 57 31.52 11.46 21.11
N VAL G 58 32.61 12.21 20.99
CA VAL G 58 33.44 12.60 22.12
C VAL G 58 33.47 14.11 22.18
N THR G 59 33.13 14.69 23.33
CA THR G 59 33.06 16.13 23.48
C THR G 59 34.00 16.59 24.59
N MET G 60 34.57 17.78 24.43
CA MET G 60 35.40 18.37 25.47
C MET G 60 34.63 19.35 26.34
N SER G 61 34.08 20.42 25.76
CA SER G 61 33.24 21.36 26.49
C SER G 61 31.90 21.51 25.80
N GLY G 62 31.27 20.39 25.47
CA GLY G 62 30.05 20.38 24.70
C GLY G 62 30.27 20.40 23.22
N VAL G 63 31.51 20.48 22.77
CA VAL G 63 31.83 20.60 21.36
C VAL G 63 32.55 19.34 20.90
N THR G 64 32.10 18.79 19.77
CA THR G 64 32.48 17.44 19.37
C THR G 64 33.91 17.44 18.83
N ILE G 65 34.75 16.54 19.36
CA ILE G 65 36.15 16.46 18.98
C ILE G 65 36.55 15.07 18.48
N GLY G 66 35.62 14.15 18.27
CA GLY G 66 36.04 12.83 17.84
C GLY G 66 34.89 11.87 17.74
N ARG G 67 35.24 10.60 17.55
CA ARG G 67 34.29 9.51 17.43
C ARG G 67 34.79 8.34 18.28
N VAL G 68 34.01 7.27 18.30
CA VAL G 68 34.37 6.05 19.02
C VAL G 68 34.59 4.93 18.01
N ASP G 69 35.69 4.20 18.15
CA ASP G 69 36.09 3.19 17.18
C ASP G 69 35.52 1.81 17.49
N SER G 70 35.89 1.21 18.62
CA SER G 70 35.44 -0.13 18.97
C SER G 70 35.59 -0.37 20.46
N ILE G 71 34.77 -1.29 20.97
CA ILE G 71 34.67 -1.60 22.40
C ILE G 71 34.89 -3.09 22.59
N THR G 72 35.98 -3.47 23.25
CA THR G 72 36.32 -4.87 23.52
C THR G 72 36.35 -5.13 25.02
N LEU G 73 36.31 -6.41 25.40
CA LEU G 73 36.12 -6.74 26.81
C LEU G 73 37.43 -6.83 27.58
N ASP G 74 38.49 -7.40 26.99
CA ASP G 74 39.77 -7.69 27.62
C ASP G 74 39.59 -8.62 28.83
N PRO G 75 39.36 -9.92 28.61
CA PRO G 75 39.05 -10.83 29.73
C PRO G 75 40.24 -11.21 30.59
N VAL G 76 41.38 -10.54 30.42
CA VAL G 76 42.47 -10.64 31.39
C VAL G 76 42.06 -10.00 32.71
N THR G 77 41.74 -8.70 32.67
CA THR G 77 41.36 -7.97 33.87
C THR G 77 39.90 -7.55 33.90
N ARG G 78 39.12 -7.92 32.88
CA ARG G 78 37.67 -7.80 32.84
C ARG G 78 37.17 -6.37 32.91
N LEU G 79 37.99 -5.42 32.48
CA LEU G 79 37.57 -4.03 32.29
C LEU G 79 37.46 -3.76 30.79
N ALA G 80 36.40 -3.08 30.37
CA ALA G 80 36.18 -2.85 28.96
C ALA G 80 37.12 -1.76 28.44
N THR G 81 37.64 -1.96 27.24
CA THR G 81 38.64 -1.06 26.67
C THR G 81 38.04 -0.37 25.45
N VAL G 82 37.89 0.94 25.54
CA VAL G 82 37.28 1.74 24.48
C VAL G 82 38.38 2.51 23.78
N THR G 83 38.49 2.33 22.47
CA THR G 83 39.41 3.10 21.66
C THR G 83 38.63 4.15 20.88
N PHE G 84 39.14 5.37 20.90
CA PHE G 84 38.42 6.46 20.27
C PHE G 84 39.43 7.30 19.50
N ASP G 85 39.05 7.68 18.29
CA ASP G 85 39.93 8.43 17.41
C ASP G 85 39.59 9.91 17.47
N LEU G 86 40.54 10.70 17.97
CA LEU G 86 40.35 12.12 18.21
C LEU G 86 40.54 12.89 16.90
N ASP G 87 40.53 14.22 16.98
CA ASP G 87 40.62 15.08 15.81
C ASP G 87 41.56 16.22 16.17
N GLY G 88 42.80 16.15 15.72
CA GLY G 88 43.71 17.19 16.13
C GLY G 88 43.71 18.39 15.20
N LYS G 89 42.81 19.31 15.48
CA LYS G 89 42.90 20.72 15.09
C LYS G 89 42.50 21.49 16.34
N LEU G 90 41.66 20.85 17.14
CA LEU G 90 41.11 21.42 18.37
C LEU G 90 41.72 20.81 19.62
N THR G 91 42.16 19.55 19.54
CA THR G 91 42.80 18.87 20.66
C THR G 91 44.30 18.91 20.59
N SER G 92 44.85 19.46 19.52
CA SER G 92 46.29 19.57 19.33
C SER G 92 46.59 20.96 18.81
N PHE G 93 47.36 21.73 19.58
CA PHE G 93 47.73 23.08 19.17
C PHE G 93 48.52 23.04 17.85
N ASN G 94 49.45 23.98 17.69
CA ASN G 94 50.27 24.04 16.48
C ASN G 94 51.24 25.23 16.46
N ALA G 95 50.78 26.36 15.96
CA ALA G 95 51.61 27.56 15.87
C ALA G 95 52.07 28.06 17.23
N GLU G 96 52.34 29.36 17.32
CA GLU G 96 52.80 29.98 18.55
C GLU G 96 52.04 29.47 19.76
N GLN G 97 50.84 28.94 19.53
CA GLN G 97 49.99 28.42 20.61
C GLN G 97 50.82 27.60 21.59
N LEU G 98 51.76 26.84 21.05
CA LEU G 98 52.66 26.01 21.86
C LEU G 98 53.56 26.85 22.77
N LYS G 99 54.02 28.00 22.27
CA LYS G 99 54.96 28.78 23.05
C LYS G 99 54.29 29.49 24.21
N GLU G 100 52.99 29.77 24.10
CA GLU G 100 52.25 30.38 25.20
C GLU G 100 52.12 29.44 26.39
N VAL G 101 52.16 28.14 26.15
CA VAL G 101 52.22 27.19 27.26
C VAL G 101 53.63 26.68 27.50
N GLN G 102 54.55 26.88 26.55
CA GLN G 102 55.95 26.50 26.80
C GLN G 102 56.61 27.46 27.76
N LYS G 103 56.44 28.77 27.54
CA LYS G 103 57.03 29.72 28.48
C LYS G 103 56.18 29.90 29.73
N ASN G 104 54.93 29.45 29.70
CA ASN G 104 54.16 29.42 30.93
C ASN G 104 54.64 28.32 31.86
N ALA G 105 54.67 27.08 31.37
CA ALA G 105 54.89 25.93 32.23
C ALA G 105 56.35 25.84 32.68
N LEU G 106 57.29 26.18 31.80
CA LEU G 106 58.70 26.14 32.17
C LEU G 106 59.05 27.23 33.19
N ASP G 107 58.30 28.33 33.18
CA ASP G 107 58.43 29.30 34.26
C ASP G 107 57.65 28.84 35.49
N GLU G 108 56.60 28.05 35.29
CA GLU G 108 55.82 27.54 36.41
C GLU G 108 56.39 26.25 36.96
N LEU G 109 57.29 25.59 36.23
CA LEU G 109 57.94 24.38 36.74
C LEU G 109 58.91 24.73 37.85
N ARG G 110 59.85 25.63 37.58
CA ARG G 110 60.84 26.07 38.57
C ARG G 110 60.31 27.23 39.41
N TYR G 111 59.26 26.98 40.17
CA TYR G 111 58.62 28.00 40.99
C TYR G 111 59.41 28.23 42.28
N SER G 112 58.83 28.99 43.21
CA SER G 112 59.55 29.37 44.43
C SER G 112 59.72 28.19 45.37
N SER G 113 58.81 27.23 45.33
CA SER G 113 58.96 26.01 46.11
C SER G 113 59.83 25.00 45.37
N ASP G 114 59.63 24.86 44.06
CA ASP G 114 60.31 23.84 43.28
C ASP G 114 61.69 24.27 42.79
N TYR G 115 62.14 25.48 43.14
CA TYR G 115 63.55 25.81 42.94
C TYR G 115 64.39 25.28 44.10
N THR G 116 63.91 25.48 45.33
CA THR G 116 64.58 24.94 46.52
C THR G 116 64.00 23.57 46.90
N GLN G 117 63.92 22.68 45.91
CA GLN G 117 63.54 21.30 46.12
C GLN G 117 64.35 20.34 45.26
N ALA G 118 65.30 20.85 44.49
CA ALA G 118 66.12 20.04 43.59
C ALA G 118 67.55 20.57 43.67
N THR G 119 68.38 20.17 42.72
CA THR G 119 69.77 20.59 42.66
C THR G 119 69.88 22.04 42.19
N PRO G 120 71.10 22.59 42.12
CA PRO G 120 71.25 23.97 41.64
C PRO G 120 71.38 24.06 40.13
N ALA G 121 71.10 22.95 39.44
CA ALA G 121 71.03 22.91 37.99
C ALA G 121 69.60 23.08 37.52
N GLN G 122 68.82 23.88 38.26
CA GLN G 122 67.46 24.26 37.87
C GLN G 122 67.48 25.03 36.56
N GLN G 123 66.43 24.83 35.75
CA GLN G 123 66.20 25.37 34.40
C GLN G 123 67.18 24.82 33.35
N LYS G 124 68.07 23.90 33.75
CA LYS G 124 68.75 23.05 32.79
C LYS G 124 67.88 21.83 32.49
N THR G 125 66.95 21.53 33.41
CA THR G 125 65.90 20.56 33.19
C THR G 125 64.82 21.14 32.27
N MET G 126 64.78 22.47 32.18
CA MET G 126 63.84 23.12 31.27
C MET G 126 64.20 22.84 29.82
N GLU G 127 65.48 22.64 29.54
CA GLU G 127 65.88 22.18 28.21
C GLU G 127 65.58 20.70 28.04
N GLN G 128 65.49 19.96 29.13
CA GLN G 128 65.17 18.53 29.05
C GLN G 128 63.69 18.31 28.78
N GLN G 129 62.82 19.00 29.52
CA GLN G 129 61.38 18.76 29.40
C GLN G 129 60.79 19.29 28.11
N LEU G 130 61.38 20.35 27.54
CA LEU G 130 60.77 21.01 26.38
C LEU G 130 61.05 20.24 25.11
N ILE G 131 62.05 19.37 25.11
CA ILE G 131 62.35 18.62 23.89
C ILE G 131 61.40 17.44 23.75
N SER G 132 60.72 17.06 24.84
CA SER G 132 59.68 16.03 24.74
C SER G 132 58.32 16.64 24.43
N ASN G 133 58.19 17.96 24.55
CA ASN G 133 56.86 18.57 24.49
C ASN G 133 56.36 18.68 23.05
N MET G 134 57.18 19.25 22.15
CA MET G 134 56.68 19.58 20.83
C MET G 134 56.40 18.35 19.96
N ASN G 135 56.95 17.20 20.31
CA ASN G 135 56.70 15.99 19.53
C ASN G 135 55.43 15.34 20.05
N SER G 136 54.33 15.51 19.29
CA SER G 136 53.06 14.80 19.46
C SER G 136 52.43 15.05 20.83
N ILE G 137 52.05 16.30 21.07
CA ILE G 137 51.34 16.68 22.28
C ILE G 137 49.85 16.81 21.93
N THR G 138 49.01 16.78 22.97
CA THR G 138 47.57 17.00 22.88
C THR G 138 47.18 18.17 23.78
N SER G 139 45.89 18.51 23.78
CA SER G 139 45.38 19.56 24.64
C SER G 139 44.74 19.01 25.91
N ILE G 140 44.97 17.74 26.22
CA ILE G 140 44.38 17.08 27.38
C ILE G 140 45.47 16.87 28.41
N ASP G 141 45.28 17.41 29.61
CA ASP G 141 46.29 17.28 30.65
C ASP G 141 46.29 15.91 31.31
N GLU G 142 47.13 15.70 32.30
CA GLU G 142 47.35 14.37 32.86
C GLU G 142 46.28 13.94 33.85
N ASP G 143 45.50 14.87 34.37
CA ASP G 143 44.49 14.57 35.38
C ASP G 143 43.12 14.99 34.91
N ALA G 144 42.87 14.88 33.61
CA ALA G 144 41.53 14.96 33.07
C ALA G 144 40.88 13.60 33.16
N TYR G 145 39.59 13.59 33.48
CA TYR G 145 38.85 12.34 33.52
C TYR G 145 37.82 12.32 32.42
N ILE G 146 37.70 11.19 31.77
CA ILE G 146 36.68 10.94 30.76
C ILE G 146 35.55 10.19 31.43
N MET G 147 34.32 10.34 30.93
CA MET G 147 33.17 9.69 31.52
C MET G 147 32.10 9.49 30.48
N VAL G 148 31.21 8.54 30.73
CA VAL G 148 30.13 8.19 29.82
C VAL G 148 28.87 8.94 30.25
N ALA G 149 28.55 10.01 29.53
CA ALA G 149 27.39 10.84 29.79
C ALA G 149 26.22 10.34 28.95
N THR G 150 25.04 10.94 29.14
CA THR G 150 23.81 10.31 28.66
C THR G 150 23.00 11.15 27.69
N ASN G 151 23.40 12.40 27.45
CA ASN G 151 22.80 13.29 26.44
C ASN G 151 21.31 13.56 26.64
N GLY G 152 20.95 14.23 27.71
CA GLY G 152 19.56 14.57 27.97
C GLY G 152 19.00 13.73 29.10
N LEU G 153 17.92 13.02 28.79
CA LEU G 153 17.32 12.13 29.78
C LEU G 153 17.00 10.79 29.13
N LEU G 154 16.90 10.80 27.81
CA LEU G 154 16.57 9.58 27.07
C LEU G 154 17.42 9.42 25.81
N GLY G 155 18.48 10.20 25.64
CA GLY G 155 19.25 10.16 24.42
C GLY G 155 20.23 9.01 24.39
N GLU G 156 21.01 8.96 23.32
CA GLU G 156 22.07 7.98 23.20
C GLU G 156 23.26 8.44 24.04
N LYS G 157 24.22 7.56 24.26
CA LYS G 157 25.30 7.83 25.19
C LYS G 157 26.56 8.19 24.42
N TYR G 158 27.43 8.95 25.09
CA TYR G 158 28.65 9.45 24.47
C TYR G 158 29.73 9.55 25.55
N LEU G 159 30.91 9.97 25.13
CA LEU G 159 32.04 10.16 26.03
C LEU G 159 32.31 11.64 26.23
N LYS G 160 32.70 12.01 27.45
CA LYS G 160 32.82 13.42 27.83
C LYS G 160 34.12 13.64 28.59
N ILE G 161 35.01 14.45 28.03
CA ILE G 161 36.31 14.70 28.63
C ILE G 161 36.19 15.93 29.53
N VAL G 162 36.63 15.81 30.78
CA VAL G 162 36.54 16.89 31.75
C VAL G 162 37.97 17.27 32.15
N PRO G 163 38.50 18.38 31.67
CA PRO G 163 39.84 18.79 32.11
C PRO G 163 39.79 19.57 33.42
N GLY G 164 40.64 19.16 34.34
CA GLY G 164 40.67 19.77 35.66
C GLY G 164 42.06 19.80 36.27
N GLY G 165 42.48 20.96 36.74
CA GLY G 165 43.84 21.12 37.23
C GLY G 165 44.83 21.05 36.07
N GLY G 166 46.00 20.48 36.36
CA GLY G 166 46.89 20.04 35.31
C GLY G 166 48.07 20.92 34.98
N LEU G 167 49.26 20.32 34.99
CA LEU G 167 50.50 20.97 34.59
C LEU G 167 51.08 20.32 33.34
N ASN G 168 51.33 19.02 33.39
CA ASN G 168 51.85 18.28 32.26
C ASN G 168 50.73 17.87 31.32
N TYR G 169 51.09 17.46 30.11
CA TYR G 169 50.14 17.09 29.09
C TYR G 169 50.38 15.65 28.65
N LEU G 170 49.37 15.08 28.00
CA LEU G 170 49.44 13.71 27.52
C LEU G 170 49.79 13.70 26.05
N LYS G 171 50.55 12.70 25.63
CA LYS G 171 50.92 12.59 24.23
C LYS G 171 49.91 11.76 23.47
N ARG G 172 50.05 11.75 22.15
CA ARG G 172 49.16 10.97 21.29
C ARG G 172 49.46 9.49 21.47
N GLY G 173 48.41 8.68 21.50
CA GLY G 173 48.55 7.27 21.72
C GLY G 173 48.37 6.80 23.15
N ASP G 174 48.37 7.72 24.11
CA ASP G 174 48.36 7.38 25.52
C ASP G 174 47.01 6.83 25.97
N THR G 175 46.90 6.56 27.25
CA THR G 175 45.70 6.02 27.87
C THR G 175 45.26 6.97 28.97
N ILE G 176 44.01 7.42 28.90
CA ILE G 176 43.46 8.26 29.96
C ILE G 176 43.21 7.40 31.18
N SER G 177 43.78 7.80 32.31
CA SER G 177 43.86 6.95 33.49
C SER G 177 42.86 7.33 34.57
N ASN G 178 41.84 8.10 34.22
CA ASN G 178 40.81 8.54 35.17
C ASN G 178 39.50 8.38 34.44
N THR G 179 38.67 7.44 34.87
CA THR G 179 37.40 7.17 34.21
C THR G 179 36.28 7.09 35.24
N GLN G 180 35.05 7.11 34.73
CA GLN G 180 33.92 6.53 35.43
C GLN G 180 32.88 6.12 34.41
N GLY G 181 32.26 4.97 34.63
CA GLY G 181 31.38 4.38 33.66
C GLY G 181 29.98 4.96 33.70
N THR G 182 29.07 4.26 33.06
CA THR G 182 27.72 4.77 32.89
C THR G 182 26.93 4.65 34.20
N MET G 183 25.83 5.38 34.25
CA MET G 183 24.95 5.41 35.41
C MET G 183 23.56 4.98 34.96
N ASP G 184 23.17 3.76 35.31
CA ASP G 184 21.85 3.25 35.03
C ASP G 184 20.95 3.60 36.22
N LEU G 185 19.76 3.02 36.30
CA LEU G 185 18.81 3.39 37.34
C LEU G 185 19.26 2.94 38.72
N GLU G 186 19.91 1.78 38.80
CA GLU G 186 20.32 1.22 40.08
C GLU G 186 21.53 1.96 40.64
N ASP G 187 22.29 2.60 39.75
CA ASP G 187 23.44 3.41 40.16
C ASP G 187 23.05 4.79 40.62
N LEU G 188 21.92 5.31 40.15
CA LEU G 188 21.43 6.60 40.62
C LEU G 188 20.70 6.47 41.96
N ILE G 189 20.20 5.28 42.28
CA ILE G 189 19.49 5.09 43.54
C ILE G 189 20.46 4.72 44.65
N SER G 190 21.52 3.99 44.31
CA SER G 190 22.46 3.53 45.33
C SER G 190 23.33 4.67 45.83
N LYS G 191 23.47 5.73 45.04
CA LYS G 191 24.26 6.87 45.50
C LYS G 191 23.45 7.78 46.41
N PHE G 192 22.13 7.60 46.47
CA PHE G 192 21.31 8.41 47.36
C PHE G 192 21.36 7.86 48.76
N ILE G 193 21.06 6.57 48.93
CA ILE G 193 21.07 5.95 50.24
C ILE G 193 22.48 5.54 50.64
N SER H 3 9.13 -34.17 -19.20
CA SER H 3 9.57 -32.78 -19.19
C SER H 3 8.76 -31.98 -18.18
N ARG H 4 7.57 -32.50 -17.89
CA ARG H 4 6.71 -31.92 -16.87
C ARG H 4 7.33 -32.35 -15.54
N THR H 5 7.86 -33.57 -15.49
CA THR H 5 8.52 -34.09 -14.31
C THR H 5 9.83 -33.35 -14.03
N SER H 6 10.50 -32.93 -15.09
CA SER H 6 11.69 -32.11 -14.93
C SER H 6 11.34 -30.71 -14.44
N GLU H 7 10.23 -30.15 -14.93
CA GLU H 7 9.86 -28.78 -14.54
C GLU H 7 9.21 -28.76 -13.17
N LEU H 8 8.56 -29.85 -12.78
CA LEU H 8 7.98 -29.92 -11.44
C LEU H 8 9.05 -30.16 -10.39
N ALA H 9 10.19 -30.71 -10.81
CA ALA H 9 11.29 -30.93 -9.89
C ALA H 9 12.00 -29.62 -9.56
N VAL H 10 12.10 -28.73 -10.54
CA VAL H 10 12.72 -27.43 -10.29
C VAL H 10 11.75 -26.55 -9.50
N GLY H 11 10.45 -26.73 -9.71
CA GLY H 11 9.48 -25.90 -9.02
C GLY H 11 9.34 -26.26 -7.56
N ILE H 12 9.72 -27.48 -7.20
CA ILE H 12 9.71 -27.89 -5.80
C ILE H 12 10.99 -27.43 -5.11
N PHE H 13 12.12 -27.45 -5.83
CA PHE H 13 13.39 -27.07 -5.25
C PHE H 13 13.44 -25.58 -4.93
N VAL H 14 12.71 -24.77 -5.68
CA VAL H 14 12.66 -23.33 -5.40
C VAL H 14 11.92 -23.06 -4.09
N ILE H 15 10.88 -23.85 -3.81
CA ILE H 15 10.10 -23.68 -2.60
C ILE H 15 10.90 -24.13 -1.38
N ILE H 16 11.62 -25.25 -1.50
CA ILE H 16 12.43 -25.75 -0.38
C ILE H 16 13.63 -24.84 -0.15
N PHE H 17 14.15 -24.23 -1.21
CA PHE H 17 15.19 -23.21 -1.04
C PHE H 17 14.63 -21.95 -0.40
N GLY H 18 13.33 -21.70 -0.56
CA GLY H 18 12.74 -20.54 0.07
C GLY H 18 12.45 -20.76 1.55
N ILE H 19 12.19 -22.00 1.93
CA ILE H 19 11.96 -22.32 3.34
C ILE H 19 13.28 -22.35 4.10
N ALA H 20 14.34 -22.82 3.44
CA ALA H 20 15.67 -22.83 4.07
C ALA H 20 16.21 -21.42 4.24
N LEU H 21 15.77 -20.48 3.41
CA LEU H 21 16.17 -19.08 3.57
C LEU H 21 15.36 -18.40 4.65
N PHE H 22 14.20 -18.96 4.97
CA PHE H 22 13.37 -18.39 6.04
C PHE H 22 13.92 -18.76 7.40
N PHE H 23 14.33 -20.01 7.58
CA PHE H 23 14.85 -20.43 8.87
C PHE H 23 16.30 -19.98 9.07
N LEU H 24 16.99 -19.66 7.98
CA LEU H 24 18.30 -19.04 8.10
C LEU H 24 18.15 -17.59 8.55
N ALA H 25 17.12 -16.91 8.07
CA ALA H 25 16.94 -15.50 8.38
C ALA H 25 16.49 -15.28 9.82
N MET H 26 15.74 -16.24 10.38
CA MET H 26 15.34 -16.14 11.77
C MET H 26 16.50 -16.47 12.69
N LYS H 27 17.46 -17.25 12.20
CA LYS H 27 18.64 -17.56 13.00
C LYS H 27 19.56 -16.35 13.10
N VAL H 28 19.79 -15.67 11.98
CA VAL H 28 20.66 -14.50 11.95
C VAL H 28 20.03 -13.35 12.72
N SER H 29 18.70 -13.26 12.69
CA SER H 29 17.96 -12.24 13.42
C SER H 29 18.11 -12.39 14.92
N GLY H 30 17.77 -13.56 15.45
CA GLY H 30 17.86 -13.78 16.88
C GLY H 30 16.51 -14.09 17.49
N LEU H 31 15.62 -14.69 16.71
CA LEU H 31 14.32 -15.12 17.21
C LEU H 31 14.31 -16.60 17.54
N VAL H 32 15.01 -17.42 16.75
CA VAL H 32 15.04 -18.85 17.01
C VAL H 32 16.46 -19.43 16.98
N GLY H 33 16.91 -19.95 18.12
CA GLY H 33 18.23 -20.53 18.22
C GLY H 33 19.26 -19.55 18.75
N THR H 34 20.07 -20.01 19.69
CA THR H 34 21.11 -19.18 20.29
C THR H 34 21.88 -18.40 19.24
N ASN H 35 22.78 -19.09 18.54
CA ASN H 35 23.60 -18.48 17.50
C ASN H 35 24.91 -17.86 18.02
N LEU H 36 25.09 -17.85 19.33
CA LEU H 36 26.32 -17.30 19.88
C LEU H 36 27.44 -18.26 19.50
N SER H 37 28.51 -18.33 20.28
CA SER H 37 29.59 -19.25 19.90
C SER H 37 29.77 -20.23 21.05
N ASP H 38 29.76 -21.55 20.78
CA ASP H 38 30.02 -22.65 21.71
C ASP H 38 29.45 -22.49 23.12
N GLY H 39 28.18 -22.07 23.20
CA GLY H 39 27.60 -21.63 24.44
C GLY H 39 27.42 -22.74 25.47
N TYR H 40 28.10 -22.60 26.59
CA TYR H 40 27.88 -23.44 27.76
C TYR H 40 26.79 -22.82 28.61
N THR H 41 26.53 -23.36 29.78
CA THR H 41 25.37 -22.98 30.58
C THR H 41 25.79 -22.71 32.02
N MET H 42 25.15 -21.74 32.66
CA MET H 42 25.18 -21.55 34.10
C MET H 42 23.75 -21.32 34.59
N LYS H 43 23.56 -21.31 35.90
CA LYS H 43 22.25 -21.01 36.46
C LYS H 43 22.42 -20.19 37.74
N ALA H 44 21.33 -19.58 38.18
CA ALA H 44 21.34 -18.71 39.34
C ALA H 44 19.94 -18.63 39.91
N GLN H 45 19.85 -18.37 41.22
CA GLN H 45 18.58 -18.37 41.91
C GLN H 45 18.35 -17.02 42.57
N PHE H 46 17.31 -16.32 42.13
CA PHE H 46 16.99 -14.98 42.61
C PHE H 46 15.76 -15.02 43.50
N ASP H 47 15.45 -13.87 44.10
CA ASP H 47 14.23 -13.72 44.87
C ASP H 47 13.23 -12.76 44.25
N ASN H 48 13.61 -12.08 43.18
CA ASN H 48 12.68 -11.25 42.41
C ASN H 48 13.26 -11.11 41.01
N VAL H 49 12.50 -11.50 40.01
CA VAL H 49 12.96 -11.43 38.63
C VAL H 49 11.96 -10.66 37.78
N ASN H 50 11.27 -9.70 38.39
CA ASN H 50 10.15 -9.04 37.73
C ASN H 50 10.63 -8.16 36.59
N GLY H 51 10.19 -8.48 35.38
CA GLY H 51 10.60 -7.76 34.21
C GLY H 51 11.63 -8.47 33.35
N LEU H 52 12.18 -9.58 33.83
CA LEU H 52 13.17 -10.33 33.07
C LEU H 52 12.46 -11.34 32.19
N LYS H 53 12.87 -11.39 30.93
CA LYS H 53 12.27 -12.25 29.94
C LYS H 53 13.30 -13.23 29.40
N PRO H 54 12.89 -14.32 28.78
CA PRO H 54 13.85 -15.14 28.04
C PRO H 54 14.41 -14.41 26.84
N ARG H 55 15.58 -14.86 26.37
CA ARG H 55 16.41 -14.16 25.39
C ARG H 55 16.74 -12.73 25.83
N ALA H 56 17.00 -12.56 27.11
CA ALA H 56 17.46 -11.26 27.63
C ALA H 56 18.95 -11.13 27.44
N LYS H 57 19.57 -10.18 28.11
CA LYS H 57 20.97 -9.90 27.91
C LYS H 57 21.72 -10.25 29.18
N VAL H 58 22.94 -10.78 29.02
CA VAL H 58 23.87 -10.94 30.12
C VAL H 58 25.12 -10.12 29.77
N THR H 59 25.67 -9.43 30.76
CA THR H 59 26.61 -8.35 30.52
C THR H 59 27.74 -8.36 31.55
N MET H 60 28.98 -8.28 31.06
CA MET H 60 30.17 -8.23 31.90
C MET H 60 30.90 -6.94 31.56
N SER H 61 30.84 -5.97 32.48
CA SER H 61 31.40 -4.61 32.42
C SER H 61 30.84 -3.76 31.30
N GLY H 62 29.75 -4.18 30.66
CA GLY H 62 29.20 -3.39 29.58
C GLY H 62 29.00 -4.15 28.29
N VAL H 63 29.77 -5.21 28.07
CA VAL H 63 29.76 -5.92 26.80
C VAL H 63 28.92 -7.19 26.94
N THR H 64 28.16 -7.50 25.90
CA THR H 64 27.22 -8.61 25.93
C THR H 64 27.98 -9.93 25.83
N ILE H 65 27.69 -10.86 26.75
CA ILE H 65 28.32 -12.17 26.73
C ILE H 65 27.32 -13.32 26.66
N GLY H 66 26.02 -13.07 26.78
CA GLY H 66 25.12 -14.21 26.87
C GLY H 66 23.69 -13.85 26.54
N ARG H 67 22.81 -14.81 26.83
CA ARG H 67 21.37 -14.69 26.69
C ARG H 67 20.73 -15.43 27.85
N VAL H 68 19.45 -15.21 28.06
CA VAL H 68 18.69 -15.87 29.11
C VAL H 68 17.82 -16.94 28.46
N ASP H 69 17.79 -18.14 29.06
CA ASP H 69 17.11 -19.28 28.44
C ASP H 69 15.73 -19.54 29.05
N SER H 70 15.62 -19.62 30.39
CA SER H 70 14.36 -20.00 31.01
C SER H 70 14.30 -19.51 32.44
N ILE H 71 13.10 -19.15 32.88
CA ILE H 71 12.83 -18.70 34.25
C ILE H 71 11.69 -19.55 34.81
N THR H 72 11.98 -20.33 35.85
CA THR H 72 11.00 -21.17 36.54
C THR H 72 10.93 -20.78 38.01
N LEU H 73 9.95 -21.35 38.73
CA LEU H 73 9.60 -20.87 40.06
C LEU H 73 10.08 -21.76 41.20
N ASP H 74 9.87 -23.08 41.13
CA ASP H 74 10.12 -24.05 42.20
C ASP H 74 9.40 -23.68 43.50
N PRO H 75 8.12 -24.01 43.62
CA PRO H 75 7.29 -23.53 44.74
C PRO H 75 7.64 -24.10 46.11
N VAL H 76 8.61 -24.99 46.24
CA VAL H 76 8.99 -25.48 47.56
C VAL H 76 9.81 -24.46 48.33
N THR H 77 10.76 -23.79 47.67
CA THR H 77 11.58 -22.77 48.29
C THR H 77 11.27 -21.36 47.81
N ARG H 78 10.44 -21.21 46.78
CA ARG H 78 9.90 -19.95 46.26
C ARG H 78 10.96 -18.98 45.76
N LEU H 79 12.13 -19.51 45.40
CA LEU H 79 13.13 -18.70 44.71
C LEU H 79 13.12 -19.00 43.22
N ALA H 80 12.97 -17.95 42.42
CA ALA H 80 12.96 -18.12 40.98
C ALA H 80 14.37 -18.45 40.48
N THR H 81 14.43 -19.30 39.47
CA THR H 81 15.71 -19.83 39.00
C THR H 81 15.86 -19.51 37.53
N VAL H 82 16.86 -18.71 37.20
CA VAL H 82 17.12 -18.29 35.83
C VAL H 82 18.26 -19.14 35.28
N THR H 83 18.04 -19.71 34.11
CA THR H 83 19.06 -20.45 33.38
C THR H 83 19.52 -19.58 32.22
N PHE H 84 20.82 -19.31 32.17
CA PHE H 84 21.36 -18.46 31.11
C PHE H 84 22.58 -19.14 30.52
N ASP H 85 22.79 -18.92 29.22
CA ASP H 85 23.91 -19.53 28.52
C ASP H 85 24.95 -18.46 28.18
N LEU H 86 26.21 -18.77 28.41
CA LEU H 86 27.29 -17.81 28.26
C LEU H 86 27.98 -18.03 26.92
N ASP H 87 29.10 -17.33 26.69
CA ASP H 87 29.88 -17.44 25.47
C ASP H 87 31.30 -17.82 25.85
N GLY H 88 31.86 -18.79 25.14
CA GLY H 88 33.16 -19.32 25.54
C GLY H 88 34.30 -18.42 25.13
N LYS H 89 34.15 -17.71 24.01
CA LYS H 89 35.20 -16.88 23.45
C LYS H 89 35.52 -15.68 24.35
N LEU H 90 34.50 -15.12 24.99
CA LEU H 90 34.66 -13.91 25.80
C LEU H 90 34.86 -14.21 27.27
N THR H 91 34.40 -15.36 27.75
CA THR H 91 34.46 -15.68 29.17
C THR H 91 35.40 -16.80 29.52
N SER H 92 35.97 -17.52 28.57
CA SER H 92 36.97 -18.55 28.84
C SER H 92 38.24 -18.20 28.09
N PHE H 93 39.31 -17.94 28.83
CA PHE H 93 40.58 -17.57 28.22
C PHE H 93 41.28 -18.76 27.57
N ASN H 94 42.50 -18.54 27.07
CA ASN H 94 43.14 -19.52 26.19
C ASN H 94 44.57 -19.73 26.66
N ALA H 95 45.38 -20.37 25.80
CA ALA H 95 46.72 -20.92 26.05
C ALA H 95 47.67 -20.01 26.83
N GLU H 96 47.89 -18.78 26.36
CA GLU H 96 48.82 -17.89 27.04
C GLU H 96 48.25 -17.37 28.35
N GLN H 97 46.94 -17.21 28.45
CA GLN H 97 46.35 -16.72 29.69
C GLN H 97 46.14 -17.84 30.69
N LEU H 98 45.92 -19.07 30.19
CA LEU H 98 45.73 -20.20 31.10
C LEU H 98 47.04 -20.57 31.79
N LYS H 99 48.15 -20.51 31.05
CA LYS H 99 49.45 -20.65 31.69
C LYS H 99 49.80 -19.44 32.54
N GLU H 100 49.18 -18.28 32.26
CA GLU H 100 49.39 -17.11 33.09
C GLU H 100 48.75 -17.27 34.46
N VAL H 101 47.54 -17.83 34.51
CA VAL H 101 46.93 -18.14 35.81
C VAL H 101 47.35 -19.52 36.33
N GLN H 102 48.20 -20.23 35.60
CA GLN H 102 48.78 -21.46 36.14
C GLN H 102 49.78 -21.15 37.25
N LYS H 103 50.73 -20.28 36.98
CA LYS H 103 51.85 -20.07 37.90
C LYS H 103 51.50 -19.18 39.07
N ASN H 104 50.89 -18.02 38.82
CA ASN H 104 50.73 -17.04 39.89
C ASN H 104 49.62 -17.43 40.86
N ALA H 105 48.56 -18.07 40.37
CA ALA H 105 47.42 -18.38 41.23
C ALA H 105 47.70 -19.58 42.12
N LEU H 106 48.45 -20.56 41.60
CA LEU H 106 48.88 -21.68 42.44
C LEU H 106 49.98 -21.27 43.40
N ASP H 107 50.63 -20.13 43.15
CA ASP H 107 51.57 -19.56 44.12
C ASP H 107 50.89 -18.57 45.05
N GLU H 108 49.75 -18.01 44.64
CA GLU H 108 49.01 -17.10 45.51
C GLU H 108 48.14 -17.84 46.50
N LEU H 109 47.54 -18.96 46.08
CA LEU H 109 46.73 -19.75 47.00
C LEU H 109 47.61 -20.51 47.99
N ARG H 110 48.63 -21.19 47.48
CA ARG H 110 49.61 -21.89 48.31
C ARG H 110 50.81 -21.00 48.61
N TYR H 111 50.54 -19.83 49.18
CA TYR H 111 51.55 -18.83 49.45
C TYR H 111 52.24 -19.11 50.79
N SER H 112 52.97 -18.12 51.31
CA SER H 112 53.73 -18.30 52.54
C SER H 112 52.82 -18.44 53.76
N SER H 113 51.60 -17.92 53.67
CA SER H 113 50.61 -18.14 54.73
C SER H 113 50.11 -19.58 54.70
N ASP H 114 50.03 -20.18 53.51
CA ASP H 114 49.64 -21.57 53.38
C ASP H 114 50.84 -22.50 53.23
N TYR H 115 52.06 -21.96 53.27
CA TYR H 115 53.25 -22.82 53.18
C TYR H 115 53.44 -23.62 54.46
N THR H 116 53.55 -22.93 55.60
CA THR H 116 53.63 -23.61 56.89
C THR H 116 52.26 -23.75 57.53
N GLN H 117 51.32 -24.24 56.76
CA GLN H 117 49.95 -24.54 57.20
C GLN H 117 49.51 -25.93 56.82
N ALA H 118 49.94 -26.44 55.66
CA ALA H 118 49.61 -27.78 55.22
C ALA H 118 50.62 -28.77 55.78
N THR H 119 50.64 -29.98 55.23
CA THR H 119 51.53 -31.04 55.68
C THR H 119 52.97 -30.80 55.23
N PRO H 120 53.89 -31.69 55.58
CA PRO H 120 55.30 -31.51 55.17
C PRO H 120 55.60 -32.05 53.79
N ALA H 121 54.56 -32.33 53.00
CA ALA H 121 54.72 -32.94 51.68
C ALA H 121 55.24 -31.95 50.64
N GLN H 122 55.45 -32.45 49.43
CA GLN H 122 55.97 -31.67 48.31
C GLN H 122 54.88 -30.84 47.64
N GLN H 123 55.15 -30.37 46.42
CA GLN H 123 54.24 -29.52 45.67
C GLN H 123 53.18 -30.30 44.90
N LYS H 124 52.82 -31.51 45.37
CA LYS H 124 51.75 -32.26 44.74
C LYS H 124 50.39 -31.60 44.98
N THR H 125 50.27 -30.79 46.03
CA THR H 125 49.07 -29.99 46.24
C THR H 125 48.87 -28.98 45.12
N MET H 126 49.95 -28.44 44.57
CA MET H 126 49.87 -27.68 43.34
C MET H 126 49.66 -28.59 42.13
N GLU H 127 50.04 -29.87 42.22
CA GLU H 127 49.89 -30.78 41.10
C GLU H 127 48.51 -31.46 41.12
N GLN H 128 47.94 -31.67 42.30
CA GLN H 128 46.57 -32.21 42.36
C GLN H 128 45.54 -31.14 42.05
N GLN H 129 45.89 -29.86 42.23
CA GLN H 129 44.96 -28.79 41.90
C GLN H 129 45.11 -28.30 40.47
N LEU H 130 46.21 -28.63 39.79
CA LEU H 130 46.41 -28.14 38.43
C LEU H 130 45.54 -28.91 37.44
N ILE H 131 45.34 -30.21 37.67
CA ILE H 131 44.53 -31.01 36.77
C ILE H 131 43.06 -30.63 36.84
N SER H 132 42.58 -30.22 38.03
CA SER H 132 41.16 -29.93 38.20
C SER H 132 40.79 -28.51 37.79
N ASN H 133 41.77 -27.71 37.33
CA ASN H 133 41.46 -26.34 36.93
C ASN H 133 41.31 -26.22 35.41
N MET H 134 42.19 -26.88 34.64
CA MET H 134 42.27 -26.61 33.21
C MET H 134 41.09 -27.17 32.44
N ASN H 135 40.42 -28.18 32.97
CA ASN H 135 39.23 -28.72 32.34
C ASN H 135 38.08 -27.74 32.54
N SER H 136 37.89 -26.85 31.57
CA SER H 136 36.71 -26.00 31.40
C SER H 136 36.49 -25.07 32.59
N ILE H 137 37.42 -24.14 32.74
CA ILE H 137 37.30 -23.07 33.71
C ILE H 137 36.69 -21.84 33.01
N THR H 138 36.16 -20.92 33.80
CA THR H 138 35.59 -19.66 33.33
C THR H 138 36.35 -18.51 33.97
N SER H 139 36.16 -17.31 33.42
CA SER H 139 36.77 -16.11 33.97
C SER H 139 36.00 -15.52 35.12
N ILE H 140 34.88 -16.12 35.50
CA ILE H 140 34.08 -15.65 36.63
C ILE H 140 34.70 -16.18 37.91
N ASP H 141 35.12 -15.27 38.79
CA ASP H 141 35.64 -15.68 40.09
C ASP H 141 34.53 -16.16 41.00
N GLU H 142 34.92 -16.70 42.17
CA GLU H 142 33.98 -17.33 43.07
C GLU H 142 33.13 -16.34 43.87
N ASP H 143 33.50 -15.07 43.91
CA ASP H 143 32.79 -14.08 44.69
C ASP H 143 32.31 -12.92 43.82
N ALA H 144 32.09 -13.20 42.54
CA ALA H 144 31.40 -12.28 41.66
C ALA H 144 29.90 -12.44 41.85
N TYR H 145 29.20 -11.31 41.90
CA TYR H 145 27.77 -11.33 42.13
C TYR H 145 27.04 -10.87 40.88
N ILE H 146 25.89 -11.45 40.65
CA ILE H 146 25.07 -11.17 39.47
C ILE H 146 23.81 -10.45 39.91
N MET H 147 23.39 -9.45 39.14
CA MET H 147 22.25 -8.64 39.54
C MET H 147 21.37 -8.39 38.33
N VAL H 148 20.17 -7.89 38.60
CA VAL H 148 19.21 -7.52 37.57
C VAL H 148 19.24 -6.01 37.43
N ALA H 149 19.90 -5.52 36.38
CA ALA H 149 19.99 -4.11 36.09
C ALA H 149 18.88 -3.74 35.10
N THR H 150 18.79 -2.45 34.77
CA THR H 150 17.57 -1.97 34.13
C THR H 150 17.82 -1.10 32.90
N ASN H 151 19.03 -1.13 32.34
CA ASN H 151 19.35 -0.59 31.02
C ASN H 151 19.00 0.88 30.80
N GLY H 152 19.58 1.77 31.58
CA GLY H 152 19.26 3.17 31.42
C GLY H 152 18.34 3.64 32.51
N LEU H 153 17.31 4.39 32.14
CA LEU H 153 16.29 4.81 33.09
C LEU H 153 14.95 4.14 32.84
N LEU H 154 14.60 3.84 31.59
CA LEU H 154 13.34 3.23 31.25
C LEU H 154 13.53 2.06 30.30
N GLY H 155 14.72 1.48 30.27
CA GLY H 155 15.05 0.43 29.33
C GLY H 155 14.47 -0.92 29.70
N GLU H 156 15.02 -2.01 29.17
CA GLU H 156 14.29 -3.29 29.27
C GLU H 156 14.50 -3.95 30.62
N LYS H 157 15.57 -4.74 30.75
CA LYS H 157 16.21 -5.31 31.93
C LYS H 157 17.27 -6.28 31.42
N TYR H 158 18.27 -6.58 32.24
CA TYR H 158 19.28 -7.56 31.86
C TYR H 158 19.96 -8.05 33.12
N LEU H 159 20.72 -9.12 32.98
CA LEU H 159 21.54 -9.65 34.06
C LEU H 159 22.96 -9.11 33.93
N LYS H 160 23.53 -8.68 35.04
CA LYS H 160 24.84 -8.03 35.03
C LYS H 160 25.77 -8.75 36.00
N ILE H 161 26.83 -9.34 35.47
CA ILE H 161 27.83 -10.01 36.30
C ILE H 161 28.85 -8.97 36.71
N VAL H 162 29.09 -8.85 38.03
CA VAL H 162 30.02 -7.86 38.56
C VAL H 162 31.19 -8.62 39.19
N PRO H 163 32.39 -8.55 38.63
CA PRO H 163 33.53 -9.26 39.21
C PRO H 163 34.10 -8.54 40.42
N GLY H 164 34.66 -9.32 41.33
CA GLY H 164 35.34 -8.73 42.47
C GLY H 164 36.08 -9.70 43.36
N GLY H 165 37.35 -9.41 43.62
CA GLY H 165 38.20 -10.22 44.50
C GLY H 165 38.42 -11.62 43.96
N GLY H 166 38.65 -12.55 44.89
CA GLY H 166 38.61 -13.96 44.59
C GLY H 166 39.84 -14.55 43.92
N LEU H 167 40.28 -15.71 44.39
CA LEU H 167 41.39 -16.44 43.82
C LEU H 167 40.94 -17.66 43.03
N ASN H 168 39.96 -18.41 43.54
CA ASN H 168 39.44 -19.55 42.83
C ASN H 168 38.36 -19.11 41.85
N TYR H 169 38.19 -19.90 40.79
CA TYR H 169 37.27 -19.54 39.71
C TYR H 169 36.25 -20.66 39.52
N LEU H 170 35.10 -20.29 38.96
CA LEU H 170 33.99 -21.23 38.83
C LEU H 170 34.14 -22.06 37.57
N LYS H 171 33.84 -23.35 37.68
CA LYS H 171 33.83 -24.20 36.50
C LYS H 171 32.53 -24.00 35.73
N ARG H 172 32.47 -24.64 34.56
CA ARG H 172 31.29 -24.55 33.71
C ARG H 172 30.14 -25.32 34.34
N GLY H 173 28.92 -24.82 34.20
CA GLY H 173 27.76 -25.47 34.73
C GLY H 173 27.40 -25.11 36.15
N ASP H 174 28.24 -24.36 36.85
CA ASP H 174 28.06 -24.05 38.25
C ASP H 174 26.92 -23.06 38.46
N THR H 175 26.62 -22.81 39.73
CA THR H 175 25.56 -21.92 40.14
C THR H 175 26.19 -20.74 40.88
N ILE H 176 25.92 -19.53 40.40
CA ILE H 176 26.46 -18.35 41.05
C ILE H 176 25.71 -18.13 42.36
N SER H 177 26.46 -18.04 43.46
CA SER H 177 25.89 -18.10 44.79
C SER H 177 25.76 -16.74 45.45
N ASN H 178 25.98 -15.65 44.71
CA ASN H 178 25.75 -14.30 45.21
C ASN H 178 24.89 -13.60 44.18
N THR H 179 23.62 -13.41 44.49
CA THR H 179 22.69 -12.76 43.58
C THR H 179 22.00 -11.61 44.31
N GLN H 180 21.43 -10.70 43.53
CA GLN H 180 20.43 -9.78 44.05
C GLN H 180 19.40 -9.47 42.99
N GLY H 181 18.13 -9.65 43.32
CA GLY H 181 17.05 -9.49 42.36
C GLY H 181 16.72 -8.04 42.02
N THR H 182 15.62 -7.84 41.31
CA THR H 182 15.30 -6.54 40.77
C THR H 182 14.90 -5.56 41.86
N MET H 183 15.02 -4.26 41.59
CA MET H 183 14.71 -3.23 42.55
C MET H 183 13.34 -2.65 42.22
N ASP H 184 12.45 -2.70 43.20
CA ASP H 184 11.09 -2.18 43.02
C ASP H 184 11.05 -0.71 43.41
N LEU H 185 10.42 0.10 42.55
CA LEU H 185 10.25 1.50 42.90
C LEU H 185 8.99 1.74 43.73
N GLU H 186 8.28 0.69 44.12
CA GLU H 186 7.22 0.84 45.10
C GLU H 186 7.80 1.02 46.49
N ASP H 187 8.65 0.09 46.91
CA ASP H 187 9.13 0.10 48.28
C ASP H 187 10.29 1.07 48.49
N LEU H 188 11.00 1.46 47.42
CA LEU H 188 12.07 2.43 47.57
C LEU H 188 11.52 3.82 47.83
N ILE H 189 10.41 4.17 47.15
CA ILE H 189 9.76 5.45 47.42
C ILE H 189 9.07 5.40 48.78
N SER H 190 8.73 4.20 49.25
CA SER H 190 8.15 4.01 50.57
C SER H 190 9.12 4.32 51.71
N LYS H 191 10.42 4.40 51.43
CA LYS H 191 11.36 4.82 52.46
C LYS H 191 11.82 6.25 52.23
N PHE H 192 11.87 6.69 50.96
CA PHE H 192 12.35 8.03 50.61
C PHE H 192 11.43 9.13 51.13
N ILE H 193 10.18 8.80 51.43
CA ILE H 193 9.24 9.74 52.02
C ILE H 193 9.65 10.12 53.43
N SER I 3 -2.71 -40.22 -12.41
CA SER I 3 -2.26 -39.23 -11.43
C SER I 3 -3.44 -38.67 -10.65
N ARG I 4 -4.59 -39.35 -10.72
CA ARG I 4 -5.76 -38.94 -9.95
C ARG I 4 -5.53 -39.17 -8.46
N THR I 5 -4.70 -40.15 -8.13
CA THR I 5 -4.33 -40.35 -6.73
C THR I 5 -3.38 -39.27 -6.23
N SER I 6 -2.70 -38.59 -7.16
CA SER I 6 -1.78 -37.52 -6.76
C SER I 6 -2.53 -36.22 -6.55
N GLU I 7 -3.55 -35.97 -7.37
CA GLU I 7 -4.36 -34.76 -7.21
C GLU I 7 -5.22 -34.83 -5.96
N LEU I 8 -5.50 -36.03 -5.48
CA LEU I 8 -6.34 -36.18 -4.30
C LEU I 8 -5.53 -35.95 -3.03
N ALA I 9 -4.22 -36.19 -3.09
CA ALA I 9 -3.38 -36.00 -1.91
C ALA I 9 -3.02 -34.54 -1.72
N VAL I 10 -2.73 -33.83 -2.81
CA VAL I 10 -2.41 -32.41 -2.71
C VAL I 10 -3.66 -31.60 -2.46
N GLY I 11 -4.81 -32.12 -2.90
CA GLY I 11 -6.07 -31.44 -2.64
C GLY I 11 -6.52 -31.58 -1.20
N ILE I 12 -6.18 -32.71 -0.56
CA ILE I 12 -6.60 -32.95 0.82
C ILE I 12 -5.68 -32.20 1.78
N PHE I 13 -4.38 -32.17 1.47
CA PHE I 13 -3.39 -31.51 2.32
C PHE I 13 -3.63 -30.00 2.39
N VAL I 14 -4.19 -29.43 1.33
CA VAL I 14 -4.47 -28.00 1.32
C VAL I 14 -5.66 -27.68 2.22
N ILE I 15 -6.70 -28.51 2.16
CA ILE I 15 -7.91 -28.26 2.94
C ILE I 15 -7.65 -28.51 4.42
N ILE I 16 -6.81 -29.49 4.73
CA ILE I 16 -6.45 -29.77 6.12
C ILE I 16 -5.64 -28.62 6.69
N PHE I 17 -4.65 -28.13 5.93
CA PHE I 17 -3.82 -27.01 6.34
C PHE I 17 -4.64 -25.72 6.48
N GLY I 18 -5.66 -25.56 5.64
CA GLY I 18 -6.43 -24.33 5.69
C GLY I 18 -7.39 -24.27 6.86
N ILE I 19 -7.92 -25.42 7.28
CA ILE I 19 -8.82 -25.47 8.42
C ILE I 19 -8.04 -25.46 9.72
N ALA I 20 -6.87 -26.12 9.73
CA ALA I 20 -6.04 -26.14 10.93
C ALA I 20 -5.43 -24.77 11.22
N LEU I 21 -5.31 -23.91 10.21
CA LEU I 21 -4.92 -22.53 10.47
C LEU I 21 -6.08 -21.75 11.06
N PHE I 22 -7.31 -22.07 10.66
CA PHE I 22 -8.47 -21.38 11.22
C PHE I 22 -8.72 -21.77 12.67
N PHE I 23 -8.42 -23.02 13.03
CA PHE I 23 -8.57 -23.44 14.41
C PHE I 23 -7.44 -22.88 15.27
N LEU I 24 -6.31 -22.60 14.64
CA LEU I 24 -5.21 -21.96 15.36
C LEU I 24 -5.42 -20.47 15.46
N ALA I 25 -6.16 -19.88 14.52
CA ALA I 25 -6.40 -18.45 14.55
C ALA I 25 -7.44 -18.08 15.59
N MET I 26 -8.35 -19.00 15.91
CA MET I 26 -9.32 -18.74 16.96
C MET I 26 -8.77 -19.08 18.33
N LYS I 27 -7.62 -19.74 18.39
CA LYS I 27 -7.00 -20.06 19.66
C LYS I 27 -6.08 -18.94 20.15
N VAL I 28 -5.46 -18.21 19.23
CA VAL I 28 -4.53 -17.15 19.59
C VAL I 28 -5.22 -15.80 19.49
N SER I 29 -6.56 -15.80 19.54
CA SER I 29 -7.30 -14.56 19.38
C SER I 29 -8.18 -14.26 20.57
N GLY I 30 -8.03 -15.02 21.66
CA GLY I 30 -8.79 -14.69 22.85
C GLY I 30 -10.22 -15.17 22.86
N LEU I 31 -10.67 -15.74 21.74
CA LEU I 31 -11.95 -16.42 21.71
C LEU I 31 -11.80 -17.83 22.30
N VAL I 32 -12.68 -18.73 21.85
CA VAL I 32 -12.95 -20.04 22.43
C VAL I 32 -11.70 -20.85 22.77
N GLY I 33 -11.64 -21.32 24.02
CA GLY I 33 -10.45 -21.90 24.60
C GLY I 33 -9.99 -21.12 25.82
N THR I 34 -8.68 -20.82 25.86
CA THR I 34 -8.01 -20.02 26.89
C THR I 34 -8.20 -20.64 28.27
N ASN I 35 -7.67 -21.84 28.48
CA ASN I 35 -7.84 -22.53 29.75
C ASN I 35 -6.54 -22.54 30.56
N LEU I 36 -6.55 -23.25 31.69
CA LEU I 36 -5.47 -23.11 32.66
C LEU I 36 -5.36 -24.39 33.48
N SER I 37 -4.15 -24.66 33.98
CA SER I 37 -3.81 -25.93 34.62
C SER I 37 -4.43 -26.08 36.01
N ASP I 38 -5.59 -26.74 36.08
CA ASP I 38 -6.45 -26.94 37.25
C ASP I 38 -6.53 -25.72 38.18
N GLY I 39 -6.98 -24.59 37.64
CA GLY I 39 -6.95 -23.37 38.41
C GLY I 39 -8.02 -23.33 39.48
N TYR I 40 -7.57 -23.24 40.73
CA TYR I 40 -8.47 -22.98 41.85
C TYR I 40 -8.69 -21.49 41.99
N THR I 41 -9.26 -21.04 43.10
CA THR I 41 -9.67 -19.65 43.19
C THR I 41 -9.49 -19.13 44.61
N MET I 42 -8.75 -18.05 44.76
CA MET I 42 -8.59 -17.37 46.03
C MET I 42 -9.33 -16.05 45.98
N LYS I 43 -9.37 -15.33 47.09
CA LYS I 43 -9.95 -14.01 47.11
C LYS I 43 -9.27 -13.17 48.18
N ALA I 44 -9.34 -11.85 48.02
CA ALA I 44 -8.71 -10.92 48.94
C ALA I 44 -9.47 -9.60 48.93
N GLN I 45 -9.28 -8.82 49.99
CA GLN I 45 -10.04 -7.60 50.22
C GLN I 45 -9.09 -6.45 50.51
N PHE I 46 -9.12 -5.43 49.66
CA PHE I 46 -8.25 -4.28 49.77
C PHE I 46 -9.06 -3.05 50.16
N ASP I 47 -8.38 -1.93 50.30
CA ASP I 47 -9.04 -0.66 50.55
C ASP I 47 -8.91 0.33 49.41
N ASN I 48 -8.06 0.05 48.42
CA ASN I 48 -7.89 0.91 47.25
C ASN I 48 -7.25 0.07 46.15
N VAL I 49 -7.99 -0.16 45.08
CA VAL I 49 -7.52 -0.99 43.97
C VAL I 49 -7.47 -0.18 42.69
N ASN I 50 -7.13 1.11 42.81
CA ASN I 50 -7.33 2.06 41.72
C ASN I 50 -6.40 1.76 40.55
N GLY I 51 -6.98 1.35 39.44
CA GLY I 51 -6.23 1.03 38.24
C GLY I 51 -6.09 -0.45 37.99
N LEU I 52 -6.61 -1.31 38.85
CA LEU I 52 -6.57 -2.74 38.64
C LEU I 52 -7.74 -3.16 37.77
N LYS I 53 -7.46 -3.80 36.77
CA LYS I 53 -8.48 -4.22 35.84
C LYS I 53 -8.61 -5.74 35.86
N PRO I 54 -9.74 -6.30 35.43
CA PRO I 54 -9.82 -7.76 35.34
C PRO I 54 -8.96 -8.32 34.22
N ARG I 55 -8.68 -9.62 34.33
CA ARG I 55 -7.68 -10.35 33.54
C ARG I 55 -6.31 -9.68 33.62
N ALA I 56 -5.97 -9.20 34.81
CA ALA I 56 -4.63 -8.72 35.12
C ALA I 56 -3.74 -9.90 35.46
N LYS I 57 -2.62 -9.62 36.11
CA LYS I 57 -1.53 -10.55 36.30
C LYS I 57 -1.25 -10.72 37.79
N VAL I 58 -0.93 -11.93 38.24
CA VAL I 58 -0.60 -12.18 39.64
C VAL I 58 0.76 -12.86 39.69
N THR I 59 1.70 -12.25 40.41
CA THR I 59 3.06 -12.74 40.52
C THR I 59 3.40 -13.06 41.96
N MET I 60 4.29 -14.02 42.16
CA MET I 60 4.84 -14.25 43.49
C MET I 60 6.25 -13.69 43.64
N SER I 61 7.19 -14.17 42.83
CA SER I 61 8.54 -13.64 42.83
C SER I 61 8.95 -13.20 41.44
N GLY I 62 8.13 -12.40 40.79
CA GLY I 62 8.37 -11.96 39.44
C GLY I 62 7.73 -12.81 38.38
N VAL I 63 7.47 -14.07 38.65
CA VAL I 63 6.92 -14.99 37.67
C VAL I 63 5.40 -15.06 37.85
N THR I 64 4.68 -14.98 36.72
CA THR I 64 3.22 -14.94 36.72
C THR I 64 2.64 -16.29 37.12
N ILE I 65 1.82 -16.31 38.17
CA ILE I 65 1.20 -17.56 38.63
C ILE I 65 -0.30 -17.59 38.42
N GLY I 66 -0.92 -16.51 37.95
CA GLY I 66 -2.36 -16.51 37.85
C GLY I 66 -2.87 -15.33 37.05
N ARG I 67 -4.17 -15.12 37.13
CA ARG I 67 -4.85 -13.99 36.51
C ARG I 67 -5.85 -13.45 37.50
N VAL I 68 -6.48 -12.34 37.16
CA VAL I 68 -7.52 -11.74 38.01
C VAL I 68 -8.87 -11.98 37.36
N ASP I 69 -9.88 -12.32 38.18
CA ASP I 69 -11.21 -12.66 37.67
C ASP I 69 -12.20 -11.51 37.74
N SER I 70 -12.48 -10.99 38.92
CA SER I 70 -13.52 -9.97 39.07
C SER I 70 -13.23 -9.10 40.28
N ILE I 71 -13.68 -7.85 40.21
CA ILE I 71 -13.51 -6.85 41.27
C ILE I 71 -14.88 -6.25 41.57
N THR I 72 -15.33 -6.34 42.81
CA THR I 72 -16.60 -5.77 43.23
C THR I 72 -16.43 -4.91 44.46
N LEU I 73 -17.39 -4.00 44.67
CA LEU I 73 -17.39 -3.09 45.81
C LEU I 73 -18.50 -3.48 46.77
N ASP I 74 -18.23 -3.30 48.06
CA ASP I 74 -19.22 -3.53 49.11
C ASP I 74 -19.66 -2.17 49.64
N PRO I 75 -20.84 -1.66 49.29
CA PRO I 75 -21.20 -0.29 49.66
C PRO I 75 -21.81 -0.15 51.04
N VAL I 76 -21.30 -0.87 52.03
CA VAL I 76 -21.69 -0.67 53.42
C VAL I 76 -20.40 -0.44 54.21
N THR I 77 -19.31 -1.01 53.72
CA THR I 77 -18.05 -1.01 54.44
C THR I 77 -16.89 -0.42 53.66
N ARG I 78 -17.16 0.10 52.47
CA ARG I 78 -16.14 0.75 51.64
C ARG I 78 -14.88 -0.06 51.35
N LEU I 79 -15.05 -1.33 51.07
CA LEU I 79 -13.95 -2.21 50.74
C LEU I 79 -14.18 -2.86 49.39
N ALA I 80 -13.10 -3.17 48.69
CA ALA I 80 -13.18 -3.84 47.41
C ALA I 80 -12.71 -5.28 47.53
N THR I 81 -13.42 -6.18 46.86
CA THR I 81 -13.17 -7.61 47.02
C THR I 81 -12.74 -8.19 45.68
N VAL I 82 -11.48 -8.56 45.57
CA VAL I 82 -10.90 -9.10 44.35
C VAL I 82 -10.87 -10.61 44.49
N THR I 83 -11.37 -11.31 43.49
CA THR I 83 -11.20 -12.76 43.37
C THR I 83 -10.30 -13.05 42.19
N PHE I 84 -9.34 -13.94 42.39
CA PHE I 84 -8.38 -14.28 41.36
C PHE I 84 -8.21 -15.78 41.36
N ASP I 85 -7.61 -16.31 40.30
CA ASP I 85 -7.48 -17.75 40.12
C ASP I 85 -6.03 -18.12 39.82
N LEU I 86 -5.48 -19.03 40.63
CA LEU I 86 -4.08 -19.40 40.55
C LEU I 86 -3.84 -20.64 39.70
N ASP I 87 -2.64 -21.23 39.77
CA ASP I 87 -2.32 -22.43 39.02
C ASP I 87 -1.94 -23.57 39.96
N GLY I 88 -2.11 -24.80 39.47
CA GLY I 88 -1.74 -25.96 40.24
C GLY I 88 -0.30 -26.40 40.07
N LYS I 89 0.27 -26.20 38.87
CA LYS I 89 1.63 -26.61 38.61
C LYS I 89 2.66 -25.68 39.23
N LEU I 90 2.25 -24.51 39.73
CA LEU I 90 3.18 -23.48 40.14
C LEU I 90 3.04 -23.16 41.62
N THR I 91 1.89 -23.47 42.20
CA THR I 91 1.62 -23.17 43.60
C THR I 91 1.24 -24.38 44.45
N SER I 92 1.17 -25.58 43.88
CA SER I 92 0.80 -26.75 44.66
C SER I 92 1.89 -27.81 44.59
N PHE I 93 2.17 -28.41 45.74
CA PHE I 93 3.19 -29.45 45.85
C PHE I 93 2.65 -30.74 45.24
N ASN I 94 3.43 -31.35 44.35
CA ASN I 94 2.96 -32.51 43.62
C ASN I 94 2.73 -33.74 44.49
N ALA I 95 3.80 -34.43 44.90
CA ALA I 95 3.67 -35.49 45.89
C ALA I 95 4.81 -35.43 46.90
N GLU I 96 6.02 -35.13 46.41
CA GLU I 96 7.22 -35.31 47.20
C GLU I 96 7.42 -34.13 48.12
N GLN I 97 7.25 -32.91 47.59
CA GLN I 97 7.35 -31.67 48.35
C GLN I 97 6.26 -31.59 49.42
N LEU I 98 5.14 -32.30 49.19
CA LEU I 98 4.12 -32.46 50.22
C LEU I 98 4.68 -33.11 51.46
N LYS I 99 5.52 -34.14 51.29
CA LYS I 99 6.15 -34.75 52.44
C LYS I 99 7.24 -33.86 53.02
N GLU I 100 7.86 -33.02 52.18
CA GLU I 100 8.98 -32.21 52.66
C GLU I 100 8.53 -31.06 53.54
N VAL I 101 7.48 -30.33 53.11
CA VAL I 101 6.98 -29.25 53.95
C VAL I 101 6.10 -29.77 55.09
N GLN I 102 5.72 -31.05 55.05
CA GLN I 102 5.10 -31.67 56.23
C GLN I 102 6.10 -31.78 57.36
N LYS I 103 7.24 -32.43 57.10
CA LYS I 103 8.20 -32.74 58.16
C LYS I 103 9.03 -31.53 58.57
N ASN I 104 9.01 -30.45 57.78
CA ASN I 104 9.65 -29.23 58.25
C ASN I 104 8.75 -28.47 59.22
N ALA I 105 7.46 -28.41 58.92
CA ALA I 105 6.51 -27.75 59.82
C ALA I 105 6.25 -28.63 61.06
N LEU I 106 6.45 -29.94 60.92
CA LEU I 106 6.30 -30.82 62.07
C LEU I 106 7.49 -30.74 63.01
N ASP I 107 8.71 -30.70 62.47
CA ASP I 107 9.89 -30.67 63.32
C ASP I 107 10.10 -29.30 63.94
N GLU I 108 9.64 -28.23 63.27
CA GLU I 108 9.75 -26.90 63.85
C GLU I 108 8.69 -26.66 64.93
N LEU I 109 7.51 -27.28 64.79
CA LEU I 109 6.49 -27.18 65.82
C LEU I 109 6.89 -27.97 67.06
N ARG I 110 7.34 -29.22 66.86
CA ARG I 110 7.73 -30.09 67.96
C ARG I 110 9.18 -29.85 68.39
N TYR I 111 9.53 -28.59 68.62
CA TYR I 111 10.86 -28.22 69.09
C TYR I 111 10.84 -28.12 70.61
N SER I 112 11.94 -27.61 71.18
CA SER I 112 12.03 -27.52 72.64
C SER I 112 11.24 -26.33 73.18
N SER I 113 10.83 -25.41 72.30
CA SER I 113 9.99 -24.29 72.73
C SER I 113 8.56 -24.74 73.02
N ASP I 114 7.96 -25.51 72.10
CA ASP I 114 6.58 -25.96 72.27
C ASP I 114 6.47 -27.35 72.87
N TYR I 115 7.58 -27.97 73.26
CA TYR I 115 7.48 -29.23 74.01
C TYR I 115 7.04 -28.97 75.44
N THR I 116 7.53 -27.88 76.04
CA THR I 116 7.12 -27.50 77.38
C THR I 116 5.78 -26.78 77.40
N GLN I 117 5.42 -26.10 76.30
CA GLN I 117 4.14 -25.41 76.23
C GLN I 117 2.99 -26.40 76.06
N ALA I 118 3.05 -27.23 75.02
CA ALA I 118 2.04 -28.24 74.78
C ALA I 118 2.19 -29.40 75.77
N THR I 119 1.23 -30.31 75.72
CA THR I 119 1.16 -31.46 76.62
C THR I 119 2.31 -32.44 76.36
N PRO I 120 2.55 -33.38 77.29
CA PRO I 120 3.61 -34.37 77.06
C PRO I 120 3.12 -35.60 76.31
N ALA I 121 1.88 -35.53 75.83
CA ALA I 121 1.30 -36.58 74.99
C ALA I 121 1.42 -36.21 73.52
N GLN I 122 2.55 -35.60 73.15
CA GLN I 122 2.81 -35.06 71.83
C GLN I 122 2.87 -36.13 70.74
N GLN I 123 2.97 -35.67 69.49
CA GLN I 123 2.79 -36.37 68.22
C GLN I 123 1.33 -36.76 67.98
N LYS I 124 0.44 -36.40 68.90
CA LYS I 124 -0.99 -36.51 68.65
C LYS I 124 -1.50 -35.34 67.82
N THR I 125 -0.94 -34.15 68.05
CA THR I 125 -1.25 -33.02 67.18
C THR I 125 -0.59 -33.16 65.82
N MET I 126 0.51 -33.93 65.75
CA MET I 126 1.14 -34.22 64.47
C MET I 126 0.26 -35.13 63.62
N GLU I 127 -0.53 -35.98 64.27
CA GLU I 127 -1.47 -36.81 63.52
C GLU I 127 -2.68 -36.00 63.05
N GLN I 128 -3.14 -35.04 63.86
CA GLN I 128 -4.33 -34.29 63.51
C GLN I 128 -4.01 -33.19 62.49
N GLN I 129 -2.82 -32.61 62.58
CA GLN I 129 -2.47 -31.57 61.62
C GLN I 129 -2.11 -32.13 60.25
N LEU I 130 -1.72 -33.41 60.16
CA LEU I 130 -1.24 -33.95 58.89
C LEU I 130 -2.40 -34.32 57.97
N ILE I 131 -3.56 -34.65 58.53
CA ILE I 131 -4.71 -34.92 57.69
C ILE I 131 -5.30 -33.62 57.16
N SER I 132 -5.12 -32.52 57.89
CA SER I 132 -5.57 -31.21 57.40
C SER I 132 -4.58 -30.62 56.42
N ASN I 133 -3.35 -31.15 56.37
CA ASN I 133 -2.36 -30.61 55.45
C ASN I 133 -2.52 -31.21 54.05
N MET I 134 -2.87 -32.50 53.97
CA MET I 134 -2.85 -33.19 52.69
C MET I 134 -3.97 -32.76 51.76
N ASN I 135 -5.10 -32.34 52.29
CA ASN I 135 -6.25 -32.01 51.47
C ASN I 135 -6.22 -30.53 51.11
N SER I 136 -5.97 -30.24 49.83
CA SER I 136 -6.11 -28.92 49.22
C SER I 136 -5.24 -27.85 49.87
N ILE I 137 -3.92 -27.98 49.77
CA ILE I 137 -3.04 -26.99 50.37
C ILE I 137 -2.29 -26.26 49.26
N THR I 138 -1.97 -24.99 49.48
CA THR I 138 -1.22 -24.17 48.53
C THR I 138 0.12 -23.77 49.14
N SER I 139 0.94 -23.08 48.33
CA SER I 139 2.26 -22.64 48.74
C SER I 139 2.24 -21.28 49.42
N ILE I 140 1.07 -20.69 49.62
CA ILE I 140 0.93 -19.37 50.22
C ILE I 140 0.72 -19.58 51.71
N ASP I 141 1.77 -19.31 52.48
CA ASP I 141 1.74 -19.50 53.93
C ASP I 141 0.84 -18.49 54.63
N GLU I 142 0.67 -18.67 55.94
CA GLU I 142 -0.40 -17.98 56.68
C GLU I 142 -0.16 -16.49 56.86
N ASP I 143 1.07 -16.03 56.76
CA ASP I 143 1.40 -14.64 57.05
C ASP I 143 2.11 -13.98 55.89
N ALA I 144 1.81 -14.43 54.67
CA ALA I 144 2.17 -13.69 53.47
C ALA I 144 1.18 -12.55 53.30
N TYR I 145 1.51 -11.63 52.41
CA TYR I 145 0.59 -10.54 52.13
C TYR I 145 0.60 -10.21 50.65
N ILE I 146 -0.50 -9.70 50.18
CA ILE I 146 -0.67 -9.33 48.79
C ILE I 146 -0.81 -7.82 48.71
N MET I 147 -0.42 -7.23 47.59
CA MET I 147 -0.47 -5.79 47.42
C MET I 147 -0.62 -5.47 45.94
N VAL I 148 -1.04 -4.25 45.65
CA VAL I 148 -1.26 -3.78 44.28
C VAL I 148 0.00 -3.05 43.83
N ALA I 149 0.65 -3.58 42.80
CA ALA I 149 1.90 -3.05 42.27
C ALA I 149 1.66 -2.44 40.90
N THR I 150 2.68 -1.75 40.38
CA THR I 150 2.46 -0.90 39.21
C THR I 150 3.42 -1.14 38.05
N ASN I 151 4.26 -2.17 38.13
CA ASN I 151 5.11 -2.66 37.04
C ASN I 151 6.11 -1.62 36.51
N GLY I 152 7.06 -1.22 37.34
CA GLY I 152 8.10 -0.29 36.93
C GLY I 152 7.71 1.15 37.24
N LEU I 153 7.57 1.96 36.21
CA LEU I 153 7.07 3.32 36.41
C LEU I 153 5.93 3.67 35.48
N LEU I 154 5.85 3.09 34.28
CA LEU I 154 4.71 3.34 33.40
C LEU I 154 3.89 2.08 33.18
N GLY I 155 4.04 1.04 33.99
CA GLY I 155 3.33 -0.21 33.81
C GLY I 155 1.85 -0.10 34.17
N GLU I 156 1.16 -1.24 34.06
CA GLU I 156 -0.29 -1.19 33.99
C GLU I 156 -0.98 -1.16 35.36
N LYS I 157 -1.09 -2.31 36.05
CA LYS I 157 -1.17 -2.59 37.48
C LYS I 157 -1.43 -4.09 37.62
N TYR I 158 -1.07 -4.67 38.77
CA TYR I 158 -1.14 -6.11 38.95
C TYR I 158 -1.03 -6.42 40.44
N LEU I 159 -1.16 -7.69 40.78
CA LEU I 159 -1.13 -8.12 42.17
C LEU I 159 0.14 -8.88 42.46
N LYS I 160 0.74 -8.64 43.61
CA LYS I 160 2.00 -9.25 43.98
C LYS I 160 1.88 -9.88 45.35
N ILE I 161 2.16 -11.17 45.43
CA ILE I 161 2.14 -11.92 46.69
C ILE I 161 3.55 -11.95 47.24
N VAL I 162 3.74 -11.45 48.46
CA VAL I 162 5.06 -11.38 49.07
C VAL I 162 5.13 -12.44 50.16
N PRO I 163 5.83 -13.55 49.94
CA PRO I 163 5.86 -14.61 50.96
C PRO I 163 6.80 -14.25 52.10
N GLY I 164 6.49 -14.80 53.27
CA GLY I 164 7.31 -14.55 54.43
C GLY I 164 6.89 -15.34 55.65
N GLY I 165 7.86 -15.92 56.35
CA GLY I 165 7.57 -16.69 57.55
C GLY I 165 6.84 -17.98 57.22
N GLY I 166 5.84 -18.27 58.05
CA GLY I 166 4.89 -19.32 57.74
C GLY I 166 5.12 -20.65 58.42
N LEU I 167 4.15 -21.08 59.22
CA LEU I 167 4.11 -22.42 59.77
C LEU I 167 2.96 -23.21 59.15
N ASN I 168 1.75 -22.69 59.21
CA ASN I 168 0.63 -23.28 58.50
C ASN I 168 0.39 -22.51 57.20
N TYR I 169 -0.38 -23.14 56.31
CA TYR I 169 -0.60 -22.62 54.97
C TYR I 169 -2.09 -22.40 54.75
N LEU I 170 -2.41 -21.71 53.66
CA LEU I 170 -3.79 -21.43 53.30
C LEU I 170 -4.31 -22.51 52.37
N LYS I 171 -5.58 -22.87 52.51
CA LYS I 171 -6.18 -23.87 51.65
C LYS I 171 -6.73 -23.23 50.38
N ARG I 172 -7.05 -24.06 49.40
CA ARG I 172 -7.66 -23.60 48.16
C ARG I 172 -9.06 -23.06 48.45
N GLY I 173 -9.29 -21.81 48.07
CA GLY I 173 -10.55 -21.16 48.34
C GLY I 173 -10.52 -20.13 49.43
N ASP I 174 -9.42 -20.00 50.16
CA ASP I 174 -9.34 -19.20 51.36
C ASP I 174 -9.27 -17.72 51.02
N THR I 175 -9.00 -16.91 52.04
CA THR I 175 -8.94 -15.47 51.90
C THR I 175 -7.66 -14.95 52.56
N ILE I 176 -6.84 -14.26 51.77
CA ILE I 176 -5.62 -13.68 52.30
C ILE I 176 -5.99 -12.44 53.09
N SER I 177 -5.62 -12.42 54.37
CA SER I 177 -6.12 -11.42 55.31
C SER I 177 -5.07 -10.38 55.67
N ASN I 178 -3.97 -10.33 54.94
CA ASN I 178 -2.96 -9.28 55.08
C ASN I 178 -2.84 -8.67 53.70
N THR I 179 -3.35 -7.47 53.53
CA THR I 179 -3.31 -6.76 52.26
C THR I 179 -2.80 -5.35 52.48
N GLN I 180 -2.46 -4.69 51.37
CA GLN I 180 -2.32 -3.24 51.37
C GLN I 180 -2.59 -2.73 49.97
N GLY I 181 -3.43 -1.71 49.87
CA GLY I 181 -3.88 -1.22 48.59
C GLY I 181 -2.84 -0.37 47.91
N THR I 182 -3.27 0.27 46.82
CA THR I 182 -2.37 1.02 45.97
C THR I 182 -2.11 2.39 46.58
N MET I 183 -1.28 3.19 45.90
CA MET I 183 -0.89 4.52 46.36
C MET I 183 -1.08 5.51 45.20
N ASP I 184 -2.09 6.37 45.32
CA ASP I 184 -2.36 7.36 44.28
C ASP I 184 -1.31 8.47 44.32
N LEU I 185 -0.91 8.97 43.15
CA LEU I 185 0.15 9.97 43.07
C LEU I 185 -0.31 11.34 43.56
N GLU I 186 -1.61 11.54 43.71
CA GLU I 186 -2.12 12.75 44.34
C GLU I 186 -1.83 12.68 45.83
N ASP I 187 -1.93 11.48 46.38
CA ASP I 187 -1.70 11.24 47.80
C ASP I 187 -0.21 11.14 48.13
N LEU I 188 0.61 10.89 47.12
CA LEU I 188 2.05 10.79 47.33
C LEU I 188 2.63 12.18 47.56
N ILE I 189 2.35 13.08 46.64
CA ILE I 189 2.83 14.46 46.72
C ILE I 189 2.37 15.09 48.03
N SER I 190 1.11 14.87 48.37
CA SER I 190 0.56 15.42 49.60
C SER I 190 1.31 14.79 50.77
N LYS I 191 1.32 13.47 50.82
CA LYS I 191 1.99 12.71 51.87
C LYS I 191 3.36 13.32 52.13
N PHE I 192 3.99 13.79 51.06
CA PHE I 192 5.29 14.42 51.16
C PHE I 192 5.08 15.78 51.79
N ILE I 193 4.73 16.77 50.95
CA ILE I 193 4.48 18.14 51.41
C ILE I 193 4.56 19.10 50.23
N SER J 3 -24.80 -22.03 -9.00
CA SER J 3 -25.72 -21.06 -8.40
C SER J 3 -26.09 -21.49 -7.01
N ARG J 4 -26.23 -22.79 -6.78
CA ARG J 4 -26.42 -23.28 -5.43
C ARG J 4 -25.10 -23.33 -4.69
N THR J 5 -24.00 -23.37 -5.42
CA THR J 5 -22.69 -23.24 -4.79
C THR J 5 -22.36 -21.78 -4.55
N SER J 6 -22.70 -20.91 -5.51
CA SER J 6 -22.34 -19.51 -5.38
C SER J 6 -23.17 -18.81 -4.34
N GLU J 7 -24.37 -19.32 -4.06
CA GLU J 7 -25.15 -18.77 -2.95
C GLU J 7 -24.70 -19.39 -1.64
N LEU J 8 -24.10 -20.56 -1.70
CA LEU J 8 -23.57 -21.18 -0.50
C LEU J 8 -22.27 -20.53 -0.09
N ALA J 9 -21.46 -20.12 -1.06
CA ALA J 9 -20.16 -19.52 -0.75
C ALA J 9 -20.30 -18.08 -0.30
N VAL J 10 -21.31 -17.36 -0.80
CA VAL J 10 -21.55 -16.01 -0.33
C VAL J 10 -22.06 -16.03 1.10
N GLY J 11 -22.76 -17.09 1.49
CA GLY J 11 -23.21 -17.19 2.86
C GLY J 11 -22.08 -17.42 3.85
N ILE J 12 -20.96 -17.95 3.37
CA ILE J 12 -19.80 -18.11 4.24
C ILE J 12 -19.04 -16.80 4.35
N PHE J 13 -19.15 -15.95 3.34
CA PHE J 13 -18.50 -14.65 3.36
C PHE J 13 -19.22 -13.72 4.33
N VAL J 14 -20.46 -14.03 4.70
CA VAL J 14 -21.19 -13.24 5.68
C VAL J 14 -21.02 -13.83 7.07
N ILE J 15 -20.63 -15.10 7.17
CA ILE J 15 -20.32 -15.67 8.47
C ILE J 15 -18.98 -15.15 8.97
N ILE J 16 -17.98 -15.09 8.08
CA ILE J 16 -16.66 -14.61 8.48
C ILE J 16 -16.65 -13.11 8.71
N PHE J 17 -17.54 -12.38 8.05
CA PHE J 17 -17.67 -10.97 8.35
C PHE J 17 -18.30 -10.76 9.71
N GLY J 18 -19.28 -11.58 10.07
CA GLY J 18 -19.93 -11.42 11.35
C GLY J 18 -19.04 -11.83 12.50
N ILE J 19 -18.11 -12.74 12.25
CA ILE J 19 -17.16 -13.13 13.29
C ILE J 19 -16.19 -12.00 13.55
N ALA J 20 -15.73 -11.34 12.50
CA ALA J 20 -14.73 -10.29 12.65
C ALA J 20 -15.32 -9.02 13.24
N LEU J 21 -16.57 -8.69 12.92
CA LEU J 21 -17.25 -7.58 13.59
C LEU J 21 -17.54 -7.91 15.05
N PHE J 22 -17.65 -9.18 15.37
CA PHE J 22 -17.83 -9.56 16.76
C PHE J 22 -16.53 -9.40 17.54
N PHE J 23 -15.42 -9.76 16.92
CA PHE J 23 -14.12 -9.65 17.54
C PHE J 23 -13.72 -8.19 17.67
N LEU J 24 -14.05 -7.35 16.71
CA LEU J 24 -13.66 -5.96 16.78
C LEU J 24 -14.47 -5.21 17.81
N ALA J 25 -15.73 -5.56 17.99
CA ALA J 25 -16.57 -4.82 18.91
C ALA J 25 -16.38 -5.27 20.33
N MET J 26 -16.27 -6.57 20.55
CA MET J 26 -16.36 -7.08 21.91
C MET J 26 -15.10 -7.78 22.35
N LYS J 27 -13.96 -7.43 21.77
CA LYS J 27 -12.69 -7.90 22.28
C LYS J 27 -11.66 -6.80 22.18
N VAL J 28 -11.93 -5.82 21.34
CA VAL J 28 -10.92 -4.81 21.03
C VAL J 28 -11.43 -3.46 21.52
N SER J 29 -12.72 -3.26 21.56
CA SER J 29 -13.23 -1.97 21.95
C SER J 29 -13.87 -2.03 23.34
N GLY J 30 -14.11 -0.87 23.90
CA GLY J 30 -14.95 -0.86 25.06
C GLY J 30 -16.38 -0.57 24.66
N LEU J 31 -17.15 -1.63 24.41
CA LEU J 31 -18.54 -1.48 24.00
C LEU J 31 -19.43 -2.32 24.89
N VAL J 32 -18.95 -3.51 25.25
CA VAL J 32 -19.76 -4.46 26.00
C VAL J 32 -19.72 -4.04 27.47
N GLY J 33 -18.73 -3.22 27.83
CA GLY J 33 -18.54 -2.78 29.19
C GLY J 33 -19.07 -1.39 29.44
N THR J 34 -20.07 -0.97 28.68
CA THR J 34 -20.77 0.28 28.93
C THR J 34 -22.28 0.02 28.98
N ASN J 35 -22.76 -0.44 30.14
CA ASN J 35 -24.18 -0.69 30.33
C ASN J 35 -24.54 -0.58 31.80
N LEU J 36 -25.14 0.55 32.18
CA LEU J 36 -25.33 0.87 33.60
C LEU J 36 -26.71 0.42 34.08
N SER J 37 -26.77 -0.11 35.29
CA SER J 37 -27.99 -0.72 35.82
C SER J 37 -28.74 0.32 36.64
N ASP J 38 -29.90 0.73 36.13
CA ASP J 38 -30.82 1.76 36.64
C ASP J 38 -30.11 2.97 37.25
N GLY J 39 -29.15 3.51 36.51
CA GLY J 39 -28.31 4.56 37.02
C GLY J 39 -28.99 5.90 37.16
N TYR J 40 -28.82 6.53 38.31
CA TYR J 40 -29.33 7.88 38.53
C TYR J 40 -28.34 8.90 37.99
N THR J 41 -28.44 10.16 38.41
CA THR J 41 -27.60 11.19 37.86
C THR J 41 -27.30 12.22 38.93
N MET J 42 -26.03 12.49 39.21
CA MET J 42 -25.65 13.57 40.09
C MET J 42 -24.90 14.64 39.31
N LYS J 43 -24.46 15.68 40.01
CA LYS J 43 -23.61 16.69 39.38
C LYS J 43 -22.77 17.40 40.43
N ALA J 44 -21.58 17.82 40.01
CA ALA J 44 -20.64 18.56 40.84
C ALA J 44 -20.17 19.77 40.06
N GLN J 45 -19.48 20.69 40.75
CA GLN J 45 -19.11 21.96 40.16
C GLN J 45 -17.68 22.31 40.52
N PHE J 46 -16.80 22.38 39.53
CA PHE J 46 -15.35 22.44 39.70
C PHE J 46 -14.80 23.80 39.29
N ASP J 47 -13.51 24.00 39.58
CA ASP J 47 -12.80 25.19 39.13
C ASP J 47 -11.67 24.90 38.15
N ASN J 48 -11.42 23.65 37.80
CA ASN J 48 -10.50 23.31 36.72
C ASN J 48 -10.81 21.91 36.26
N VAL J 49 -11.38 21.75 35.06
CA VAL J 49 -11.68 20.42 34.56
C VAL J 49 -10.84 20.13 33.32
N ASN J 50 -9.64 20.69 33.25
CA ASN J 50 -8.85 20.64 32.04
C ASN J 50 -8.37 19.22 31.79
N GLY J 51 -8.74 18.66 30.64
CA GLY J 51 -8.38 17.32 30.30
C GLY J 51 -9.45 16.28 30.51
N LEU J 52 -10.56 16.65 31.13
CA LEU J 52 -11.65 15.72 31.40
C LEU J 52 -12.56 15.64 30.19
N LYS J 53 -12.68 14.54 29.67
CA LYS J 53 -13.42 14.24 28.48
C LYS J 53 -14.80 13.69 28.83
N PRO J 54 -15.78 13.73 27.92
CA PRO J 54 -17.00 12.97 28.15
C PRO J 54 -16.74 11.48 28.06
N ARG J 55 -17.64 10.71 28.67
CA ARG J 55 -17.54 9.25 28.82
C ARG J 55 -16.28 8.83 29.56
N ALA J 56 -15.80 9.69 30.46
CA ALA J 56 -14.70 9.32 31.33
C ALA J 56 -15.27 8.54 32.51
N LYS J 57 -14.43 8.23 33.47
CA LYS J 57 -14.66 7.18 34.44
C LYS J 57 -14.91 7.81 35.81
N VAL J 58 -15.72 7.18 36.64
CA VAL J 58 -15.93 7.60 38.02
C VAL J 58 -15.64 6.42 38.91
N THR J 59 -14.76 6.59 39.88
CA THR J 59 -14.37 5.51 40.77
C THR J 59 -14.60 5.88 42.22
N MET J 60 -14.89 4.89 43.06
CA MET J 60 -15.01 5.10 44.50
C MET J 60 -13.80 4.62 45.28
N SER J 61 -13.42 3.36 45.14
CA SER J 61 -12.24 2.85 45.83
C SER J 61 -11.27 2.21 44.85
N GLY J 62 -11.37 2.58 43.59
CA GLY J 62 -10.71 1.91 42.52
C GLY J 62 -11.65 1.11 41.66
N VAL J 63 -12.92 1.10 42.02
CA VAL J 63 -13.94 0.37 41.29
C VAL J 63 -14.76 1.39 40.51
N THR J 64 -14.94 1.15 39.22
CA THR J 64 -15.69 2.07 38.38
C THR J 64 -17.17 2.00 38.72
N ILE J 65 -17.78 3.15 39.01
CA ILE J 65 -19.19 3.19 39.39
C ILE J 65 -20.00 4.15 38.55
N GLY J 66 -19.50 4.64 37.42
CA GLY J 66 -20.29 5.52 36.60
C GLY J 66 -19.53 5.99 35.38
N ARG J 67 -20.10 6.98 34.70
CA ARG J 67 -19.44 7.68 33.61
C ARG J 67 -19.70 9.16 33.75
N VAL J 68 -19.13 9.94 32.83
CA VAL J 68 -19.28 11.40 32.79
C VAL J 68 -20.08 11.78 31.55
N ASP J 69 -21.12 12.59 31.75
CA ASP J 69 -22.07 12.91 30.68
C ASP J 69 -21.77 14.23 29.97
N SER J 70 -21.73 15.35 30.70
CA SER J 70 -21.61 16.64 30.03
C SER J 70 -20.90 17.65 30.91
N ILE J 71 -20.09 18.50 30.27
CA ILE J 71 -19.27 19.52 30.94
C ILE J 71 -19.56 20.87 30.28
N THR J 72 -20.11 21.82 31.04
CA THR J 72 -20.44 23.15 30.55
C THR J 72 -19.95 24.22 31.52
N LEU J 73 -19.91 25.47 31.04
CA LEU J 73 -19.36 26.59 31.82
C LEU J 73 -20.21 27.18 32.93
N ASP J 74 -21.45 27.57 32.62
CA ASP J 74 -22.29 28.46 33.42
C ASP J 74 -21.60 29.81 33.61
N PRO J 75 -21.64 30.70 32.61
CA PRO J 75 -20.88 31.96 32.69
C PRO J 75 -21.43 33.04 33.61
N VAL J 76 -22.37 32.72 34.48
CA VAL J 76 -22.75 33.67 35.53
C VAL J 76 -21.94 33.43 36.80
N THR J 77 -21.43 32.23 37.00
CA THR J 77 -20.57 31.91 38.13
C THR J 77 -19.20 31.42 37.74
N ARG J 78 -19.03 31.02 36.47
CA ARG J 78 -17.77 30.71 35.81
C ARG J 78 -17.04 29.54 36.43
N LEU J 79 -17.76 28.67 37.12
CA LEU J 79 -17.25 27.40 37.58
C LEU J 79 -17.79 26.31 36.69
N ALA J 80 -16.97 25.38 36.24
CA ALA J 80 -17.44 24.34 35.32
C ALA J 80 -18.33 23.34 36.03
N THR J 81 -19.34 22.87 35.31
CA THR J 81 -20.36 22.00 35.90
C THR J 81 -20.35 20.66 35.20
N VAL J 82 -20.02 19.61 35.93
CA VAL J 82 -19.96 18.25 35.39
C VAL J 82 -21.17 17.50 35.89
N THR J 83 -21.89 16.85 34.98
CA THR J 83 -23.00 15.96 35.33
C THR J 83 -22.58 14.53 35.05
N PHE J 84 -22.72 13.68 36.04
CA PHE J 84 -22.28 12.29 35.92
C PHE J 84 -23.36 11.36 36.45
N ASP J 85 -23.45 10.17 35.87
CA ASP J 85 -24.52 9.22 36.16
C ASP J 85 -23.97 7.97 36.80
N LEU J 86 -24.50 7.56 37.95
CA LEU J 86 -23.74 6.55 38.65
C LEU J 86 -24.13 5.09 38.42
N ASP J 87 -25.11 4.58 39.15
CA ASP J 87 -25.34 3.13 39.20
C ASP J 87 -26.47 2.77 40.13
N GLY J 88 -27.01 1.56 40.00
CA GLY J 88 -27.93 1.09 41.02
C GLY J 88 -27.31 0.15 42.02
N LYS J 89 -26.58 -0.86 41.55
CA LYS J 89 -26.19 -1.95 42.44
C LYS J 89 -25.00 -1.58 43.31
N LEU J 90 -23.95 -1.03 42.71
CA LEU J 90 -22.70 -0.83 43.44
C LEU J 90 -22.73 0.37 44.36
N THR J 91 -23.73 1.23 44.26
CA THR J 91 -23.73 2.46 45.04
C THR J 91 -25.04 2.71 45.77
N SER J 92 -26.12 2.03 45.46
CA SER J 92 -27.32 2.20 46.26
C SER J 92 -27.56 0.97 47.14
N PHE J 93 -28.15 1.20 48.30
CA PHE J 93 -28.34 0.14 49.29
C PHE J 93 -29.44 -0.81 48.90
N ASN J 94 -29.72 -1.78 49.76
CA ASN J 94 -30.79 -2.74 49.54
C ASN J 94 -31.50 -2.97 50.87
N ALA J 95 -32.25 -4.07 50.96
CA ALA J 95 -33.12 -4.32 52.10
C ALA J 95 -32.38 -4.48 53.41
N GLU J 96 -31.39 -5.38 53.45
CA GLU J 96 -30.63 -5.65 54.66
C GLU J 96 -29.75 -4.46 55.03
N GLN J 97 -29.14 -3.83 54.02
CA GLN J 97 -28.19 -2.75 54.27
C GLN J 97 -28.88 -1.50 54.80
N LEU J 98 -30.09 -1.20 54.31
CA LEU J 98 -30.82 -0.03 54.74
C LEU J 98 -31.14 -0.09 56.22
N LYS J 99 -31.51 -1.28 56.71
CA LYS J 99 -31.68 -1.47 58.14
C LYS J 99 -30.36 -1.33 58.88
N GLU J 100 -29.26 -1.77 58.26
CA GLU J 100 -27.96 -1.71 58.89
C GLU J 100 -27.45 -0.28 59.03
N VAL J 101 -27.97 0.64 58.21
CA VAL J 101 -27.65 2.05 58.42
C VAL J 101 -28.77 2.81 59.12
N GLN J 102 -30.01 2.28 59.14
CA GLN J 102 -31.09 3.01 59.79
C GLN J 102 -30.98 2.95 61.30
N LYS J 103 -30.56 1.81 61.83
CA LYS J 103 -30.41 1.70 63.28
C LYS J 103 -29.19 2.44 63.79
N ASN J 104 -28.14 2.53 62.97
CA ASN J 104 -26.93 3.20 63.42
C ASN J 104 -27.04 4.71 63.24
N ALA J 105 -27.86 5.17 62.29
CA ALA J 105 -28.08 6.61 62.12
C ALA J 105 -28.91 7.17 63.26
N LEU J 106 -29.75 6.34 63.87
CA LEU J 106 -30.39 6.73 65.13
C LEU J 106 -29.41 6.58 66.28
N ASP J 107 -28.54 5.58 66.23
CA ASP J 107 -27.56 5.37 67.30
C ASP J 107 -26.45 6.41 67.26
N GLU J 108 -26.00 6.79 66.06
CA GLU J 108 -25.06 7.89 65.95
C GLU J 108 -25.70 9.21 66.36
N LEU J 109 -27.00 9.37 66.09
CA LEU J 109 -27.74 10.50 66.63
C LEU J 109 -27.95 10.34 68.13
N ARG J 110 -28.85 9.43 68.53
CA ARG J 110 -29.23 9.29 69.93
C ARG J 110 -28.25 8.42 70.71
N TYR J 111 -26.99 8.82 70.74
CA TYR J 111 -25.99 8.26 71.62
C TYR J 111 -26.01 9.03 72.93
N SER J 112 -24.97 8.88 73.75
CA SER J 112 -24.89 9.67 74.99
C SER J 112 -24.60 11.14 74.69
N SER J 113 -24.00 11.43 73.52
CA SER J 113 -23.62 12.80 73.20
C SER J 113 -24.79 13.62 72.70
N ASP J 114 -25.45 13.19 71.63
CA ASP J 114 -26.49 14.00 71.02
C ASP J 114 -27.90 13.54 71.35
N TYR J 115 -28.12 12.96 72.53
CA TYR J 115 -29.49 12.72 72.97
C TYR J 115 -30.12 14.00 73.50
N THR J 116 -29.51 14.59 74.52
CA THR J 116 -30.01 15.84 75.10
C THR J 116 -29.42 17.05 74.38
N GLN J 117 -29.57 17.06 73.06
CA GLN J 117 -29.27 18.17 72.17
C GLN J 117 -30.54 18.79 71.61
N ALA J 118 -31.54 17.97 71.31
CA ALA J 118 -32.88 18.44 71.01
C ALA J 118 -33.71 18.42 72.30
N THR J 119 -35.02 18.58 72.16
CA THR J 119 -35.92 18.69 73.30
C THR J 119 -36.12 17.35 74.01
N PRO J 120 -36.93 17.30 75.07
CA PRO J 120 -37.15 16.05 75.79
C PRO J 120 -38.21 15.15 75.17
N ALA J 121 -38.55 15.41 73.90
CA ALA J 121 -39.56 14.64 73.18
C ALA J 121 -39.05 13.25 72.84
N GLN J 122 -39.93 12.41 72.32
CA GLN J 122 -39.61 11.02 72.05
C GLN J 122 -38.84 10.91 70.72
N GLN J 123 -38.64 9.69 70.26
CA GLN J 123 -37.89 9.42 69.04
C GLN J 123 -38.78 9.34 67.81
N LYS J 124 -39.92 10.03 67.77
CA LYS J 124 -40.72 10.06 66.54
C LYS J 124 -40.12 11.02 65.53
N THR J 125 -39.51 12.11 66.03
CA THR J 125 -38.67 12.95 65.18
C THR J 125 -37.35 12.27 64.89
N MET J 126 -36.92 11.37 65.78
CA MET J 126 -35.82 10.47 65.48
C MET J 126 -36.31 9.22 64.75
N GLU J 127 -37.63 9.11 64.56
CA GLU J 127 -38.14 8.22 63.52
C GLU J 127 -38.32 8.97 62.20
N GLN J 128 -38.48 10.30 62.28
CA GLN J 128 -38.51 11.13 61.08
C GLN J 128 -37.16 11.11 60.37
N GLN J 129 -36.07 11.04 61.12
CA GLN J 129 -34.74 10.84 60.54
C GLN J 129 -34.54 9.42 60.02
N LEU J 130 -35.47 8.50 60.31
CA LEU J 130 -35.48 7.23 59.61
C LEU J 130 -36.33 7.31 58.34
N ILE J 131 -37.46 8.01 58.40
CA ILE J 131 -38.33 8.04 57.23
C ILE J 131 -37.87 9.11 56.24
N SER J 132 -36.88 9.91 56.61
CA SER J 132 -36.27 10.80 55.62
C SER J 132 -35.24 10.05 54.77
N ASN J 133 -34.93 8.81 55.13
CA ASN J 133 -33.78 8.12 54.55
C ASN J 133 -34.18 7.35 53.30
N MET J 134 -35.04 6.35 53.46
CA MET J 134 -35.17 5.25 52.51
C MET J 134 -35.70 5.68 51.15
N ASN J 135 -36.27 6.87 51.06
CA ASN J 135 -36.68 7.43 49.78
C ASN J 135 -35.43 7.90 49.03
N SER J 136 -34.87 7.00 48.22
CA SER J 136 -33.81 7.28 47.26
C SER J 136 -32.54 7.80 47.93
N ILE J 137 -31.84 6.90 48.63
CA ILE J 137 -30.59 7.20 49.30
C ILE J 137 -29.44 6.70 48.43
N THR J 138 -28.21 7.13 48.72
CA THR J 138 -27.02 6.65 48.03
C THR J 138 -26.06 6.07 49.04
N SER J 139 -24.88 5.62 48.57
CA SER J 139 -23.82 5.25 49.50
C SER J 139 -22.95 6.44 49.86
N ILE J 140 -22.99 7.49 49.06
CA ILE J 140 -22.14 8.66 49.28
C ILE J 140 -22.72 9.46 50.42
N ASP J 141 -21.87 9.80 51.40
CA ASP J 141 -22.35 10.67 52.47
C ASP J 141 -22.33 12.14 52.05
N GLU J 142 -22.43 13.05 53.01
CA GLU J 142 -22.58 14.47 52.71
C GLU J 142 -21.27 15.23 52.76
N ASP J 143 -20.24 14.69 53.39
CA ASP J 143 -18.91 15.31 53.33
C ASP J 143 -17.88 14.40 52.69
N ALA J 144 -18.30 13.63 51.69
CA ALA J 144 -17.38 13.08 50.71
C ALA J 144 -17.02 14.19 49.73
N TYR J 145 -15.82 14.11 49.17
CA TYR J 145 -15.42 15.05 48.14
C TYR J 145 -15.04 14.31 46.87
N ILE J 146 -15.09 14.99 45.78
CA ILE J 146 -14.79 14.45 44.48
C ILE J 146 -13.64 15.27 43.87
N MET J 147 -12.78 14.64 43.08
CA MET J 147 -11.64 15.33 42.54
C MET J 147 -11.31 14.77 41.17
N VAL J 148 -10.67 15.59 40.35
CA VAL J 148 -10.27 15.20 39.01
C VAL J 148 -8.86 14.65 39.10
N ALA J 149 -8.73 13.33 39.08
CA ALA J 149 -7.45 12.69 39.23
C ALA J 149 -7.04 12.11 37.89
N THR J 150 -5.82 11.58 37.85
CA THR J 150 -5.23 11.05 36.63
C THR J 150 -4.55 9.71 36.89
N ASN J 151 -4.79 8.71 36.05
CA ASN J 151 -4.22 7.40 36.34
C ASN J 151 -2.82 7.30 35.76
N GLY J 152 -1.87 6.92 36.59
CA GLY J 152 -0.48 6.88 36.17
C GLY J 152 0.10 8.27 36.21
N LEU J 153 1.00 8.59 35.28
CA LEU J 153 1.39 9.98 35.14
C LEU J 153 1.39 10.41 33.69
N LEU J 154 0.88 9.59 32.78
CA LEU J 154 0.72 10.02 31.41
C LEU J 154 -0.62 9.54 30.87
N GLY J 155 -1.52 9.14 31.76
CA GLY J 155 -2.79 8.58 31.35
C GLY J 155 -3.89 9.61 31.27
N GLU J 156 -5.13 9.12 31.21
CA GLU J 156 -6.29 9.98 31.06
C GLU J 156 -6.77 10.54 32.39
N LYS J 157 -7.82 11.34 32.37
CA LYS J 157 -8.30 11.94 33.61
C LYS J 157 -9.70 11.46 33.89
N TYR J 158 -9.96 11.18 35.17
CA TYR J 158 -11.24 10.63 35.60
C TYR J 158 -11.64 11.35 36.88
N LEU J 159 -12.81 11.00 37.39
CA LEU J 159 -13.31 11.56 38.64
C LEU J 159 -13.24 10.53 39.75
N LYS J 160 -12.82 10.96 40.93
CA LYS J 160 -12.53 10.06 42.03
C LYS J 160 -13.29 10.49 43.28
N ILE J 161 -14.14 9.61 43.82
CA ILE J 161 -14.97 9.93 44.97
C ILE J 161 -14.30 9.40 46.23
N VAL J 162 -14.06 10.26 47.20
CA VAL J 162 -13.27 9.93 48.39
C VAL J 162 -14.17 10.12 49.61
N PRO J 163 -14.74 9.07 50.17
CA PRO J 163 -15.67 9.24 51.28
C PRO J 163 -14.95 9.51 52.59
N GLY J 164 -15.66 10.17 53.49
CA GLY J 164 -15.10 10.45 54.79
C GLY J 164 -16.09 10.97 55.81
N GLY J 165 -16.08 10.37 57.00
CA GLY J 165 -16.85 10.80 58.15
C GLY J 165 -18.34 10.74 57.89
N GLY J 166 -19.04 11.71 58.47
CA GLY J 166 -20.38 12.00 58.06
C GLY J 166 -21.45 11.09 58.61
N LEU J 167 -22.63 11.67 58.85
CA LEU J 167 -23.77 10.93 59.38
C LEU J 167 -24.84 10.74 58.33
N ASN J 168 -25.42 11.84 57.84
CA ASN J 168 -26.52 11.72 56.89
C ASN J 168 -25.98 11.34 55.51
N TYR J 169 -26.90 11.05 54.60
CA TYR J 169 -26.53 10.59 53.28
C TYR J 169 -27.23 11.43 52.23
N LEU J 170 -26.59 11.56 51.08
CA LEU J 170 -27.12 12.35 49.99
C LEU J 170 -28.27 11.60 49.35
N LYS J 171 -29.18 12.34 48.74
CA LYS J 171 -30.23 11.69 47.97
C LYS J 171 -29.74 11.43 46.56
N ARG J 172 -30.56 10.72 45.80
CA ARG J 172 -30.33 10.59 44.37
C ARG J 172 -30.64 11.93 43.72
N GLY J 173 -29.67 12.47 43.00
CA GLY J 173 -29.87 13.68 42.24
C GLY J 173 -29.37 14.98 42.83
N ASP J 174 -28.70 14.93 43.98
CA ASP J 174 -28.21 16.13 44.65
C ASP J 174 -26.90 16.60 44.02
N THR J 175 -26.16 17.38 44.79
CA THR J 175 -24.92 17.99 44.37
C THR J 175 -23.84 17.70 45.42
N ILE J 176 -22.74 17.08 45.00
CA ILE J 176 -21.60 16.94 45.90
C ILE J 176 -20.91 18.30 45.98
N SER J 177 -20.71 18.79 47.20
CA SER J 177 -20.36 20.19 47.38
C SER J 177 -18.93 20.43 47.81
N ASN J 178 -18.07 19.41 47.79
CA ASN J 178 -16.66 19.59 48.08
C ASN J 178 -15.90 19.02 46.89
N THR J 179 -15.13 19.85 46.22
CA THR J 179 -14.45 19.48 45.00
C THR J 179 -13.01 19.94 45.07
N GLN J 180 -12.19 19.46 44.13
CA GLN J 180 -10.95 20.12 43.77
C GLN J 180 -10.59 19.72 42.36
N GLY J 181 -10.13 20.68 41.57
CA GLY J 181 -9.95 20.46 40.17
C GLY J 181 -8.66 19.73 39.86
N THR J 182 -8.23 19.85 38.62
CA THR J 182 -7.06 19.13 38.18
C THR J 182 -5.80 19.79 38.71
N MET J 183 -4.70 19.05 38.68
CA MET J 183 -3.40 19.56 39.10
C MET J 183 -2.46 19.34 37.93
N ASP J 184 -2.21 20.40 37.16
CA ASP J 184 -1.26 20.42 36.08
C ASP J 184 0.09 20.84 36.65
N LEU J 185 1.06 21.05 35.76
CA LEU J 185 2.44 21.25 36.17
C LEU J 185 2.64 22.55 36.94
N GLU J 186 1.89 23.59 36.62
CA GLU J 186 2.04 24.84 37.35
C GLU J 186 1.34 24.79 38.69
N ASP J 187 0.44 23.84 38.88
CA ASP J 187 -0.24 23.64 40.16
C ASP J 187 0.65 22.84 41.11
N LEU J 188 1.36 21.84 40.58
CA LEU J 188 2.28 21.03 41.36
C LEU J 188 3.47 21.82 41.87
N ILE J 189 3.90 22.85 41.13
CA ILE J 189 5.07 23.62 41.54
C ILE J 189 4.70 24.55 42.68
N SER J 190 3.57 25.24 42.56
CA SER J 190 3.18 26.25 43.54
C SER J 190 2.80 25.62 44.87
N LYS J 191 2.56 24.31 44.88
CA LYS J 191 2.33 23.58 46.10
C LYS J 191 3.64 23.42 46.86
N PHE J 192 4.71 23.04 46.17
CA PHE J 192 5.96 22.67 46.82
C PHE J 192 6.69 23.88 47.39
N ILE J 193 6.46 25.04 46.81
CA ILE J 193 7.02 26.27 47.33
C ILE J 193 6.03 26.90 48.31
N SER K 3 -22.52 17.11 -28.19
CA SER K 3 -22.69 16.87 -26.76
C SER K 3 -21.35 16.67 -26.08
N ARG K 4 -20.31 17.22 -26.69
CA ARG K 4 -18.97 17.19 -26.13
C ARG K 4 -18.86 18.36 -25.15
N THR K 5 -19.66 19.41 -25.39
CA THR K 5 -19.65 20.58 -24.54
C THR K 5 -20.56 20.38 -23.32
N SER K 6 -21.63 19.62 -23.47
CA SER K 6 -22.50 19.34 -22.34
C SER K 6 -21.83 18.41 -21.35
N GLU K 7 -20.99 17.50 -21.84
CA GLU K 7 -20.27 16.59 -20.95
C GLU K 7 -19.03 17.25 -20.37
N LEU K 8 -18.45 18.21 -21.09
CA LEU K 8 -17.28 18.90 -20.56
C LEU K 8 -17.65 19.85 -19.44
N ALA K 9 -18.85 20.42 -19.51
CA ALA K 9 -19.30 21.32 -18.46
C ALA K 9 -19.62 20.57 -17.18
N VAL K 10 -20.00 19.30 -17.30
CA VAL K 10 -20.24 18.48 -16.10
C VAL K 10 -18.92 18.07 -15.47
N GLY K 11 -17.90 17.88 -16.31
CA GLY K 11 -16.61 17.47 -15.76
C GLY K 11 -15.87 18.61 -15.09
N ILE K 12 -16.22 19.83 -15.43
CA ILE K 12 -15.67 21.00 -14.73
C ILE K 12 -16.40 21.21 -13.42
N PHE K 13 -17.71 20.95 -13.42
CA PHE K 13 -18.51 21.14 -12.21
C PHE K 13 -18.16 20.11 -11.14
N VAL K 14 -17.65 18.95 -11.54
CA VAL K 14 -17.24 17.93 -10.58
C VAL K 14 -15.93 18.34 -9.91
N ILE K 15 -15.05 19.00 -10.66
CA ILE K 15 -13.76 19.40 -10.11
C ILE K 15 -13.91 20.55 -9.12
N ILE K 16 -14.75 21.53 -9.46
CA ILE K 16 -15.02 22.66 -8.57
C ILE K 16 -15.75 22.20 -7.32
N PHE K 17 -16.61 21.19 -7.44
CA PHE K 17 -17.24 20.59 -6.27
C PHE K 17 -16.23 19.82 -5.43
N GLY K 18 -15.15 19.33 -6.04
CA GLY K 18 -14.14 18.62 -5.28
C GLY K 18 -13.16 19.56 -4.62
N ILE K 19 -13.09 20.81 -5.09
CA ILE K 19 -12.27 21.82 -4.43
C ILE K 19 -13.04 22.43 -3.26
N ALA K 20 -14.33 22.67 -3.46
CA ALA K 20 -15.17 23.25 -2.40
C ALA K 20 -15.33 22.29 -1.24
N LEU K 21 -15.29 20.98 -1.50
CA LEU K 21 -15.34 20.00 -0.43
C LEU K 21 -14.02 19.93 0.32
N PHE K 22 -12.93 20.30 -0.35
CA PHE K 22 -11.61 20.29 0.29
C PHE K 22 -11.48 21.43 1.29
N PHE K 23 -11.94 22.63 0.92
CA PHE K 23 -11.80 23.77 1.79
C PHE K 23 -12.85 23.76 2.89
N LEU K 24 -13.93 23.01 2.70
CA LEU K 24 -14.86 22.80 3.79
C LEU K 24 -14.29 21.81 4.80
N ALA K 25 -13.47 20.87 4.33
CA ALA K 25 -12.88 19.90 5.24
C ALA K 25 -11.75 20.52 6.05
N MET K 26 -11.05 21.50 5.47
CA MET K 26 -9.97 22.15 6.21
C MET K 26 -10.53 23.10 7.26
N LYS K 27 -11.71 23.65 7.00
CA LYS K 27 -12.33 24.55 7.97
C LYS K 27 -12.84 23.76 9.17
N VAL K 28 -13.47 22.62 8.91
CA VAL K 28 -14.02 21.79 9.98
C VAL K 28 -12.90 21.21 10.84
N SER K 29 -11.81 20.79 10.20
CA SER K 29 -10.66 20.23 10.88
C SER K 29 -9.96 21.24 11.78
N GLY K 30 -10.00 22.51 11.41
CA GLY K 30 -9.43 23.54 12.24
C GLY K 30 -8.14 24.10 11.68
N LEU K 31 -7.71 23.59 10.53
CA LEU K 31 -6.44 24.00 9.94
C LEU K 31 -6.52 25.36 9.24
N VAL K 32 -7.72 25.82 8.89
CA VAL K 32 -7.83 27.12 8.24
C VAL K 32 -9.19 27.76 8.47
N GLY K 33 -9.20 28.91 9.12
CA GLY K 33 -10.42 29.62 9.40
C GLY K 33 -10.66 29.68 10.89
N THR K 34 -11.89 29.98 11.29
CA THR K 34 -12.22 30.07 12.70
C THR K 34 -13.69 29.71 12.93
N ASN K 35 -13.93 28.47 13.32
CA ASN K 35 -15.30 28.02 13.56
C ASN K 35 -15.64 27.99 15.06
N LEU K 36 -16.16 29.10 15.55
CA LEU K 36 -16.53 29.22 16.95
C LEU K 36 -17.90 29.86 17.08
N SER K 37 -17.92 31.17 17.33
CA SER K 37 -19.19 31.91 17.44
C SER K 37 -18.99 33.39 17.68
N ASP K 38 -19.23 34.22 16.66
CA ASP K 38 -19.04 35.68 16.63
C ASP K 38 -17.83 36.16 17.43
N GLY K 39 -16.67 35.56 17.15
CA GLY K 39 -15.48 35.77 17.94
C GLY K 39 -14.94 37.18 17.79
N TYR K 40 -14.99 37.91 18.90
CA TYR K 40 -14.34 39.20 19.02
C TYR K 40 -12.87 38.97 19.37
N THR K 41 -12.11 40.03 19.60
CA THR K 41 -10.66 39.95 19.73
C THR K 41 -10.19 40.66 21.00
N MET K 42 -9.39 39.99 21.81
CA MET K 42 -8.69 40.61 22.93
C MET K 42 -7.18 40.48 22.70
N LYS K 43 -6.39 41.15 23.52
CA LYS K 43 -4.95 40.94 23.46
C LYS K 43 -4.33 41.19 24.82
N ALA K 44 -3.08 40.73 24.98
CA ALA K 44 -2.39 40.81 26.25
C ALA K 44 -0.90 40.78 26.00
N GLN K 45 -0.15 41.21 27.01
CA GLN K 45 1.29 41.41 26.86
C GLN K 45 2.03 40.66 27.95
N PHE K 46 2.82 39.67 27.56
CA PHE K 46 3.51 38.79 28.47
C PHE K 46 4.99 39.15 28.50
N ASP K 47 5.73 38.48 29.36
CA ASP K 47 7.19 38.63 29.39
C ASP K 47 7.94 37.37 28.98
N ASN K 48 7.25 36.25 28.80
CA ASN K 48 7.86 35.01 28.32
C ASN K 48 6.73 34.15 27.79
N VAL K 49 6.74 33.84 26.51
CA VAL K 49 5.70 33.02 25.91
C VAL K 49 6.29 31.79 25.24
N ASN K 50 7.34 31.24 25.82
CA ASN K 50 8.06 30.14 25.21
C ASN K 50 7.18 28.91 25.13
N GLY K 51 7.07 28.35 23.94
CA GLY K 51 6.27 27.17 23.72
C GLY K 51 4.86 27.45 23.27
N LEU K 52 4.44 28.70 23.31
CA LEU K 52 3.12 29.07 22.83
C LEU K 52 3.16 29.24 21.32
N LYS K 53 2.29 28.54 20.64
CA LYS K 53 2.19 28.60 19.19
C LYS K 53 0.90 29.29 18.81
N PRO K 54 0.79 29.82 17.60
CA PRO K 54 -0.52 30.23 17.10
C PRO K 54 -1.44 29.05 16.92
N ARG K 55 -2.74 29.37 16.90
CA ARG K 55 -3.86 28.44 16.90
C ARG K 55 -3.89 27.55 18.13
N ALA K 56 -3.43 28.07 19.27
CA ALA K 56 -3.46 27.35 20.54
C ALA K 56 -4.80 27.53 21.21
N LYS K 57 -4.90 27.22 22.49
CA LYS K 57 -6.17 27.10 23.17
C LYS K 57 -6.27 28.14 24.27
N VAL K 58 -7.47 28.68 24.50
CA VAL K 58 -7.77 29.55 25.64
C VAL K 58 -8.92 28.93 26.40
N THR K 59 -8.73 28.71 27.70
CA THR K 59 -9.72 28.09 28.56
C THR K 59 -10.01 28.98 29.75
N MET K 60 -11.25 28.91 30.27
CA MET K 60 -11.64 29.69 31.44
C MET K 60 -11.54 28.89 32.73
N SER K 61 -12.31 27.81 32.86
CA SER K 61 -12.15 26.92 34.00
C SER K 61 -11.90 25.51 33.55
N GLY K 62 -11.28 25.36 32.39
CA GLY K 62 -11.02 24.09 31.79
C GLY K 62 -11.80 23.84 30.52
N VAL K 63 -12.78 24.67 30.22
CA VAL K 63 -13.59 24.54 29.02
C VAL K 63 -13.13 25.57 28.01
N THR K 64 -12.92 25.12 26.76
CA THR K 64 -12.24 25.92 25.76
C THR K 64 -13.12 27.06 25.28
N ILE K 65 -12.61 28.29 25.36
CA ILE K 65 -13.38 29.47 25.00
C ILE K 65 -12.75 30.28 23.87
N GLY K 66 -11.68 29.82 23.24
CA GLY K 66 -11.06 30.65 22.22
C GLY K 66 -9.88 29.98 21.56
N ARG K 67 -9.13 30.79 20.81
CA ARG K 67 -7.94 30.37 20.07
C ARG K 67 -6.95 31.52 20.04
N VAL K 68 -5.70 31.21 19.75
CA VAL K 68 -4.65 32.22 19.63
C VAL K 68 -4.46 32.55 18.16
N ASP K 69 -4.17 33.82 17.85
CA ASP K 69 -4.05 34.29 16.47
C ASP K 69 -2.60 34.53 16.05
N SER K 70 -1.82 35.28 16.84
CA SER K 70 -0.48 35.69 16.44
C SER K 70 0.31 36.18 17.65
N ILE K 71 1.64 36.04 17.57
CA ILE K 71 2.57 36.44 18.64
C ILE K 71 3.69 37.26 18.01
N THR K 72 3.84 38.53 18.42
CA THR K 72 4.90 39.41 17.95
C THR K 72 5.64 40.02 19.13
N LEU K 73 6.79 40.65 18.86
CA LEU K 73 7.80 40.92 19.89
C LEU K 73 7.84 42.36 20.39
N ASP K 74 7.75 43.36 19.49
CA ASP K 74 7.80 44.79 19.82
C ASP K 74 9.08 45.19 20.54
N PRO K 75 10.17 45.42 19.80
CA PRO K 75 11.50 45.49 20.42
C PRO K 75 11.76 46.71 21.28
N VAL K 76 10.88 47.72 21.29
CA VAL K 76 11.13 48.90 22.10
C VAL K 76 10.84 48.60 23.58
N THR K 77 9.84 47.75 23.83
CA THR K 77 9.50 47.33 25.17
C THR K 77 9.94 45.90 25.50
N ARG K 78 10.19 45.09 24.46
CA ARG K 78 10.69 43.72 24.54
C ARG K 78 9.73 42.80 25.28
N LEU K 79 8.44 43.10 25.20
CA LEU K 79 7.41 42.21 25.71
C LEU K 79 6.56 41.68 24.56
N ALA K 80 6.32 40.38 24.57
CA ALA K 80 5.53 39.76 23.52
C ALA K 80 4.07 40.14 23.65
N THR K 81 3.36 40.19 22.53
CA THR K 81 1.98 40.65 22.51
C THR K 81 1.12 39.60 21.83
N VAL K 82 0.37 38.83 22.62
CA VAL K 82 -0.41 37.71 22.12
C VAL K 82 -1.80 38.22 21.78
N THR K 83 -2.20 38.06 20.53
CA THR K 83 -3.53 38.40 20.07
C THR K 83 -4.36 37.12 20.01
N PHE K 84 -5.50 37.11 20.69
CA PHE K 84 -6.35 35.94 20.71
C PHE K 84 -7.79 36.34 20.54
N ASP K 85 -8.57 35.52 19.85
CA ASP K 85 -9.97 35.81 19.61
C ASP K 85 -10.84 34.87 20.43
N LEU K 86 -11.82 35.41 21.16
CA LEU K 86 -12.48 34.46 22.04
C LEU K 86 -13.76 33.85 21.50
N ASP K 87 -14.91 34.41 21.87
CA ASP K 87 -16.17 33.70 21.67
C ASP K 87 -17.33 34.55 22.15
N GLY K 88 -18.40 34.64 21.37
CA GLY K 88 -19.53 35.42 21.83
C GLY K 88 -20.55 34.60 22.58
N LYS K 89 -20.69 33.33 22.24
CA LYS K 89 -21.77 32.48 22.72
C LYS K 89 -21.67 32.22 24.21
N LEU K 90 -20.46 32.09 24.74
CA LEU K 90 -20.32 31.57 26.10
C LEU K 90 -19.33 32.34 26.96
N THR K 91 -18.63 33.33 26.41
CA THR K 91 -17.82 34.23 27.22
C THR K 91 -18.52 35.54 27.50
N SER K 92 -19.80 35.63 27.17
CA SER K 92 -20.57 36.82 27.47
C SER K 92 -21.89 36.37 28.04
N PHE K 93 -22.84 37.29 28.16
CA PHE K 93 -24.17 36.95 28.64
C PHE K 93 -25.21 37.80 27.91
N ASN K 94 -26.46 37.42 28.05
CA ASN K 94 -27.55 38.11 27.37
C ASN K 94 -28.46 38.71 28.41
N ALA K 95 -29.51 39.40 27.95
CA ALA K 95 -30.32 40.35 28.71
C ALA K 95 -30.84 39.83 30.04
N GLU K 96 -31.12 38.53 30.12
CA GLU K 96 -31.60 37.94 31.36
C GLU K 96 -30.50 37.92 32.40
N GLN K 97 -29.28 37.57 31.99
CA GLN K 97 -28.13 37.70 32.87
C GLN K 97 -27.58 39.13 32.85
N LEU K 98 -27.77 39.85 31.75
CA LEU K 98 -27.22 41.19 31.63
C LEU K 98 -27.99 42.19 32.50
N LYS K 99 -29.32 42.05 32.55
CA LYS K 99 -30.08 42.82 33.53
C LYS K 99 -29.81 42.33 34.94
N GLU K 100 -29.44 41.05 35.09
CA GLU K 100 -29.10 40.51 36.40
C GLU K 100 -27.83 41.16 36.93
N VAL K 101 -26.92 41.60 36.06
CA VAL K 101 -25.79 42.42 36.51
C VAL K 101 -25.98 43.90 36.22
N GLN K 102 -27.10 44.30 35.59
CA GLN K 102 -27.40 45.72 35.51
C GLN K 102 -27.87 46.25 36.86
N LYS K 103 -28.80 45.53 37.49
CA LYS K 103 -29.27 45.98 38.80
C LYS K 103 -28.27 45.62 39.90
N ASN K 104 -27.34 44.72 39.62
CA ASN K 104 -26.30 44.40 40.59
C ASN K 104 -25.25 45.50 40.65
N ALA K 105 -24.71 45.91 39.50
CA ALA K 105 -23.57 46.82 39.49
C ALA K 105 -23.98 48.25 39.83
N LEU K 106 -25.27 48.56 39.70
CA LEU K 106 -25.75 49.87 40.11
C LEU K 106 -25.77 50.01 41.62
N ASP K 107 -26.18 48.97 42.33
CA ASP K 107 -26.28 49.04 43.79
C ASP K 107 -24.96 48.72 44.47
N GLU K 108 -24.13 47.87 43.86
CA GLU K 108 -22.87 47.46 44.48
C GLU K 108 -21.80 48.54 44.35
N LEU K 109 -21.74 49.23 43.21
CA LEU K 109 -20.78 50.31 43.05
C LEU K 109 -21.24 51.55 43.80
N ARG K 110 -22.53 51.85 43.75
CA ARG K 110 -23.13 52.88 44.59
C ARG K 110 -23.68 52.28 45.87
N TYR K 111 -22.79 51.75 46.70
CA TYR K 111 -23.16 51.05 47.93
C TYR K 111 -23.36 52.06 49.07
N SER K 112 -23.41 51.55 50.30
CA SER K 112 -23.58 52.42 51.46
C SER K 112 -22.34 53.29 51.71
N SER K 113 -21.18 52.85 51.22
CA SER K 113 -19.98 53.68 51.31
C SER K 113 -20.00 54.79 50.26
N ASP K 114 -20.26 54.43 49.00
CA ASP K 114 -20.20 55.40 47.90
C ASP K 114 -21.44 56.28 47.81
N TYR K 115 -22.42 56.09 48.69
CA TYR K 115 -23.53 57.04 48.77
C TYR K 115 -23.06 58.38 49.29
N THR K 116 -22.36 58.39 50.42
CA THR K 116 -21.77 59.59 50.99
C THR K 116 -20.33 59.77 50.54
N GLN K 117 -20.11 59.75 49.22
CA GLN K 117 -18.79 59.98 48.65
C GLN K 117 -18.83 60.90 47.44
N ALA K 118 -20.01 61.22 46.92
CA ALA K 118 -20.15 62.08 45.76
C ALA K 118 -21.29 63.06 46.01
N THR K 119 -21.65 63.82 44.98
CA THR K 119 -22.72 64.80 45.06
C THR K 119 -24.09 64.10 45.05
N PRO K 120 -25.15 64.81 45.45
CA PRO K 120 -26.47 64.17 45.50
C PRO K 120 -27.08 63.93 44.13
N ALA K 121 -26.60 62.89 43.44
CA ALA K 121 -27.16 62.51 42.15
C ALA K 121 -28.32 61.56 42.35
N GLN K 122 -28.27 60.76 43.43
CA GLN K 122 -29.22 59.72 43.78
C GLN K 122 -29.39 58.72 42.63
N GLN K 123 -28.30 58.04 42.29
CA GLN K 123 -28.20 57.06 41.20
C GLN K 123 -28.53 57.66 39.84
N LYS K 124 -28.29 58.95 39.65
CA LYS K 124 -28.35 59.53 38.31
C LYS K 124 -27.16 59.07 37.48
N THR K 125 -25.99 58.99 38.12
CA THR K 125 -24.80 58.47 37.44
C THR K 125 -24.87 56.96 37.28
N MET K 126 -25.74 56.30 38.05
CA MET K 126 -25.98 54.87 37.84
C MET K 126 -26.81 54.63 36.57
N GLU K 127 -27.50 55.66 36.08
CA GLU K 127 -28.20 55.52 34.81
C GLU K 127 -27.25 55.66 33.63
N GLN K 128 -26.18 56.45 33.79
CA GLN K 128 -25.23 56.66 32.70
C GLN K 128 -24.36 55.44 32.48
N GLN K 129 -24.02 54.74 33.56
CA GLN K 129 -23.10 53.61 33.49
C GLN K 129 -23.72 52.37 32.87
N LEU K 130 -25.06 52.25 32.88
CA LEU K 130 -25.67 51.00 32.46
C LEU K 130 -25.93 50.98 30.95
N ILE K 131 -26.00 52.15 30.32
CA ILE K 131 -26.12 52.18 28.87
C ILE K 131 -24.75 52.02 28.21
N SER K 132 -23.67 52.22 28.97
CA SER K 132 -22.35 51.84 28.47
C SER K 132 -22.07 50.37 28.75
N ASN K 133 -22.88 49.74 29.59
CA ASN K 133 -22.65 48.35 29.96
C ASN K 133 -23.07 47.40 28.84
N MET K 134 -24.30 47.56 28.33
CA MET K 134 -24.92 46.53 27.50
C MET K 134 -24.21 46.32 26.18
N ASN K 135 -23.71 47.38 25.56
CA ASN K 135 -23.02 47.25 24.28
C ASN K 135 -21.63 46.72 24.55
N SER K 136 -21.37 45.51 24.06
CA SER K 136 -20.03 44.92 23.97
C SER K 136 -19.37 44.75 25.34
N ILE K 137 -19.91 43.85 26.14
CA ILE K 137 -19.31 43.51 27.43
C ILE K 137 -19.05 42.00 27.46
N THR K 138 -18.00 41.62 28.18
CA THR K 138 -17.58 40.25 28.35
C THR K 138 -17.88 39.80 29.78
N SER K 139 -17.68 38.51 30.04
CA SER K 139 -17.83 37.96 31.39
C SER K 139 -16.53 38.04 32.18
N ILE K 140 -15.47 38.57 31.58
CA ILE K 140 -14.18 38.69 32.22
C ILE K 140 -14.18 39.94 33.08
N ASP K 141 -14.02 39.76 34.38
CA ASP K 141 -13.98 40.90 35.29
C ASP K 141 -12.69 41.68 35.16
N GLU K 142 -12.63 42.83 35.83
CA GLU K 142 -11.54 43.78 35.65
C GLU K 142 -10.21 43.34 36.22
N ASP K 143 -10.18 42.34 37.09
CA ASP K 143 -8.94 41.93 37.73
C ASP K 143 -8.75 40.42 37.69
N ALA K 144 -9.26 39.79 36.65
CA ALA K 144 -8.85 38.43 36.31
C ALA K 144 -7.49 38.49 35.65
N TYR K 145 -6.72 37.43 35.81
CA TYR K 145 -5.39 37.38 35.24
C TYR K 145 -5.25 36.17 34.35
N ILE K 146 -4.57 36.36 33.24
CA ILE K 146 -4.34 35.32 32.25
C ILE K 146 -2.93 34.76 32.46
N MET K 147 -2.75 33.47 32.22
CA MET K 147 -1.45 32.87 32.44
C MET K 147 -1.21 31.78 31.42
N VAL K 148 0.05 31.37 31.27
CA VAL K 148 0.45 30.34 30.33
C VAL K 148 0.60 29.04 31.09
N ALA K 149 -0.30 28.10 30.86
CA ALA K 149 -0.33 26.81 31.52
C ALA K 149 0.15 25.75 30.55
N THR K 150 0.24 24.51 31.02
CA THR K 150 1.04 23.51 30.31
C THR K 150 0.37 22.16 30.11
N ASN K 151 -0.95 22.05 30.26
CA ASN K 151 -1.76 20.91 29.80
C ASN K 151 -1.29 19.52 30.24
N GLY K 152 -1.25 19.26 31.53
CA GLY K 152 -0.82 17.97 32.01
C GLY K 152 0.54 18.08 32.64
N LEU K 153 1.43 17.17 32.32
CA LEU K 153 2.81 17.29 32.72
C LEU K 153 3.76 17.51 31.56
N LEU K 154 3.40 17.07 30.37
CA LEU K 154 4.27 17.16 29.22
C LEU K 154 3.59 17.67 27.96
N GLY K 155 2.31 17.99 28.00
CA GLY K 155 1.61 18.40 26.80
C GLY K 155 1.95 19.79 26.34
N GLU K 156 1.15 20.33 25.42
CA GLU K 156 1.46 21.62 24.84
C GLU K 156 1.02 22.75 25.75
N LYS K 157 1.14 23.99 25.32
CA LYS K 157 0.82 25.11 26.18
C LYS K 157 -0.40 25.85 25.66
N TYR K 158 -1.17 26.37 26.61
CA TYR K 158 -2.40 27.08 26.32
C TYR K 158 -2.44 28.29 27.24
N LEU K 159 -3.46 29.12 27.08
CA LEU K 159 -3.64 30.29 27.91
C LEU K 159 -4.85 30.11 28.80
N LYS K 160 -4.67 30.28 30.11
CA LYS K 160 -5.74 30.05 31.07
C LYS K 160 -6.15 31.38 31.67
N ILE K 161 -7.44 31.68 31.65
CA ILE K 161 -7.97 32.90 32.27
C ILE K 161 -8.52 32.53 33.64
N VAL K 162 -7.94 33.06 34.70
CA VAL K 162 -8.34 32.72 36.07
C VAL K 162 -9.20 33.86 36.59
N PRO K 163 -10.52 33.70 36.69
CA PRO K 163 -11.37 34.80 37.13
C PRO K 163 -11.39 34.91 38.65
N GLY K 164 -11.58 36.14 39.12
CA GLY K 164 -11.67 36.36 40.54
C GLY K 164 -12.02 37.78 40.92
N GLY K 165 -12.99 37.94 41.82
CA GLY K 165 -13.38 39.24 42.34
C GLY K 165 -14.08 40.10 41.30
N GLY K 166 -13.78 41.39 41.36
CA GLY K 166 -14.12 42.28 40.27
C GLY K 166 -15.54 42.80 40.28
N LEU K 167 -15.68 44.12 40.15
CA LEU K 167 -16.98 44.76 40.03
C LEU K 167 -17.19 45.30 38.62
N ASN K 168 -16.20 45.97 38.07
CA ASN K 168 -16.26 46.36 36.67
C ASN K 168 -16.01 45.15 35.78
N TYR K 169 -16.27 45.32 34.50
CA TYR K 169 -16.05 44.26 33.53
C TYR K 169 -15.39 44.85 32.28
N LEU K 170 -14.87 43.97 31.43
CA LEU K 170 -14.05 44.39 30.31
C LEU K 170 -14.88 44.45 29.03
N LYS K 171 -14.72 45.52 28.29
CA LYS K 171 -15.42 45.65 27.03
C LYS K 171 -14.78 44.77 25.97
N ARG K 172 -15.47 44.60 24.86
CA ARG K 172 -14.99 43.78 23.76
C ARG K 172 -13.87 44.49 23.03
N GLY K 173 -12.63 44.08 23.25
CA GLY K 173 -11.50 44.63 22.54
C GLY K 173 -10.39 45.16 23.40
N ASP K 174 -10.52 45.11 24.71
CA ASP K 174 -9.56 45.72 25.61
C ASP K 174 -8.36 44.80 25.80
N THR K 175 -7.45 45.22 26.68
CA THR K 175 -6.23 44.49 26.97
C THR K 175 -6.27 44.03 28.42
N ILE K 176 -6.15 42.73 28.62
CA ILE K 176 -6.08 42.17 29.96
C ILE K 176 -4.76 42.61 30.59
N SER K 177 -4.84 43.18 31.79
CA SER K 177 -3.74 43.98 32.33
C SER K 177 -2.97 43.26 33.42
N ASN K 178 -3.26 41.98 33.67
CA ASN K 178 -2.53 41.18 34.65
C ASN K 178 -2.21 39.87 33.97
N THR K 179 -0.95 39.66 33.64
CA THR K 179 -0.52 38.42 33.02
C THR K 179 0.59 37.82 33.85
N GLN K 180 0.91 36.56 33.56
CA GLN K 180 2.21 36.00 33.91
C GLN K 180 2.58 34.98 32.86
N GLY K 181 3.86 34.94 32.51
CA GLY K 181 4.32 34.15 31.40
C GLY K 181 4.54 32.70 31.78
N THR K 182 5.24 32.00 30.91
CA THR K 182 5.51 30.59 31.16
C THR K 182 6.55 30.43 32.25
N MET K 183 6.45 29.34 32.98
CA MET K 183 7.33 29.10 34.12
C MET K 183 8.58 28.41 33.60
N ASP K 184 9.70 29.11 33.69
CA ASP K 184 10.99 28.60 33.22
C ASP K 184 11.47 27.53 34.18
N LEU K 185 11.36 26.27 33.75
CA LEU K 185 11.66 25.16 34.66
C LEU K 185 13.17 24.90 34.72
N GLU K 186 13.93 25.56 33.86
CA GLU K 186 15.38 25.65 34.03
C GLU K 186 15.72 26.41 35.31
N ASP K 187 15.25 27.65 35.41
CA ASP K 187 15.74 28.55 36.46
C ASP K 187 15.07 28.24 37.81
N LEU K 188 14.05 27.38 37.81
CA LEU K 188 13.53 26.86 39.06
C LEU K 188 14.55 25.93 39.72
N ILE K 189 15.15 25.05 38.92
CA ILE K 189 16.12 24.08 39.44
C ILE K 189 17.46 24.77 39.70
N SER K 190 17.74 25.86 38.98
CA SER K 190 18.99 26.59 39.16
C SER K 190 19.07 27.24 40.54
N LYS K 191 17.91 27.55 41.12
CA LYS K 191 17.89 28.13 42.45
C LYS K 191 17.92 27.05 43.52
N PHE K 192 17.35 25.89 43.22
CA PHE K 192 17.09 24.85 44.20
C PHE K 192 18.31 24.04 44.60
N ILE K 193 19.45 24.25 43.96
CA ILE K 193 20.65 23.46 44.27
C ILE K 193 21.31 23.88 45.58
N SER L 3 -10.28 25.47 -32.63
CA SER L 3 -10.05 25.56 -31.20
C SER L 3 -8.68 25.00 -30.82
N ARG L 4 -7.67 25.33 -31.63
CA ARG L 4 -6.30 25.00 -31.28
C ARG L 4 -5.80 25.92 -30.17
N THR L 5 -6.37 27.12 -30.09
CA THR L 5 -5.93 28.09 -29.09
C THR L 5 -6.36 27.69 -27.68
N SER L 6 -7.41 26.87 -27.57
CA SER L 6 -7.78 26.35 -26.25
C SER L 6 -6.86 25.20 -25.85
N GLU L 7 -6.47 24.38 -26.83
CA GLU L 7 -5.50 23.33 -26.55
C GLU L 7 -4.12 23.90 -26.31
N LEU L 8 -3.84 25.07 -26.85
CA LEU L 8 -2.53 25.69 -26.66
C LEU L 8 -2.45 26.35 -25.28
N ALA L 9 -3.59 26.73 -24.73
CA ALA L 9 -3.59 27.45 -23.45
C ALA L 9 -3.52 26.49 -22.26
N VAL L 10 -4.29 25.40 -22.31
CA VAL L 10 -4.33 24.44 -21.21
C VAL L 10 -3.00 23.66 -21.15
N GLY L 11 -2.33 23.55 -22.29
CA GLY L 11 -1.00 22.97 -22.29
C GLY L 11 0.04 23.87 -21.65
N ILE L 12 -0.20 25.18 -21.69
CA ILE L 12 0.73 26.13 -21.08
C ILE L 12 0.55 26.16 -19.57
N PHE L 13 -0.71 26.12 -19.11
CA PHE L 13 -0.98 26.16 -17.67
C PHE L 13 -0.49 24.91 -16.96
N VAL L 14 -0.43 23.79 -17.67
CA VAL L 14 0.05 22.54 -17.05
C VAL L 14 1.57 22.60 -16.87
N ILE L 15 2.28 23.20 -17.83
CA ILE L 15 3.72 23.34 -17.72
C ILE L 15 4.08 24.45 -16.74
N ILE L 16 3.25 25.50 -16.67
CA ILE L 16 3.49 26.58 -15.72
C ILE L 16 3.30 26.09 -14.28
N PHE L 17 2.21 25.35 -14.05
CA PHE L 17 1.95 24.80 -12.72
C PHE L 17 2.93 23.68 -12.39
N GLY L 18 3.45 23.00 -13.41
CA GLY L 18 4.38 21.92 -13.15
C GLY L 18 5.75 22.40 -12.73
N ILE L 19 6.16 23.56 -13.25
CA ILE L 19 7.47 24.12 -12.90
C ILE L 19 7.37 24.86 -11.57
N ALA L 20 6.24 25.53 -11.33
CA ALA L 20 6.05 26.28 -10.09
C ALA L 20 5.93 25.37 -8.89
N LEU L 21 5.54 24.11 -9.11
CA LEU L 21 5.60 23.12 -8.05
C LEU L 21 7.04 22.73 -7.75
N PHE L 22 7.89 22.72 -8.78
CA PHE L 22 9.28 22.33 -8.60
C PHE L 22 10.08 23.41 -7.89
N PHE L 23 9.79 24.68 -8.18
CA PHE L 23 10.49 25.76 -7.50
C PHE L 23 10.04 25.87 -6.05
N LEU L 24 8.80 25.46 -5.78
CA LEU L 24 8.27 25.49 -4.41
C LEU L 24 8.77 24.29 -3.62
N ALA L 25 9.18 23.24 -4.31
CA ALA L 25 9.68 22.05 -3.62
C ALA L 25 11.11 22.27 -3.12
N MET L 26 11.95 22.89 -3.94
CA MET L 26 13.32 23.16 -3.52
C MET L 26 13.40 24.30 -2.50
N LYS L 27 12.36 25.11 -2.40
CA LYS L 27 12.31 26.15 -1.37
C LYS L 27 12.04 25.58 0.01
N VAL L 28 11.14 24.61 0.09
CA VAL L 28 10.80 24.00 1.37
C VAL L 28 11.80 22.91 1.70
N SER L 29 13.07 23.32 1.82
CA SER L 29 14.16 22.41 2.13
C SER L 29 15.47 23.16 1.98
N GLY L 30 16.44 22.84 2.83
CA GLY L 30 17.73 23.49 2.79
C GLY L 30 18.26 23.72 1.39
N LEU L 31 17.82 22.90 0.45
CA LEU L 31 18.25 23.03 -0.93
C LEU L 31 17.95 24.42 -1.46
N VAL L 32 18.99 25.24 -1.58
CA VAL L 32 18.86 26.61 -2.08
C VAL L 32 17.96 27.52 -1.26
N GLY L 33 18.43 28.74 -1.00
CA GLY L 33 17.70 29.74 -0.26
C GLY L 33 18.10 29.73 1.21
N THR L 34 17.11 29.46 2.08
CA THR L 34 17.22 29.41 3.53
C THR L 34 17.77 30.74 4.02
N ASN L 35 16.97 31.80 3.87
CA ASN L 35 17.46 33.14 4.14
C ASN L 35 16.86 33.73 5.41
N LEU L 36 17.23 34.96 5.72
CA LEU L 36 16.82 35.63 6.94
C LEU L 36 16.82 37.14 6.68
N SER L 37 15.93 37.87 7.33
CA SER L 37 15.69 39.26 6.94
C SER L 37 16.80 40.20 7.38
N ASP L 38 17.77 40.42 6.49
CA ASP L 38 19.01 41.20 6.68
C ASP L 38 19.65 40.98 8.06
N GLY L 39 20.04 39.74 8.31
CA GLY L 39 20.62 39.39 9.58
C GLY L 39 22.08 39.75 9.74
N TYR L 40 22.39 40.52 10.76
CA TYR L 40 23.77 40.75 11.19
C TYR L 40 24.21 39.57 12.05
N THR L 41 25.41 39.64 12.64
CA THR L 41 26.01 38.48 13.29
C THR L 41 26.69 38.89 14.58
N MET L 42 26.42 38.17 15.67
CA MET L 42 27.07 38.39 16.95
C MET L 42 27.87 37.15 17.33
N LYS L 43 28.48 37.17 18.51
CA LYS L 43 29.22 36.02 19.01
C LYS L 43 29.28 36.07 20.54
N ALA L 44 29.55 34.92 21.15
CA ALA L 44 29.59 34.81 22.59
C ALA L 44 30.53 33.68 23.01
N GLN L 45 30.92 33.69 24.28
CA GLN L 45 31.91 32.76 24.82
C GLN L 45 31.28 31.99 25.98
N PHE L 46 31.22 30.68 25.87
CA PHE L 46 30.69 29.83 26.93
C PHE L 46 31.78 28.91 27.46
N ASP L 47 31.42 28.16 28.50
CA ASP L 47 32.29 27.12 29.04
C ASP L 47 31.71 25.72 28.89
N ASN L 48 30.42 25.59 28.57
CA ASN L 48 29.80 24.30 28.32
C ASN L 48 28.60 24.54 27.43
N VAL L 49 28.63 23.96 26.22
CA VAL L 49 27.54 24.10 25.26
C VAL L 49 26.99 22.73 24.92
N ASN L 50 26.97 21.82 25.90
CA ASN L 50 26.73 20.41 25.64
C ASN L 50 25.32 20.16 25.17
N GLY L 51 25.17 19.84 23.88
CA GLY L 51 23.89 19.61 23.28
C GLY L 51 23.48 20.63 22.26
N LEU L 52 24.22 21.72 22.14
CA LEU L 52 23.89 22.76 21.18
C LEU L 52 24.40 22.37 19.81
N LYS L 53 23.59 22.56 18.78
CA LYS L 53 23.98 22.19 17.43
C LYS L 53 23.71 23.32 16.47
N PRO L 54 24.52 23.44 15.43
CA PRO L 54 24.26 24.52 14.46
C PRO L 54 22.84 24.46 13.95
N ARG L 55 22.36 25.63 13.49
CA ARG L 55 20.97 25.86 13.09
C ARG L 55 20.00 25.58 14.23
N ALA L 56 20.38 25.95 15.44
CA ALA L 56 19.47 26.01 16.59
C ALA L 56 18.70 27.32 16.51
N LYS L 57 18.01 27.71 17.58
CA LYS L 57 17.28 28.97 17.56
C LYS L 57 17.74 29.86 18.70
N VAL L 58 17.61 31.16 18.51
CA VAL L 58 17.89 32.16 19.53
C VAL L 58 16.59 32.89 19.81
N THR L 59 16.15 32.85 21.06
CA THR L 59 14.88 33.44 21.45
C THR L 59 15.12 34.60 22.39
N MET L 60 14.26 35.63 22.29
CA MET L 60 14.38 36.79 23.15
C MET L 60 13.42 36.73 24.32
N SER L 61 12.13 36.61 24.04
CA SER L 61 11.12 36.41 25.09
C SER L 61 10.18 35.28 24.71
N GLY L 62 10.72 34.15 24.29
CA GLY L 62 9.93 33.06 23.76
C GLY L 62 9.77 33.10 22.26
N VAL L 63 10.05 34.24 21.63
CA VAL L 63 9.89 34.41 20.19
C VAL L 63 11.27 34.35 19.53
N THR L 64 11.35 33.57 18.45
CA THR L 64 12.62 33.31 17.77
C THR L 64 13.09 34.56 17.05
N ILE L 65 14.35 34.95 17.28
CA ILE L 65 14.94 36.10 16.61
C ILE L 65 16.13 35.74 15.74
N GLY L 66 16.59 34.49 15.75
CA GLY L 66 17.76 34.16 14.96
C GLY L 66 18.00 32.67 14.92
N ARG L 67 19.20 32.31 14.45
CA ARG L 67 19.65 30.93 14.34
C ARG L 67 21.12 30.87 14.71
N VAL L 68 21.59 29.69 15.08
CA VAL L 68 22.98 29.49 15.48
C VAL L 68 23.79 29.08 14.25
N ASP L 69 24.98 29.68 14.09
CA ASP L 69 25.79 29.49 12.89
C ASP L 69 26.90 28.45 13.07
N SER L 70 27.79 28.64 14.04
CA SER L 70 28.96 27.77 14.14
C SER L 70 29.50 27.77 15.56
N ILE L 71 29.99 26.61 15.98
CA ILE L 71 30.56 26.40 17.32
C ILE L 71 31.99 25.91 17.14
N THR L 72 32.96 26.59 17.75
CA THR L 72 34.36 26.18 17.73
C THR L 72 34.88 26.00 19.15
N LEU L 73 35.84 25.10 19.31
CA LEU L 73 36.41 24.84 20.63
C LEU L 73 37.71 25.59 20.90
N ASP L 74 38.64 25.58 19.97
CA ASP L 74 39.90 26.28 20.19
C ASP L 74 40.54 25.84 21.52
N PRO L 75 41.77 25.36 21.46
CA PRO L 75 42.48 24.94 22.67
C PRO L 75 43.00 26.16 23.42
N VAL L 76 44.03 25.92 24.23
CA VAL L 76 44.67 26.97 25.04
C VAL L 76 43.83 27.49 26.21
N THR L 77 42.66 28.02 25.93
CA THR L 77 41.79 28.56 26.98
C THR L 77 40.66 27.59 27.29
N ARG L 78 40.23 26.88 26.26
CA ARG L 78 39.14 25.89 26.35
C ARG L 78 37.76 26.49 26.64
N LEU L 79 37.49 27.70 26.16
CA LEU L 79 36.14 28.26 26.16
C LEU L 79 35.56 28.05 24.77
N ALA L 80 34.30 27.61 24.71
CA ALA L 80 33.63 27.44 23.43
C ALA L 80 33.12 28.80 22.94
N THR L 81 33.13 28.97 21.62
CA THR L 81 32.77 30.24 21.02
C THR L 81 31.68 30.00 19.99
N VAL L 82 30.49 30.53 20.25
CA VAL L 82 29.33 30.36 19.38
C VAL L 82 29.10 31.66 18.63
N THR L 83 28.98 31.57 17.32
CA THR L 83 28.56 32.69 16.49
C THR L 83 27.14 32.42 16.00
N PHE L 84 26.32 33.46 15.99
CA PHE L 84 24.94 33.33 15.57
C PHE L 84 24.54 34.58 14.83
N ASP L 85 23.58 34.46 13.92
CA ASP L 85 23.14 35.57 13.09
C ASP L 85 21.68 35.87 13.37
N LEU L 86 21.38 37.12 13.73
CA LEU L 86 20.06 37.31 14.32
C LEU L 86 18.97 37.70 13.32
N ASP L 87 18.81 38.99 13.02
CA ASP L 87 17.65 39.49 12.29
C ASP L 87 17.73 41.01 12.22
N GLY L 88 16.98 41.59 11.30
CA GLY L 88 16.91 43.03 11.22
C GLY L 88 15.64 43.63 11.77
N LYS L 89 14.50 43.01 11.44
CA LYS L 89 13.20 43.59 11.78
C LYS L 89 12.87 43.43 13.25
N LEU L 90 13.02 42.20 13.77
CA LEU L 90 12.62 41.91 15.14
C LEU L 90 13.57 42.55 16.15
N THR L 91 14.85 42.60 15.84
CA THR L 91 15.81 43.02 16.84
C THR L 91 16.08 44.52 16.80
N SER L 92 16.63 45.00 15.69
CA SER L 92 16.99 46.42 15.61
C SER L 92 15.76 47.25 15.29
N PHE L 93 15.62 48.36 16.00
CA PHE L 93 14.55 49.31 15.75
C PHE L 93 14.97 50.34 14.70
N ASN L 94 13.98 50.88 14.01
CA ASN L 94 14.21 51.84 12.93
C ASN L 94 14.26 53.26 13.48
N ALA L 95 14.22 54.22 12.55
CA ALA L 95 14.48 55.62 12.86
C ALA L 95 13.36 56.25 13.69
N GLU L 96 12.13 55.76 13.52
CA GLU L 96 11.01 56.31 14.28
C GLU L 96 11.11 55.92 15.76
N GLN L 97 11.45 54.65 16.03
CA GLN L 97 11.69 54.24 17.41
C GLN L 97 13.03 54.74 17.93
N LEU L 98 13.94 55.12 17.04
CA LEU L 98 15.18 55.77 17.48
C LEU L 98 14.88 57.13 18.11
N LYS L 99 13.87 57.82 17.60
CA LYS L 99 13.44 59.08 18.22
C LYS L 99 12.79 58.84 19.57
N GLU L 100 12.34 57.61 19.84
CA GLU L 100 11.84 57.28 21.16
C GLU L 100 12.99 56.99 22.13
N VAL L 101 13.96 56.18 21.70
CA VAL L 101 15.04 55.73 22.57
C VAL L 101 16.03 56.85 22.87
N GLN L 102 16.30 57.74 21.91
CA GLN L 102 17.33 58.76 22.08
C GLN L 102 16.92 59.79 23.12
N LYS L 103 15.70 60.32 23.03
CA LYS L 103 15.25 61.27 24.04
C LYS L 103 14.97 60.60 25.37
N ASN L 104 14.71 59.29 25.36
CA ASN L 104 14.68 58.54 26.60
C ASN L 104 16.07 58.41 27.19
N ALA L 105 17.08 58.23 26.34
CA ALA L 105 18.45 58.07 26.82
C ALA L 105 19.09 59.40 27.15
N LEU L 106 18.86 60.42 26.32
CA LEU L 106 19.53 61.71 26.52
C LEU L 106 18.95 62.47 27.71
N ASP L 107 17.74 62.10 28.15
CA ASP L 107 17.20 62.67 29.37
C ASP L 107 17.64 61.89 30.60
N GLU L 108 17.58 60.56 30.53
CA GLU L 108 17.87 59.75 31.71
C GLU L 108 19.36 59.67 32.02
N LEU L 109 20.22 59.59 31.00
CA LEU L 109 21.65 59.49 31.26
C LEU L 109 22.22 60.84 31.70
N ARG L 110 21.88 61.91 30.98
CA ARG L 110 22.29 63.25 31.36
C ARG L 110 21.23 63.94 32.23
N TYR L 111 20.84 63.28 33.31
CA TYR L 111 19.82 63.75 34.22
C TYR L 111 20.43 64.65 35.28
N SER L 112 19.70 64.87 36.38
CA SER L 112 20.22 65.66 37.50
C SER L 112 21.40 64.98 38.18
N SER L 113 21.49 63.65 38.08
CA SER L 113 22.67 62.92 38.54
C SER L 113 23.89 63.26 37.70
N ASP L 114 23.69 63.50 36.40
CA ASP L 114 24.78 63.93 35.54
C ASP L 114 24.71 65.41 35.18
N TYR L 115 23.89 66.19 35.87
CA TYR L 115 23.88 67.63 35.64
C TYR L 115 25.09 68.28 36.30
N THR L 116 25.36 67.92 37.56
CA THR L 116 26.60 68.30 38.23
C THR L 116 27.66 67.22 38.10
N GLN L 117 27.90 66.77 36.87
CA GLN L 117 28.89 65.75 36.58
C GLN L 117 30.24 66.34 36.20
N ALA L 118 30.26 67.50 35.55
CA ALA L 118 31.48 68.24 35.29
C ALA L 118 31.15 69.72 35.40
N THR L 119 32.14 70.58 35.13
CA THR L 119 31.89 72.00 35.04
C THR L 119 31.03 72.27 33.81
N PRO L 120 31.56 72.03 32.61
CA PRO L 120 30.69 71.99 31.43
C PRO L 120 30.19 70.58 31.16
N ALA L 121 28.87 70.43 31.02
CA ALA L 121 28.26 69.12 30.79
C ALA L 121 26.91 69.26 30.10
N GLN L 122 26.39 68.14 29.59
CA GLN L 122 25.03 67.98 29.05
C GLN L 122 24.74 68.83 27.81
N GLN L 123 25.75 69.47 27.24
CA GLN L 123 25.56 70.18 25.99
C GLN L 123 26.30 69.50 24.84
N LYS L 124 27.61 69.29 25.01
CA LYS L 124 28.38 68.52 24.02
C LYS L 124 28.47 67.05 24.40
N THR L 125 28.50 66.72 25.69
CA THR L 125 28.47 65.33 26.13
C THR L 125 27.13 64.66 25.88
N MET L 126 26.06 65.44 25.76
CA MET L 126 24.80 64.91 25.25
C MET L 126 24.86 64.77 23.73
N GLU L 127 25.54 65.71 23.06
CA GLU L 127 25.66 65.64 21.61
C GLU L 127 26.68 64.60 21.15
N GLN L 128 27.50 64.10 22.08
CA GLN L 128 28.54 63.14 21.72
C GLN L 128 27.96 61.75 21.50
N GLN L 129 26.97 61.37 22.31
CA GLN L 129 26.49 59.99 22.28
C GLN L 129 25.51 59.72 21.14
N LEU L 130 24.75 60.73 20.69
CA LEU L 130 23.71 60.46 19.69
C LEU L 130 24.29 60.25 18.30
N ILE L 131 25.45 60.84 18.01
CA ILE L 131 26.07 60.55 16.72
C ILE L 131 26.77 59.20 16.76
N SER L 132 27.14 58.72 17.95
CA SER L 132 27.81 57.44 18.05
C SER L 132 26.83 56.31 18.35
N ASN L 133 25.56 56.64 18.62
CA ASN L 133 24.57 55.60 18.86
C ASN L 133 24.01 55.06 17.56
N MET L 134 23.62 55.95 16.64
CA MET L 134 22.74 55.63 15.51
C MET L 134 23.35 54.63 14.52
N ASN L 135 24.68 54.59 14.40
CA ASN L 135 25.32 53.66 13.48
C ASN L 135 25.24 52.25 14.05
N SER L 136 24.31 51.45 13.53
CA SER L 136 24.16 50.02 13.77
C SER L 136 23.96 49.68 15.25
N ILE L 137 22.84 50.12 15.83
CA ILE L 137 22.55 49.84 17.22
C ILE L 137 21.44 48.80 17.31
N THR L 138 21.63 47.78 18.15
CA THR L 138 20.65 46.72 18.33
C THR L 138 19.87 46.95 19.61
N SER L 139 18.75 46.27 19.78
CA SER L 139 17.96 46.37 21.02
C SER L 139 18.37 45.30 22.02
N ILE L 140 19.66 45.18 22.28
CA ILE L 140 20.18 44.31 23.32
C ILE L 140 21.05 45.18 24.23
N ASP L 141 20.61 45.34 25.47
CA ASP L 141 21.28 46.28 26.36
C ASP L 141 22.61 45.74 26.86
N GLU L 142 23.35 46.55 27.60
CA GLU L 142 24.70 46.23 28.02
C GLU L 142 24.75 45.14 29.07
N ASP L 143 23.70 44.94 29.86
CA ASP L 143 23.71 44.00 30.96
C ASP L 143 22.92 42.73 30.66
N ALA L 144 22.43 42.59 29.42
CA ALA L 144 21.70 41.40 29.03
C ALA L 144 22.65 40.23 28.89
N TYR L 145 22.22 39.07 29.39
CA TYR L 145 23.05 37.87 29.38
C TYR L 145 22.38 36.79 28.57
N ILE L 146 23.18 35.93 27.97
CA ILE L 146 22.72 34.83 27.13
C ILE L 146 23.04 33.53 27.86
N MET L 147 22.29 32.48 27.56
CA MET L 147 22.43 31.22 28.27
C MET L 147 21.93 30.09 27.38
N VAL L 148 22.34 28.87 27.71
CA VAL L 148 21.93 27.66 26.99
C VAL L 148 20.75 27.05 27.73
N ALA L 149 19.60 27.00 27.05
CA ALA L 149 18.36 26.51 27.64
C ALA L 149 17.97 25.21 26.95
N THR L 150 16.99 24.50 27.54
CA THR L 150 16.74 23.12 27.14
C THR L 150 15.29 22.83 26.78
N ASN L 151 14.46 23.87 26.62
CA ASN L 151 13.13 23.79 26.00
C ASN L 151 12.15 22.84 26.69
N GLY L 152 11.75 23.14 27.92
CA GLY L 152 10.85 22.27 28.63
C GLY L 152 11.57 21.22 29.43
N LEU L 153 11.27 19.94 29.18
CA LEU L 153 11.93 18.86 29.87
C LEU L 153 12.65 18.02 28.83
N LEU L 154 12.08 17.78 27.66
CA LEU L 154 12.70 16.90 26.69
C LEU L 154 13.01 17.63 25.38
N GLY L 155 13.21 18.94 25.44
CA GLY L 155 13.61 19.71 24.27
C GLY L 155 15.06 19.46 23.90
N GLU L 156 15.55 20.07 22.83
CA GLU L 156 16.83 19.65 22.25
C GLU L 156 18.01 20.43 22.83
N LYS L 157 18.17 21.72 22.50
CA LYS L 157 18.76 22.84 23.24
C LYS L 157 18.73 24.07 22.33
N TYR L 158 18.82 25.27 22.92
CA TYR L 158 18.74 26.51 22.16
C TYR L 158 19.35 27.62 23.00
N LEU L 159 19.53 28.78 22.38
CA LEU L 159 20.12 29.94 23.03
C LEU L 159 19.01 30.90 23.45
N LYS L 160 19.20 31.55 24.59
CA LYS L 160 18.15 32.37 25.17
C LYS L 160 18.76 33.65 25.74
N ILE L 161 18.34 34.79 25.21
CA ILE L 161 18.82 36.09 25.65
C ILE L 161 17.84 36.64 26.67
N VAL L 162 18.34 37.08 27.82
CA VAL L 162 17.52 37.63 28.88
C VAL L 162 17.79 39.14 28.95
N PRO L 163 16.83 39.99 28.62
CA PRO L 163 17.09 41.43 28.61
C PRO L 163 16.95 42.07 29.98
N GLY L 164 17.99 42.00 30.79
CA GLY L 164 17.92 42.55 32.14
C GLY L 164 18.61 43.88 32.32
N GLY L 165 17.85 44.90 32.68
CA GLY L 165 18.39 46.21 33.01
C GLY L 165 19.00 46.94 31.84
N GLY L 166 20.20 47.49 32.03
CA GLY L 166 20.95 48.07 30.94
C GLY L 166 20.70 49.54 30.70
N LEU L 167 21.73 50.26 30.29
CA LEU L 167 21.62 51.66 29.90
C LEU L 167 22.07 51.92 28.47
N ASN L 168 23.14 51.28 28.03
CA ASN L 168 23.64 51.41 26.68
C ASN L 168 23.03 50.30 25.82
N TYR L 169 23.57 50.12 24.62
CA TYR L 169 23.10 49.04 23.74
C TYR L 169 24.28 48.51 22.96
N LEU L 170 24.30 47.21 22.72
CA LEU L 170 25.36 46.62 21.91
C LEU L 170 25.17 47.00 20.45
N LYS L 171 26.28 47.04 19.71
CA LYS L 171 26.25 47.34 18.30
C LYS L 171 26.39 46.04 17.50
N ARG L 172 26.06 46.12 16.21
CA ARG L 172 26.08 44.94 15.34
C ARG L 172 27.49 44.41 15.17
N GLY L 173 27.73 43.18 15.59
CA GLY L 173 29.02 42.56 15.47
C GLY L 173 29.78 42.37 16.76
N ASP L 174 29.24 42.84 17.89
CA ASP L 174 29.93 42.80 19.16
C ASP L 174 29.90 41.41 19.78
N THR L 175 30.27 41.36 21.06
CA THR L 175 30.31 40.12 21.82
C THR L 175 29.56 40.33 23.11
N ILE L 176 28.58 39.46 23.38
CA ILE L 176 27.87 39.50 24.65
C ILE L 176 28.80 38.94 25.72
N SER L 177 29.18 39.79 26.68
CA SER L 177 30.20 39.45 27.66
C SER L 177 29.61 39.02 28.99
N ASN L 178 28.36 38.58 29.01
CA ASN L 178 27.72 38.00 30.19
C ASN L 178 27.05 36.72 29.71
N THR L 179 27.60 35.59 30.09
CA THR L 179 27.05 34.30 29.70
C THR L 179 26.88 33.42 30.92
N GLN L 180 26.16 32.32 30.73
CA GLN L 180 26.27 31.16 31.61
C GLN L 180 25.99 29.92 30.78
N GLY L 181 26.82 28.89 30.96
CA GLY L 181 26.72 27.73 30.14
C GLY L 181 25.61 26.80 30.60
N THR L 182 25.58 25.62 29.98
CA THR L 182 24.56 24.65 30.31
C THR L 182 24.92 23.90 31.58
N MET L 183 23.98 23.11 32.09
CA MET L 183 24.22 22.33 33.31
C MET L 183 23.70 20.92 33.03
N ASP L 184 24.62 19.97 32.93
CA ASP L 184 24.27 18.59 32.64
C ASP L 184 23.60 17.92 33.83
N LEU L 185 22.87 16.84 33.58
CA LEU L 185 22.13 16.18 34.64
C LEU L 185 23.04 15.34 35.54
N GLU L 186 24.31 15.17 35.16
CA GLU L 186 25.22 14.40 36.00
C GLU L 186 25.58 15.27 37.20
N ASP L 187 25.89 16.53 36.92
CA ASP L 187 26.26 17.47 37.96
C ASP L 187 25.06 17.85 38.81
N LEU L 188 23.86 17.72 38.25
CA LEU L 188 22.67 18.03 39.02
C LEU L 188 22.63 17.05 40.18
N ILE L 189 22.79 15.78 39.85
CA ILE L 189 22.80 14.73 40.86
C ILE L 189 23.99 14.95 41.79
N SER L 190 25.13 15.32 41.20
CA SER L 190 26.31 15.57 42.00
C SER L 190 25.99 16.54 43.14
N LYS L 191 25.29 17.62 42.79
CA LYS L 191 24.90 18.63 43.76
C LYS L 191 23.89 18.07 44.75
N PHE L 192 22.80 17.52 44.23
CA PHE L 192 21.78 16.93 45.09
C PHE L 192 22.32 15.66 45.73
N ILE L 193 23.64 15.56 45.79
CA ILE L 193 24.33 14.40 46.37
C ILE L 193 23.65 13.09 46.01
#